data_9HRZ
# 
_entry.id   9HRZ 
# 
_audit_conform.dict_name       mmcif_pdbx.dic 
_audit_conform.dict_version    5.404 
_audit_conform.dict_location   http://mmcif.pdb.org/dictionaries/ascii/mmcif_pdbx.dic 
# 
loop_
_database_2.database_id 
_database_2.database_code 
_database_2.pdbx_database_accession 
_database_2.pdbx_DOI 
PDB   9HRZ         pdb_00009hrz 10.2210/pdb9hrz/pdb 
WWPDB D_1292143900 ?            ?                   
# 
_pdbx_audit_revision_history.ordinal             1 
_pdbx_audit_revision_history.data_content_type   'Structure model' 
_pdbx_audit_revision_history.major_revision      1 
_pdbx_audit_revision_history.minor_revision      0 
_pdbx_audit_revision_history.revision_date       2025-08-20 
_pdbx_audit_revision_history.part_number         ? 
# 
_pdbx_audit_revision_details.ordinal             1 
_pdbx_audit_revision_details.revision_ordinal    1 
_pdbx_audit_revision_details.data_content_type   'Structure model' 
_pdbx_audit_revision_details.provider            repository 
_pdbx_audit_revision_details.type                'Initial release' 
_pdbx_audit_revision_details.description         ? 
_pdbx_audit_revision_details.details             ? 
# 
_pdbx_database_status.status_code                     REL 
_pdbx_database_status.status_code_sf                  REL 
_pdbx_database_status.status_code_mr                  ? 
_pdbx_database_status.entry_id                        9HRZ 
_pdbx_database_status.recvd_initial_deposition_date   2024-12-18 
_pdbx_database_status.SG_entry                        N 
_pdbx_database_status.deposit_site                    PDBE 
_pdbx_database_status.process_site                    PDBE 
_pdbx_database_status.status_code_cs                  ? 
_pdbx_database_status.status_code_nmr_data            ? 
_pdbx_database_status.methods_development_category    ? 
_pdbx_database_status.pdb_format_compatible           N 
# 
_pdbx_contact_author.id                 2 
_pdbx_contact_author.email              peter.crowley@universityofgalway.ie 
_pdbx_contact_author.name_first         Peter 
_pdbx_contact_author.name_last          Crowley 
_pdbx_contact_author.name_mi            B 
_pdbx_contact_author.role               'principal investigator/group leader' 
_pdbx_contact_author.identifier_ORCID   0000-0002-5365-0096 
# 
loop_
_audit_author.name 
_audit_author.pdbx_ordinal 
_audit_author.identifier_ORCID 
'Wren, C.P.'    1 ? 
'Mockler, N.M.' 2 ? 
'Crowley, P.B.' 3 ? 
# 
_citation.abstract                  ? 
_citation.abstract_id_CAS           ? 
_citation.book_id_ISBN              ? 
_citation.book_publisher            ? 
_citation.book_publisher_city       ? 
_citation.book_title                ? 
_citation.coordinate_linkage        ? 
_citation.country                   US 
_citation.database_id_Medline       ? 
_citation.details                   ? 
_citation.id                        primary 
_citation.journal_abbrev            J.Am.Chem.Soc. 
_citation.journal_id_ASTM           JACSAT 
_citation.journal_id_CSD            ? 
_citation.journal_id_ISSN           1520-5126 
_citation.journal_full              ? 
_citation.journal_issue             ? 
_citation.journal_volume            147 
_citation.language                  ? 
_citation.page_first                28107 
_citation.page_last                 28116 
_citation.title                     'Protein Recognition and Assembly by a Phosphocavitand.' 
_citation.year                      2025 
_citation.database_id_CSD           ? 
_citation.pdbx_database_id_DOI      10.1021/jacs.5c08121 
_citation.pdbx_database_id_PubMed   40694812 
_citation.pdbx_database_id_patent   ? 
_citation.unpublished_flag          ? 
# 
loop_
_citation_author.citation_id 
_citation_author.name 
_citation_author.ordinal 
_citation_author.identifier_ORCID 
primary 'Wren, C.P.'    1 ?                   
primary 'Flood, R.J.'   2 ?                   
primary 'Mockler, N.M.' 3 ?                   
primary 'Savko, M.'     4 ?                   
primary 'Malinska, M.'  5 0000-0002-7138-7041 
primary 'Shi, Q.'       6 ?                   
primary 'Crowley, P.B.' 7 0000-0002-5365-0096 
# 
loop_
_entity.id 
_entity.type 
_entity.src_method 
_entity.pdbx_description 
_entity.formula_weight 
_entity.pdbx_number_of_molecules 
_entity.pdbx_ec 
_entity.pdbx_mutation 
_entity.pdbx_fragment 
_entity.details 
1 polymer     man 'Fucose-binding lectin protein'        9817.604 1   ? 'K25R, K34R, K83R' ? ? 
2 non-polymer syn beta-D-fructopyranose                  180.156  2   ? ?                  ? ? 
3 non-polymer syn phosphated-cyclotrixylohydroquinoylene 636.417  2   ? ?                  ? ? 
4 water       nat water                                  18.015   109 ? ?                  ? ? 
# 
_entity_name_com.entity_id   1 
_entity_name_com.name        'Putative fucose-binding lectin protein' 
# 
_entity_poly.entity_id                      1 
_entity_poly.type                           'polypeptide(L)' 
_entity_poly.nstd_linkage                   no 
_entity_poly.nstd_monomer                   no 
_entity_poly.pdbx_seq_one_letter_code       
;SSVQTAATSWGTVPSIRVYTANNGRITERCWDGRGWYTGAFNEPGDNVSVTSWLVGSAIHIRVYASTGTTTTEWCWDGNG
WTRGAYTATN
;
_entity_poly.pdbx_seq_one_letter_code_can   
;SSVQTAATSWGTVPSIRVYTANNGRITERCWDGRGWYTGAFNEPGDNVSVTSWLVGSAIHIRVYASTGTTTTEWCWDGNG
WTRGAYTATN
;
_entity_poly.pdbx_strand_id                 A 
_entity_poly.pdbx_target_identifier         ? 
# 
loop_
_pdbx_entity_nonpoly.entity_id 
_pdbx_entity_nonpoly.name 
_pdbx_entity_nonpoly.comp_id 
2 beta-D-fructopyranose                  BDF   
3 phosphated-cyclotrixylohydroquinoylene A1IXG 
4 water                                  HOH   
# 
loop_
_entity_poly_seq.entity_id 
_entity_poly_seq.num 
_entity_poly_seq.mon_id 
_entity_poly_seq.hetero 
1 1  SER n 
1 2  SER n 
1 3  VAL n 
1 4  GLN n 
1 5  THR n 
1 6  ALA n 
1 7  ALA n 
1 8  THR n 
1 9  SER n 
1 10 TRP n 
1 11 GLY n 
1 12 THR n 
1 13 VAL n 
1 14 PRO n 
1 15 SER n 
1 16 ILE n 
1 17 ARG n 
1 18 VAL n 
1 19 TYR n 
1 20 THR n 
1 21 ALA n 
1 22 ASN n 
1 23 ASN n 
1 24 GLY n 
1 25 ARG n 
1 26 ILE n 
1 27 THR n 
1 28 GLU n 
1 29 ARG n 
1 30 CYS n 
1 31 TRP n 
1 32 ASP n 
1 33 GLY n 
1 34 ARG n 
1 35 GLY n 
1 36 TRP n 
1 37 TYR n 
1 38 THR n 
1 39 GLY n 
1 40 ALA n 
1 41 PHE n 
1 42 ASN n 
1 43 GLU n 
1 44 PRO n 
1 45 GLY n 
1 46 ASP n 
1 47 ASN n 
1 48 VAL n 
1 49 SER n 
1 50 VAL n 
1 51 THR n 
1 52 SER n 
1 53 TRP n 
1 54 LEU n 
1 55 VAL n 
1 56 GLY n 
1 57 SER n 
1 58 ALA n 
1 59 ILE n 
1 60 HIS n 
1 61 ILE n 
1 62 ARG n 
1 63 VAL n 
1 64 TYR n 
1 65 ALA n 
1 66 SER n 
1 67 THR n 
1 68 GLY n 
1 69 THR n 
1 70 THR n 
1 71 THR n 
1 72 THR n 
1 73 GLU n 
1 74 TRP n 
1 75 CYS n 
1 76 TRP n 
1 77 ASP n 
1 78 GLY n 
1 79 ASN n 
1 80 GLY n 
1 81 TRP n 
1 82 THR n 
1 83 ARG n 
1 84 GLY n 
1 85 ALA n 
1 86 TYR n 
1 87 THR n 
1 88 ALA n 
1 89 THR n 
1 90 ASN n 
# 
_entity_src_gen.entity_id                          1 
_entity_src_gen.pdbx_src_id                        1 
_entity_src_gen.pdbx_alt_source_flag               sample 
_entity_src_gen.pdbx_seq_type                      'Biological sequence' 
_entity_src_gen.pdbx_beg_seq_num                   1 
_entity_src_gen.pdbx_end_seq_num                   90 
_entity_src_gen.gene_src_common_name               ? 
_entity_src_gen.gene_src_genus                     ? 
_entity_src_gen.pdbx_gene_src_gene                 'E7Z57_08365, RSP795_21825, RSP822_19650, RUN39_v1_50103' 
_entity_src_gen.gene_src_species                   ? 
_entity_src_gen.gene_src_strain                    ? 
_entity_src_gen.gene_src_tissue                    ? 
_entity_src_gen.gene_src_tissue_fraction           ? 
_entity_src_gen.gene_src_details                   ? 
_entity_src_gen.pdbx_gene_src_fragment             ? 
_entity_src_gen.pdbx_gene_src_scientific_name      'Ralstonia solanacearum' 
_entity_src_gen.pdbx_gene_src_ncbi_taxonomy_id     305 
_entity_src_gen.pdbx_gene_src_variant              ? 
_entity_src_gen.pdbx_gene_src_cell_line            ? 
_entity_src_gen.pdbx_gene_src_atcc                 ? 
_entity_src_gen.pdbx_gene_src_organ                ? 
_entity_src_gen.pdbx_gene_src_organelle            ? 
_entity_src_gen.pdbx_gene_src_cell                 ? 
_entity_src_gen.pdbx_gene_src_cellular_location    ? 
_entity_src_gen.host_org_common_name               ? 
_entity_src_gen.pdbx_host_org_scientific_name      'Escherichia coli' 
_entity_src_gen.pdbx_host_org_ncbi_taxonomy_id     562 
_entity_src_gen.host_org_genus                     ? 
_entity_src_gen.pdbx_host_org_gene                 ? 
_entity_src_gen.pdbx_host_org_organ                ? 
_entity_src_gen.host_org_species                   ? 
_entity_src_gen.pdbx_host_org_tissue               ? 
_entity_src_gen.pdbx_host_org_tissue_fraction      ? 
_entity_src_gen.pdbx_host_org_strain               ? 
_entity_src_gen.pdbx_host_org_variant              ? 
_entity_src_gen.pdbx_host_org_cell_line            ? 
_entity_src_gen.pdbx_host_org_atcc                 ? 
_entity_src_gen.pdbx_host_org_culture_collection   ? 
_entity_src_gen.pdbx_host_org_cell                 ? 
_entity_src_gen.pdbx_host_org_organelle            ? 
_entity_src_gen.pdbx_host_org_cellular_location    ? 
_entity_src_gen.pdbx_host_org_vector_type          ? 
_entity_src_gen.pdbx_host_org_vector               ? 
_entity_src_gen.host_org_details                   ? 
_entity_src_gen.expression_system_id               ? 
_entity_src_gen.plasmid_name                       ? 
_entity_src_gen.plasmid_details                    ? 
_entity_src_gen.pdbx_description                   ? 
# 
loop_
_chem_comp.id 
_chem_comp.type 
_chem_comp.mon_nstd_flag 
_chem_comp.name 
_chem_comp.pdbx_synonyms 
_chem_comp.formula 
_chem_comp.formula_weight 
A1IXG non-polymer                  . phosphated-cyclotrixylohydroquinoylene ?                                       
'C27 H27 O12 P3' 636.417 
ALA   'L-peptide linking'          y ALANINE                                ?                                       'C3 H7 N O2' 
89.093  
ARG   'L-peptide linking'          y ARGININE                               ?                                       
'C6 H15 N4 O2 1' 175.209 
ASN   'L-peptide linking'          y ASPARAGINE                             ?                                       'C4 H8 N2 O3' 
132.118 
ASP   'L-peptide linking'          y 'ASPARTIC ACID'                        ?                                       'C4 H7 N O4' 
133.103 
BDF   'D-saccharide, beta linking' . beta-D-fructopyranose                  'beta-D-fructose; D-fructose; fructose' 'C6 H12 O6' 
180.156 
CYS   'L-peptide linking'          y CYSTEINE                               ?                                       'C3 H7 N O2 S' 
121.158 
GLN   'L-peptide linking'          y GLUTAMINE                              ?                                       'C5 H10 N2 O3' 
146.144 
GLU   'L-peptide linking'          y 'GLUTAMIC ACID'                        ?                                       'C5 H9 N O4' 
147.129 
GLY   'peptide linking'            y GLYCINE                                ?                                       'C2 H5 N O2' 
75.067  
HIS   'L-peptide linking'          y HISTIDINE                              ?                                       
'C6 H10 N3 O2 1' 156.162 
HOH   non-polymer                  . WATER                                  ?                                       'H2 O' 18.015  
ILE   'L-peptide linking'          y ISOLEUCINE                             ?                                       'C6 H13 N O2' 
131.173 
LEU   'L-peptide linking'          y LEUCINE                                ?                                       'C6 H13 N O2' 
131.173 
LYS   'L-peptide linking'          y LYSINE                                 ?                                       
'C6 H15 N2 O2 1' 147.195 
PHE   'L-peptide linking'          y PHENYLALANINE                          ?                                       'C9 H11 N O2' 
165.189 
PRO   'L-peptide linking'          y PROLINE                                ?                                       'C5 H9 N O2' 
115.130 
SER   'L-peptide linking'          y SERINE                                 ?                                       'C3 H7 N O3' 
105.093 
THR   'L-peptide linking'          y THREONINE                              ?                                       'C4 H9 N O3' 
119.119 
TRP   'L-peptide linking'          y TRYPTOPHAN                             ?                                       
'C11 H12 N2 O2'  204.225 
TYR   'L-peptide linking'          y TYROSINE                               ?                                       'C9 H11 N O3' 
181.189 
VAL   'L-peptide linking'          y VALINE                                 ?                                       'C5 H11 N O2' 
117.146 
# 
loop_
_pdbx_chem_comp_identifier.comp_id 
_pdbx_chem_comp_identifier.type 
_pdbx_chem_comp_identifier.program 
_pdbx_chem_comp_identifier.program_version 
_pdbx_chem_comp_identifier.identifier 
BDF 'CONDENSED IUPAC CARBOHYDRATE SYMBOL' GMML     1.0 DFrupb             
BDF 'COMMON NAME'                         GMML     1.0 b-D-fructopyranose 
BDF 'IUPAC CARBOHYDRATE SYMBOL'           PDB-CARE 1.0 b-D-Frup           
BDF 'SNFG CARBOHYDRATE SYMBOL'            GMML     1.0 Fru                
# 
loop_
_pdbx_poly_seq_scheme.asym_id 
_pdbx_poly_seq_scheme.entity_id 
_pdbx_poly_seq_scheme.seq_id 
_pdbx_poly_seq_scheme.mon_id 
_pdbx_poly_seq_scheme.ndb_seq_num 
_pdbx_poly_seq_scheme.pdb_seq_num 
_pdbx_poly_seq_scheme.auth_seq_num 
_pdbx_poly_seq_scheme.pdb_mon_id 
_pdbx_poly_seq_scheme.auth_mon_id 
_pdbx_poly_seq_scheme.pdb_strand_id 
_pdbx_poly_seq_scheme.pdb_ins_code 
_pdbx_poly_seq_scheme.hetero 
A 1 1  SER 1  1  1  SER SER A . n 
A 1 2  SER 2  2  2  SER SER A . n 
A 1 3  VAL 3  3  3  VAL VAL A . n 
A 1 4  GLN 4  4  4  GLN GLN A . n 
A 1 5  THR 5  5  5  THR THR A . n 
A 1 6  ALA 6  6  6  ALA ALA A . n 
A 1 7  ALA 7  7  7  ALA ALA A . n 
A 1 8  THR 8  8  8  THR THR A . n 
A 1 9  SER 9  9  9  SER SER A . n 
A 1 10 TRP 10 10 10 TRP TRP A . n 
A 1 11 GLY 11 11 11 GLY GLY A . n 
A 1 12 THR 12 12 12 THR THR A . n 
A 1 13 VAL 13 13 13 VAL VAL A . n 
A 1 14 PRO 14 14 14 PRO PRO A . n 
A 1 15 SER 15 15 15 SER SER A . n 
A 1 16 ILE 16 16 16 ILE ILE A . n 
A 1 17 ARG 17 17 17 ARG ARG A . n 
A 1 18 VAL 18 18 18 VAL VAL A . n 
A 1 19 TYR 19 19 19 TYR TYR A . n 
A 1 20 THR 20 20 20 THR THR A . n 
A 1 21 ALA 21 21 21 ALA ALA A . n 
A 1 22 ASN 22 22 22 ASN ASN A . n 
A 1 23 ASN 23 23 23 ASN ASN A . n 
A 1 24 GLY 24 24 24 GLY GLY A . n 
A 1 25 ARG 25 25 25 ARG ARG A . n 
A 1 26 ILE 26 26 26 ILE ILE A . n 
A 1 27 THR 27 27 27 THR THR A . n 
A 1 28 GLU 28 28 28 GLU GLU A . n 
A 1 29 ARG 29 29 29 ARG ARG A . n 
A 1 30 CYS 30 30 30 CYS CYS A . n 
A 1 31 TRP 31 31 31 TRP TRP A . n 
A 1 32 ASP 32 32 32 ASP ASP A . n 
A 1 33 GLY 33 33 33 GLY GLY A . n 
A 1 34 ARG 34 34 34 ARG ARG A . n 
A 1 35 GLY 35 35 35 GLY GLY A . n 
A 1 36 TRP 36 36 36 TRP TRP A . n 
A 1 37 TYR 37 37 37 TYR TYR A . n 
A 1 38 THR 38 38 38 THR THR A . n 
A 1 39 GLY 39 39 39 GLY GLY A . n 
A 1 40 ALA 40 40 40 ALA ALA A . n 
A 1 41 PHE 41 41 41 PHE PHE A . n 
A 1 42 ASN 42 42 42 ASN ASN A . n 
A 1 43 GLU 43 43 43 GLU GLU A . n 
A 1 44 PRO 44 44 44 PRO PRO A . n 
A 1 45 GLY 45 45 45 GLY GLY A . n 
A 1 46 ASP 46 46 46 ASP ASP A . n 
A 1 47 ASN 47 47 47 ASN ASN A . n 
A 1 48 VAL 48 48 48 VAL VAL A . n 
A 1 49 SER 49 49 49 SER SER A . n 
A 1 50 VAL 50 50 50 VAL VAL A . n 
A 1 51 THR 51 51 51 THR THR A . n 
A 1 52 SER 52 52 52 SER SER A . n 
A 1 53 TRP 53 53 53 TRP TRP A . n 
A 1 54 LEU 54 54 54 LEU LEU A . n 
A 1 55 VAL 55 55 55 VAL VAL A . n 
A 1 56 GLY 56 56 56 GLY GLY A . n 
A 1 57 SER 57 57 57 SER SER A . n 
A 1 58 ALA 58 58 58 ALA ALA A . n 
A 1 59 ILE 59 59 59 ILE ILE A . n 
A 1 60 HIS 60 60 60 HIS HIS A . n 
A 1 61 ILE 61 61 61 ILE ILE A . n 
A 1 62 ARG 62 62 62 ARG ARG A . n 
A 1 63 VAL 63 63 63 VAL VAL A . n 
A 1 64 TYR 64 64 64 TYR TYR A . n 
A 1 65 ALA 65 65 65 ALA ALA A . n 
A 1 66 SER 66 66 66 SER SER A . n 
A 1 67 THR 67 67 67 THR THR A . n 
A 1 68 GLY 68 68 68 GLY GLY A . n 
A 1 69 THR 69 69 69 THR THR A . n 
A 1 70 THR 70 70 70 THR THR A . n 
A 1 71 THR 71 71 71 THR THR A . n 
A 1 72 THR 72 72 72 THR THR A . n 
A 1 73 GLU 73 73 73 GLU GLU A . n 
A 1 74 TRP 74 74 74 TRP TRP A . n 
A 1 75 CYS 75 75 75 CYS CYS A . n 
A 1 76 TRP 76 76 76 TRP TRP A . n 
A 1 77 ASP 77 77 77 ASP ASP A . n 
A 1 78 GLY 78 78 78 GLY GLY A . n 
A 1 79 ASN 79 79 79 ASN ASN A . n 
A 1 80 GLY 80 80 80 GLY GLY A . n 
A 1 81 TRP 81 81 81 TRP TRP A . n 
A 1 82 THR 82 82 82 THR THR A . n 
A 1 83 ARG 83 83 83 ARG ARG A . n 
A 1 84 GLY 84 84 84 GLY GLY A . n 
A 1 85 ALA 85 85 85 ALA ALA A . n 
A 1 86 TYR 86 86 86 TYR TYR A . n 
A 1 87 THR 87 87 87 THR THR A . n 
A 1 88 ALA 88 88 88 ALA ALA A . n 
A 1 89 THR 89 89 89 THR THR A . n 
A 1 90 ASN 90 90 90 ASN ASN A . n 
# 
_pdbx_entity_instance_feature.ordinal        1 
_pdbx_entity_instance_feature.comp_id        A1IXG 
_pdbx_entity_instance_feature.asym_id        ? 
_pdbx_entity_instance_feature.seq_num        ? 
_pdbx_entity_instance_feature.auth_comp_id   A1IXG 
_pdbx_entity_instance_feature.auth_asym_id   ? 
_pdbx_entity_instance_feature.auth_seq_num   ? 
_pdbx_entity_instance_feature.feature_type   'SUBJECT OF INVESTIGATION' 
_pdbx_entity_instance_feature.details        ? 
# 
loop_
_pdbx_nonpoly_scheme.asym_id 
_pdbx_nonpoly_scheme.entity_id 
_pdbx_nonpoly_scheme.mon_id 
_pdbx_nonpoly_scheme.ndb_seq_num 
_pdbx_nonpoly_scheme.pdb_seq_num 
_pdbx_nonpoly_scheme.auth_seq_num 
_pdbx_nonpoly_scheme.pdb_mon_id 
_pdbx_nonpoly_scheme.auth_mon_id 
_pdbx_nonpoly_scheme.pdb_strand_id 
_pdbx_nonpoly_scheme.pdb_ins_code 
B 2 BDF   1   101 101 BDF   BDF A . 
C 2 BDF   1   102 102 BDF   BDF A . 
D 3 A1IXG 1   103 103 A1IXG PCT A . 
E 3 A1IXG 1   104 104 A1IXG PCT A . 
F 4 HOH   1   201 108 HOH   HOH A . 
F 4 HOH   2   202 190 HOH   HOH A . 
F 4 HOH   3   203 3   HOH   HOH A . 
F 4 HOH   4   204 4   HOH   HOH A . 
F 4 HOH   5   205 21  HOH   HOH A . 
F 4 HOH   6   206 11  HOH   HOH A . 
F 4 HOH   7   207 9   HOH   HOH A . 
F 4 HOH   8   208 181 HOH   HOH A . 
F 4 HOH   9   209 28  HOH   HOH A . 
F 4 HOH   10  210 59  HOH   HOH A . 
F 4 HOH   11  211 69  HOH   HOH A . 
F 4 HOH   12  212 63  HOH   HOH A . 
F 4 HOH   13  213 19  HOH   HOH A . 
F 4 HOH   14  214 51  HOH   HOH A . 
F 4 HOH   15  215 38  HOH   HOH A . 
F 4 HOH   16  216 66  HOH   HOH A . 
F 4 HOH   17  217 7   HOH   HOH A . 
F 4 HOH   18  218 2   HOH   HOH A . 
F 4 HOH   19  219 180 HOH   HOH A . 
F 4 HOH   20  220 95  HOH   HOH A . 
F 4 HOH   21  221 102 HOH   HOH A . 
F 4 HOH   22  222 10  HOH   HOH A . 
F 4 HOH   23  223 6   HOH   HOH A . 
F 4 HOH   24  224 103 HOH   HOH A . 
F 4 HOH   25  225 57  HOH   HOH A . 
F 4 HOH   26  226 30  HOH   HOH A . 
F 4 HOH   27  227 27  HOH   HOH A . 
F 4 HOH   28  228 22  HOH   HOH A . 
F 4 HOH   29  229 52  HOH   HOH A . 
F 4 HOH   30  230 20  HOH   HOH A . 
F 4 HOH   31  231 24  HOH   HOH A . 
F 4 HOH   32  232 37  HOH   HOH A . 
F 4 HOH   33  233 29  HOH   HOH A . 
F 4 HOH   34  234 36  HOH   HOH A . 
F 4 HOH   35  235 185 HOH   HOH A . 
F 4 HOH   36  236 31  HOH   HOH A . 
F 4 HOH   37  237 176 HOH   HOH A . 
F 4 HOH   38  238 15  HOH   HOH A . 
F 4 HOH   39  239 5   HOH   HOH A . 
F 4 HOH   40  240 124 HOH   HOH A . 
F 4 HOH   41  241 123 HOH   HOH A . 
F 4 HOH   42  242 135 HOH   HOH A . 
F 4 HOH   43  243 72  HOH   HOH A . 
F 4 HOH   44  244 32  HOH   HOH A . 
F 4 HOH   45  245 48  HOH   HOH A . 
F 4 HOH   46  246 62  HOH   HOH A . 
F 4 HOH   47  247 188 HOH   HOH A . 
F 4 HOH   48  248 39  HOH   HOH A . 
F 4 HOH   49  249 175 HOH   HOH A . 
F 4 HOH   50  250 74  HOH   HOH A . 
F 4 HOH   51  251 12  HOH   HOH A . 
F 4 HOH   52  252 23  HOH   HOH A . 
F 4 HOH   53  253 49  HOH   HOH A . 
F 4 HOH   54  254 14  HOH   HOH A . 
F 4 HOH   55  255 45  HOH   HOH A . 
F 4 HOH   56  256 148 HOH   HOH A . 
F 4 HOH   57  257 118 HOH   HOH A . 
F 4 HOH   58  258 26  HOH   HOH A . 
F 4 HOH   59  259 182 HOH   HOH A . 
F 4 HOH   60  260 192 HOH   HOH A . 
F 4 HOH   61  261 76  HOH   HOH A . 
F 4 HOH   62  262 104 HOH   HOH A . 
F 4 HOH   63  263 64  HOH   HOH A . 
F 4 HOH   64  264 8   HOH   HOH A . 
F 4 HOH   65  265 41  HOH   HOH A . 
F 4 HOH   66  266 42  HOH   HOH A . 
F 4 HOH   67  267 186 HOH   HOH A . 
F 4 HOH   68  268 174 HOH   HOH A . 
F 4 HOH   69  269 73  HOH   HOH A . 
F 4 HOH   70  270 97  HOH   HOH A . 
F 4 HOH   71  271 132 HOH   HOH A . 
F 4 HOH   72  272 56  HOH   HOH A . 
F 4 HOH   73  273 18  HOH   HOH A . 
F 4 HOH   74  274 40  HOH   HOH A . 
F 4 HOH   75  275 35  HOH   HOH A . 
F 4 HOH   76  276 75  HOH   HOH A . 
F 4 HOH   77  277 178 HOH   HOH A . 
F 4 HOH   78  278 78  HOH   HOH A . 
F 4 HOH   79  279 86  HOH   HOH A . 
F 4 HOH   80  280 1   HOH   HOH A . 
F 4 HOH   81  281 55  HOH   HOH A . 
F 4 HOH   82  282 90  HOH   HOH A . 
F 4 HOH   83  283 137 HOH   HOH A . 
F 4 HOH   84  284 99  HOH   HOH A . 
F 4 HOH   85  285 120 HOH   HOH A . 
F 4 HOH   86  286 61  HOH   HOH A . 
F 4 HOH   87  287 193 HOH   HOH A . 
F 4 HOH   88  288 100 HOH   HOH A . 
F 4 HOH   89  289 189 HOH   HOH A . 
F 4 HOH   90  290 13  HOH   HOH A . 
F 4 HOH   91  291 101 HOH   HOH A . 
F 4 HOH   92  292 98  HOH   HOH A . 
F 4 HOH   93  293 187 HOH   HOH A . 
F 4 HOH   94  294 161 HOH   HOH A . 
F 4 HOH   95  295 184 HOH   HOH A . 
F 4 HOH   96  296 84  HOH   HOH A . 
F 4 HOH   97  297 177 HOH   HOH A . 
F 4 HOH   98  298 191 HOH   HOH A . 
F 4 HOH   99  299 81  HOH   HOH A . 
F 4 HOH   100 300 33  HOH   HOH A . 
F 4 HOH   101 301 34  HOH   HOH A . 
F 4 HOH   102 302 60  HOH   HOH A . 
F 4 HOH   103 303 153 HOH   HOH A . 
F 4 HOH   104 304 17  HOH   HOH A . 
F 4 HOH   105 305 183 HOH   HOH A . 
F 4 HOH   106 306 116 HOH   HOH A . 
F 4 HOH   107 307 85  HOH   HOH A . 
F 4 HOH   108 308 43  HOH   HOH A . 
F 4 HOH   109 309 96  HOH   HOH A . 
# 
loop_
_software.citation_id 
_software.classification 
_software.compiler_name 
_software.compiler_version 
_software.contact_author 
_software.contact_author_email 
_software.date 
_software.description 
_software.dependencies 
_software.hardware 
_software.language 
_software.location 
_software.mods 
_software.name 
_software.os 
_software.os_version 
_software.type 
_software.version 
_software.pdbx_reference_DOI 
_software.pdbx_ordinal 
? refinement        ? ? ? ? ? ? ? ? ? ? ? PHENIX   ? ? ? '(1.20.1_4487)' ? 1 
? 'data reduction'  ? ? ? ? ? ? ? ? ? ? ? XDS      ? ? ? .               ? 2 
? 'data scaling'    ? ? ? ? ? ? ? ? ? ? ? Aimless  ? ? ? .               ? 3 
? phasing           ? ? ? ? ? ? ? ? ? ? ? PHASER   ? ? ? .               ? 4 
? 'data processing' ? ? ? ? ? ? ? ? ? ? ? autoPROC ? ? ? .               ? 5 
# 
_cell.angle_alpha                  90.00 
_cell.angle_alpha_esd              ? 
_cell.angle_beta                   90.00 
_cell.angle_beta_esd               ? 
_cell.angle_gamma                  120.00 
_cell.angle_gamma_esd              ? 
_cell.entry_id                     9HRZ 
_cell.details                      ? 
_cell.formula_units_Z              ? 
_cell.length_a                     43.569 
_cell.length_a_esd                 ? 
_cell.length_b                     43.569 
_cell.length_b_esd                 ? 
_cell.length_c                     122.997 
_cell.length_c_esd                 ? 
_cell.volume                       ? 
_cell.volume_esd                   ? 
_cell.Z_PDB                        9 
_cell.reciprocal_angle_alpha       ? 
_cell.reciprocal_angle_beta        ? 
_cell.reciprocal_angle_gamma       ? 
_cell.reciprocal_angle_alpha_esd   ? 
_cell.reciprocal_angle_beta_esd    ? 
_cell.reciprocal_angle_gamma_esd   ? 
_cell.reciprocal_length_a          ? 
_cell.reciprocal_length_b          ? 
_cell.reciprocal_length_c          ? 
_cell.reciprocal_length_a_esd      ? 
_cell.reciprocal_length_b_esd      ? 
_cell.reciprocal_length_c_esd      ? 
_cell.pdbx_unique_axis             ? 
_cell.pdbx_esd_method              ? 
# 
_symmetry.entry_id                         9HRZ 
_symmetry.cell_setting                     ? 
_symmetry.Int_Tables_number                146 
_symmetry.space_group_name_Hall            ? 
_symmetry.space_group_name_H-M             'H 3' 
_symmetry.pdbx_full_space_group_name_H-M   ? 
# 
_exptl.absorpt_coefficient_mu     ? 
_exptl.absorpt_correction_T_max   ? 
_exptl.absorpt_correction_T_min   ? 
_exptl.absorpt_correction_type    ? 
_exptl.absorpt_process_details    ? 
_exptl.entry_id                   9HRZ 
_exptl.crystals_number            1 
_exptl.details                    ? 
_exptl.method                     'X-RAY DIFFRACTION' 
_exptl.method_details             ? 
# 
_exptl_crystal.colour                       ? 
_exptl_crystal.density_diffrn               ? 
_exptl_crystal.density_Matthews             2.13 
_exptl_crystal.density_method               ? 
_exptl_crystal.density_percent_sol          42 
_exptl_crystal.description                  ? 
_exptl_crystal.F_000                        ? 
_exptl_crystal.id                           1 
_exptl_crystal.preparation                  ? 
_exptl_crystal.size_max                     ? 
_exptl_crystal.size_mid                     ? 
_exptl_crystal.size_min                     ? 
_exptl_crystal.size_rad                     ? 
_exptl_crystal.colour_lustre                ? 
_exptl_crystal.colour_modifier              ? 
_exptl_crystal.colour_primary               ? 
_exptl_crystal.density_meas                 ? 
_exptl_crystal.density_meas_esd             ? 
_exptl_crystal.density_meas_gt              ? 
_exptl_crystal.density_meas_lt              ? 
_exptl_crystal.density_meas_temp            ? 
_exptl_crystal.density_meas_temp_esd        ? 
_exptl_crystal.density_meas_temp_gt         ? 
_exptl_crystal.density_meas_temp_lt         ? 
_exptl_crystal.pdbx_crystal_image_url       ? 
_exptl_crystal.pdbx_crystal_image_format    ? 
_exptl_crystal.pdbx_mosaicity               ? 
_exptl_crystal.pdbx_mosaicity_esd           ? 
_exptl_crystal.pdbx_mosaic_method           ? 
_exptl_crystal.pdbx_mosaic_block_size       ? 
_exptl_crystal.pdbx_mosaic_block_size_esd   ? 
# 
_exptl_crystal_grow.apparatus       ? 
_exptl_crystal_grow.atmosphere      ? 
_exptl_crystal_grow.crystal_id      1 
_exptl_crystal_grow.details         ? 
_exptl_crystal_grow.method          'VAPOR DIFFUSION, HANGING DROP' 
_exptl_crystal_grow.method_ref      ? 
_exptl_crystal_grow.pH              ? 
_exptl_crystal_grow.pressure        ? 
_exptl_crystal_grow.pressure_esd    ? 
_exptl_crystal_grow.seeding         ? 
_exptl_crystal_grow.seeding_ref     ? 
_exptl_crystal_grow.temp_details    ? 
_exptl_crystal_grow.temp_esd        ? 
_exptl_crystal_grow.time            ? 
_exptl_crystal_grow.pdbx_details    '0.8 M ammonium sulfate, 0.1 M sodium acetate pH 5.6' 
_exptl_crystal_grow.pdbx_pH_range   ? 
_exptl_crystal_grow.temp            293 
# 
_diffrn.ambient_environment              ? 
_diffrn.ambient_temp                     100 
_diffrn.ambient_temp_details             ? 
_diffrn.ambient_temp_esd                 ? 
_diffrn.crystal_id                       1 
_diffrn.crystal_support                  ? 
_diffrn.crystal_treatment                ? 
_diffrn.details                          ? 
_diffrn.id                               1 
_diffrn.ambient_pressure                 ? 
_diffrn.ambient_pressure_esd             ? 
_diffrn.ambient_pressure_gt              ? 
_diffrn.ambient_pressure_lt              ? 
_diffrn.ambient_temp_gt                  ? 
_diffrn.ambient_temp_lt                  ? 
_diffrn.pdbx_serial_crystal_experiment   N 
# 
_diffrn_detector.details                      ? 
_diffrn_detector.detector                     PIXEL 
_diffrn_detector.diffrn_id                    1 
_diffrn_detector.type                         'DECTRIS EIGER X 9M' 
_diffrn_detector.area_resol_mean              ? 
_diffrn_detector.dtime                        ? 
_diffrn_detector.pdbx_frames_total            ? 
_diffrn_detector.pdbx_collection_time_total   ? 
_diffrn_detector.pdbx_collection_date         2024-10-26 
_diffrn_detector.pdbx_frequency               ? 
_diffrn_detector.id                           ? 
_diffrn_detector.number_of_axes               ? 
# 
_diffrn_radiation.collimation                      ? 
_diffrn_radiation.diffrn_id                        1 
_diffrn_radiation.filter_edge                      ? 
_diffrn_radiation.inhomogeneity                    ? 
_diffrn_radiation.monochromator                    M 
_diffrn_radiation.polarisn_norm                    ? 
_diffrn_radiation.polarisn_ratio                   ? 
_diffrn_radiation.probe                            ? 
_diffrn_radiation.type                             ? 
_diffrn_radiation.xray_symbol                      ? 
_diffrn_radiation.wavelength_id                    1 
_diffrn_radiation.pdbx_monochromatic_or_laue_m_l   M 
_diffrn_radiation.pdbx_wavelength_list             ? 
_diffrn_radiation.pdbx_wavelength                  ? 
_diffrn_radiation.pdbx_diffrn_protocol             'SINGLE WAVELENGTH' 
_diffrn_radiation.pdbx_analyzer                    ? 
_diffrn_radiation.pdbx_scattering_type             x-ray 
# 
_diffrn_radiation_wavelength.id           1 
_diffrn_radiation_wavelength.wavelength   0.98 
_diffrn_radiation_wavelength.wt           1.0 
# 
_diffrn_source.current                     ? 
_diffrn_source.details                     ? 
_diffrn_source.diffrn_id                   1 
_diffrn_source.power                       ? 
_diffrn_source.size                        ? 
_diffrn_source.source                      SYNCHROTRON 
_diffrn_source.target                      ? 
_diffrn_source.type                        'SOLEIL BEAMLINE PROXIMA 2' 
_diffrn_source.voltage                     ? 
_diffrn_source.take-off_angle              ? 
_diffrn_source.pdbx_wavelength_list        0.98 
_diffrn_source.pdbx_wavelength             ? 
_diffrn_source.pdbx_synchrotron_beamline   'PROXIMA 2' 
_diffrn_source.pdbx_synchrotron_site       SOLEIL 
# 
_reflns.B_iso_Wilson_estimate                          10.7 
_reflns.entry_id                                       9HRZ 
_reflns.data_reduction_details                         ? 
_reflns.data_reduction_method                          ? 
_reflns.d_resolution_high                              1.49 
_reflns.d_resolution_low                               18.65 
_reflns.details                                        ? 
_reflns.limit_h_max                                    ? 
_reflns.limit_h_min                                    ? 
_reflns.limit_k_max                                    ? 
_reflns.limit_k_min                                    ? 
_reflns.limit_l_max                                    ? 
_reflns.limit_l_min                                    ? 
_reflns.number_all                                     ? 
_reflns.number_obs                                     14063 
_reflns.observed_criterion                             ? 
_reflns.observed_criterion_F_max                       ? 
_reflns.observed_criterion_F_min                       ? 
_reflns.observed_criterion_I_max                       ? 
_reflns.observed_criterion_I_min                       ? 
_reflns.observed_criterion_sigma_F                     ? 
_reflns.observed_criterion_sigma_I                     ? 
_reflns.percent_possible_obs                           99.6 
_reflns.R_free_details                                 ? 
_reflns.Rmerge_F_all                                   ? 
_reflns.Rmerge_F_obs                                   ? 
_reflns.Friedel_coverage                               ? 
_reflns.number_gt                                      ? 
_reflns.threshold_expression                           ? 
_reflns.pdbx_redundancy                                10.3 
_reflns.pdbx_netI_over_av_sigmaI                       ? 
_reflns.pdbx_netI_over_sigmaI                          25.6 
_reflns.pdbx_res_netI_over_av_sigmaI_2                 ? 
_reflns.pdbx_res_netI_over_sigmaI_2                    ? 
_reflns.pdbx_chi_squared                               ? 
_reflns.pdbx_scaling_rejects                           ? 
_reflns.pdbx_d_res_high_opt                            ? 
_reflns.pdbx_d_res_low_opt                             ? 
_reflns.pdbx_d_res_opt_method                          ? 
_reflns.phase_calculation_details                      ? 
_reflns.pdbx_Rrim_I_all                                0.054 
_reflns.pdbx_Rpim_I_all                                0.071 
_reflns.pdbx_d_opt                                     ? 
_reflns.pdbx_number_measured_all                       ? 
_reflns.pdbx_diffrn_id                                 1 
_reflns.pdbx_ordinal                                   1 
_reflns.pdbx_CC_half                                   0.999 
_reflns.pdbx_CC_star                                   ? 
_reflns.pdbx_R_split                                   ? 
_reflns.pdbx_Rmerge_I_obs                              0.051 
_reflns.pdbx_Rmerge_I_all                              ? 
_reflns.pdbx_Rsym_value                                ? 
_reflns.pdbx_CC_split_method                           ? 
_reflns.pdbx_aniso_diffraction_limit_axis_1_ortho[1]   ? 
_reflns.pdbx_aniso_diffraction_limit_axis_1_ortho[2]   ? 
_reflns.pdbx_aniso_diffraction_limit_axis_1_ortho[3]   ? 
_reflns.pdbx_aniso_diffraction_limit_axis_2_ortho[1]   ? 
_reflns.pdbx_aniso_diffraction_limit_axis_2_ortho[2]   ? 
_reflns.pdbx_aniso_diffraction_limit_axis_2_ortho[3]   ? 
_reflns.pdbx_aniso_diffraction_limit_axis_3_ortho[1]   ? 
_reflns.pdbx_aniso_diffraction_limit_axis_3_ortho[2]   ? 
_reflns.pdbx_aniso_diffraction_limit_axis_3_ortho[3]   ? 
_reflns.pdbx_aniso_diffraction_limit_1                 ? 
_reflns.pdbx_aniso_diffraction_limit_2                 ? 
_reflns.pdbx_aniso_diffraction_limit_3                 ? 
_reflns.pdbx_aniso_B_tensor_eigenvector_1_ortho[1]     ? 
_reflns.pdbx_aniso_B_tensor_eigenvector_1_ortho[2]     ? 
_reflns.pdbx_aniso_B_tensor_eigenvector_1_ortho[3]     ? 
_reflns.pdbx_aniso_B_tensor_eigenvector_2_ortho[1]     ? 
_reflns.pdbx_aniso_B_tensor_eigenvector_2_ortho[2]     ? 
_reflns.pdbx_aniso_B_tensor_eigenvector_2_ortho[3]     ? 
_reflns.pdbx_aniso_B_tensor_eigenvector_3_ortho[1]     ? 
_reflns.pdbx_aniso_B_tensor_eigenvector_3_ortho[2]     ? 
_reflns.pdbx_aniso_B_tensor_eigenvector_3_ortho[3]     ? 
_reflns.pdbx_aniso_B_tensor_eigenvalue_1               ? 
_reflns.pdbx_aniso_B_tensor_eigenvalue_2               ? 
_reflns.pdbx_aniso_B_tensor_eigenvalue_3               ? 
_reflns.pdbx_orthogonalization_convention              ? 
_reflns.pdbx_percent_possible_ellipsoidal              ? 
_reflns.pdbx_percent_possible_spherical                ? 
_reflns.pdbx_percent_possible_ellipsoidal_anomalous    ? 
_reflns.pdbx_percent_possible_spherical_anomalous      ? 
_reflns.pdbx_redundancy_anomalous                      ? 
_reflns.pdbx_CC_half_anomalous                         ? 
_reflns.pdbx_absDiff_over_sigma_anomalous              ? 
_reflns.pdbx_percent_possible_anomalous                ? 
_reflns.pdbx_observed_signal_threshold                 ? 
_reflns.pdbx_signal_type                               ? 
_reflns.pdbx_signal_details                            ? 
_reflns.pdbx_signal_software_id                        ? 
# 
_reflns_shell.d_res_high                                    1.49 
_reflns_shell.d_res_low                                     1.52 
_reflns_shell.meanI_over_sigI_all                           ? 
_reflns_shell.meanI_over_sigI_obs                           5.2 
_reflns_shell.number_measured_all                           ? 
_reflns_shell.number_measured_obs                           ? 
_reflns_shell.number_possible                               ? 
_reflns_shell.number_unique_all                             ? 
_reflns_shell.number_unique_obs                             4873 
_reflns_shell.percent_possible_obs                          ? 
_reflns_shell.Rmerge_F_all                                  ? 
_reflns_shell.Rmerge_F_obs                                  ? 
_reflns_shell.meanI_over_sigI_gt                            ? 
_reflns_shell.meanI_over_uI_all                             ? 
_reflns_shell.meanI_over_uI_gt                              ? 
_reflns_shell.number_measured_gt                            ? 
_reflns_shell.number_unique_gt                              ? 
_reflns_shell.percent_possible_gt                           ? 
_reflns_shell.Rmerge_F_gt                                   ? 
_reflns_shell.Rmerge_I_gt                                   ? 
_reflns_shell.pdbx_redundancy                               ? 
_reflns_shell.pdbx_chi_squared                              ? 
_reflns_shell.pdbx_netI_over_sigmaI_all                     ? 
_reflns_shell.pdbx_netI_over_sigmaI_obs                     ? 
_reflns_shell.pdbx_Rrim_I_all                               0.297 
_reflns_shell.pdbx_Rpim_I_all                               0.106 
_reflns_shell.pdbx_rejects                                  ? 
_reflns_shell.pdbx_ordinal                                  1 
_reflns_shell.pdbx_diffrn_id                                1 
_reflns_shell.pdbx_CC_half                                  0.983 
_reflns_shell.pdbx_CC_star                                  ? 
_reflns_shell.pdbx_R_split                                  ? 
_reflns_shell.percent_possible_all                          94.2 
_reflns_shell.Rmerge_I_all                                  ? 
_reflns_shell.Rmerge_I_obs                                  0.276 
_reflns_shell.pdbx_Rsym_value                               ? 
_reflns_shell.pdbx_percent_possible_ellipsoidal             ? 
_reflns_shell.pdbx_percent_possible_spherical               ? 
_reflns_shell.pdbx_percent_possible_ellipsoidal_anomalous   ? 
_reflns_shell.pdbx_percent_possible_spherical_anomalous     ? 
_reflns_shell.pdbx_redundancy_anomalous                     ? 
_reflns_shell.pdbx_CC_half_anomalous                        ? 
_reflns_shell.pdbx_absDiff_over_sigma_anomalous             ? 
_reflns_shell.pdbx_percent_possible_anomalous               ? 
# 
_refine.aniso_B[1][1]                            ? 
_refine.aniso_B[1][2]                            ? 
_refine.aniso_B[1][3]                            ? 
_refine.aniso_B[2][2]                            ? 
_refine.aniso_B[2][3]                            ? 
_refine.aniso_B[3][3]                            ? 
_refine.B_iso_max                                ? 
_refine.B_iso_mean                               ? 
_refine.B_iso_min                                ? 
_refine.correlation_coeff_Fo_to_Fc               ? 
_refine.correlation_coeff_Fo_to_Fc_free          ? 
_refine.details                                  ? 
_refine.diff_density_max                         ? 
_refine.diff_density_max_esd                     ? 
_refine.diff_density_min                         ? 
_refine.diff_density_min_esd                     ? 
_refine.diff_density_rms                         ? 
_refine.diff_density_rms_esd                     ? 
_refine.entry_id                                 9HRZ 
_refine.pdbx_refine_id                           'X-RAY DIFFRACTION' 
_refine.ls_abs_structure_details                 ? 
_refine.ls_abs_structure_Flack                   ? 
_refine.ls_abs_structure_Flack_esd               ? 
_refine.ls_abs_structure_Rogers                  ? 
_refine.ls_abs_structure_Rogers_esd              ? 
_refine.ls_d_res_high                            1.49 
_refine.ls_d_res_low                             18.65 
_refine.ls_extinction_coef                       ? 
_refine.ls_extinction_coef_esd                   ? 
_refine.ls_extinction_expression                 ? 
_refine.ls_extinction_method                     ? 
_refine.ls_goodness_of_fit_all                   ? 
_refine.ls_goodness_of_fit_all_esd               ? 
_refine.ls_goodness_of_fit_obs                   ? 
_refine.ls_goodness_of_fit_obs_esd               ? 
_refine.ls_hydrogen_treatment                    ? 
_refine.ls_matrix_type                           ? 
_refine.ls_number_constraints                    ? 
_refine.ls_number_parameters                     ? 
_refine.ls_number_reflns_all                     ? 
_refine.ls_number_reflns_obs                     14030 
_refine.ls_number_reflns_R_free                  699 
_refine.ls_number_reflns_R_work                  ? 
_refine.ls_number_restraints                     ? 
_refine.ls_percent_reflns_obs                    99.36 
_refine.ls_percent_reflns_R_free                 4.98 
_refine.ls_R_factor_all                          ? 
_refine.ls_R_factor_obs                          0.1729 
_refine.ls_R_factor_R_free                       0.2028 
_refine.ls_R_factor_R_free_error                 ? 
_refine.ls_R_factor_R_free_error_details         ? 
_refine.ls_R_factor_R_work                       0.1715 
_refine.ls_R_Fsqd_factor_obs                     ? 
_refine.ls_R_I_factor_obs                        ? 
_refine.ls_redundancy_reflns_all                 ? 
_refine.ls_redundancy_reflns_obs                 ? 
_refine.ls_restrained_S_all                      ? 
_refine.ls_restrained_S_obs                      ? 
_refine.ls_shift_over_esd_max                    ? 
_refine.ls_shift_over_esd_mean                   ? 
_refine.ls_structure_factor_coef                 ? 
_refine.ls_weighting_details                     ? 
_refine.ls_weighting_scheme                      ? 
_refine.ls_wR_factor_all                         ? 
_refine.ls_wR_factor_obs                         ? 
_refine.ls_wR_factor_R_free                      ? 
_refine.ls_wR_factor_R_work                      ? 
_refine.occupancy_max                            ? 
_refine.occupancy_min                            ? 
_refine.solvent_model_details                    'FLAT BULK SOLVENT MODEL' 
_refine.solvent_model_param_bsol                 ? 
_refine.solvent_model_param_ksol                 ? 
_refine.correlation_coeff_I_to_Fcsqd_work        ? 
_refine.correlation_coeff_I_to_Fcsqd_free        ? 
_refine.pdbx_R_complete                          ? 
_refine.ls_R_factor_gt                           ? 
_refine.ls_goodness_of_fit_gt                    ? 
_refine.ls_goodness_of_fit_ref                   ? 
_refine.ls_shift_over_su_max                     ? 
_refine.ls_shift_over_su_max_lt                  ? 
_refine.ls_shift_over_su_mean                    ? 
_refine.ls_shift_over_su_mean_lt                 ? 
_refine.pdbx_ls_sigma_I                          ? 
_refine.pdbx_ls_sigma_F                          1.97 
_refine.pdbx_ls_sigma_Fsqd                       ? 
_refine.pdbx_data_cutoff_high_absF               ? 
_refine.pdbx_data_cutoff_high_rms_absF           ? 
_refine.pdbx_data_cutoff_low_absF                ? 
_refine.pdbx_isotropic_thermal_model             ? 
_refine.pdbx_ls_cross_valid_method               'FREE R-VALUE' 
_refine.pdbx_method_to_determine_struct          'MOLECULAR REPLACEMENT' 
_refine.pdbx_starting_model                      ? 
_refine.pdbx_stereochemistry_target_values       ML 
_refine.pdbx_R_Free_selection_details            ? 
_refine.pdbx_stereochem_target_val_spec_case     ? 
_refine.pdbx_overall_ESU_R                       ? 
_refine.pdbx_overall_ESU_R_Free                  ? 
_refine.pdbx_solvent_vdw_probe_radii             1.10 
_refine.pdbx_solvent_ion_probe_radii             ? 
_refine.pdbx_solvent_shrinkage_radii             0.90 
_refine.pdbx_real_space_R                        ? 
_refine.pdbx_density_correlation                 ? 
_refine.pdbx_pd_number_of_powder_patterns        ? 
_refine.pdbx_pd_number_of_points                 ? 
_refine.pdbx_pd_meas_number_of_points            ? 
_refine.pdbx_pd_proc_ls_prof_R_factor            ? 
_refine.pdbx_pd_proc_ls_prof_wR_factor           ? 
_refine.pdbx_pd_Marquardt_correlation_coeff      ? 
_refine.pdbx_pd_Fsqrd_R_factor                   ? 
_refine.pdbx_pd_ls_matrix_band_width             ? 
_refine.pdbx_overall_phase_error                 23.01 
_refine.pdbx_overall_SU_R_free_Cruickshank_DPI   ? 
_refine.pdbx_overall_SU_R_free_Blow_DPI          ? 
_refine.pdbx_overall_SU_R_Blow_DPI               ? 
_refine.pdbx_TLS_residual_ADP_flag               ? 
_refine.pdbx_diffrn_id                           1 
_refine.overall_SU_B                             ? 
_refine.overall_SU_ML                            0.15 
_refine.overall_SU_R_Cruickshank_DPI             ? 
_refine.overall_SU_R_free                        ? 
_refine.overall_FOM_free_R_set                   ? 
_refine.overall_FOM_work_R_set                   ? 
_refine.pdbx_average_fsc_overall                 ? 
_refine.pdbx_average_fsc_work                    ? 
_refine.pdbx_average_fsc_free                    ? 
# 
_refine_hist.pdbx_refine_id                   'X-RAY DIFFRACTION' 
_refine_hist.cycle_id                         LAST 
_refine_hist.details                          ? 
_refine_hist.d_res_high                       1.49 
_refine_hist.d_res_low                        18.65 
_refine_hist.number_atoms_solvent             109 
_refine_hist.number_atoms_total               911 
_refine_hist.number_reflns_all                ? 
_refine_hist.number_reflns_obs                ? 
_refine_hist.number_reflns_R_free             ? 
_refine_hist.number_reflns_R_work             ? 
_refine_hist.R_factor_all                     ? 
_refine_hist.R_factor_obs                     ? 
_refine_hist.R_factor_R_free                  ? 
_refine_hist.R_factor_R_work                  ? 
_refine_hist.pdbx_number_residues_total       ? 
_refine_hist.pdbx_B_iso_mean_ligand           ? 
_refine_hist.pdbx_B_iso_mean_solvent          ? 
_refine_hist.pdbx_number_atoms_protein        694 
_refine_hist.pdbx_number_atoms_nucleic_acid   0 
_refine_hist.pdbx_number_atoms_ligand         108 
_refine_hist.pdbx_number_atoms_lipid          ? 
_refine_hist.pdbx_number_atoms_carb           ? 
_refine_hist.pdbx_pseudo_atom_details         ? 
# 
loop_
_refine_ls_restr.pdbx_refine_id 
_refine_ls_restr.criterion 
_refine_ls_restr.dev_ideal 
_refine_ls_restr.dev_ideal_target 
_refine_ls_restr.number 
_refine_ls_restr.rejects 
_refine_ls_restr.type 
_refine_ls_restr.weight 
_refine_ls_restr.pdbx_Zscore 
_refine_ls_restr.pdbx_restraint_function 
'X-RAY DIFFRACTION' ? 0.006  ? 853  ? f_bond_d           ? ? ? 
'X-RAY DIFFRACTION' ? 1.301  ? 1209 ? f_angle_d          ? ? ? 
'X-RAY DIFFRACTION' ? 12.640 ? 323  ? f_dihedral_angle_d ? ? ? 
'X-RAY DIFFRACTION' ? 0.085  ? 116  ? f_chiral_restr     ? ? ? 
'X-RAY DIFFRACTION' ? 0.023  ? 201  ? f_plane_restr      ? ? ? 
# 
loop_
_refine_ls_shell.pdbx_refine_id 
_refine_ls_shell.d_res_high 
_refine_ls_shell.d_res_low 
_refine_ls_shell.number_reflns_all 
_refine_ls_shell.number_reflns_obs 
_refine_ls_shell.number_reflns_R_free 
_refine_ls_shell.number_reflns_R_work 
_refine_ls_shell.percent_reflns_obs 
_refine_ls_shell.percent_reflns_R_free 
_refine_ls_shell.R_factor_all 
_refine_ls_shell.R_factor_obs 
_refine_ls_shell.R_factor_R_free_error 
_refine_ls_shell.R_factor_R_work 
_refine_ls_shell.redundancy_reflns_all 
_refine_ls_shell.redundancy_reflns_obs 
_refine_ls_shell.wR_factor_all 
_refine_ls_shell.wR_factor_obs 
_refine_ls_shell.wR_factor_R_free 
_refine_ls_shell.wR_factor_R_work 
_refine_ls_shell.pdbx_R_complete 
_refine_ls_shell.correlation_coeff_Fo_to_Fc 
_refine_ls_shell.correlation_coeff_Fo_to_Fc_free 
_refine_ls_shell.correlation_coeff_I_to_Fcsqd_work 
_refine_ls_shell.correlation_coeff_I_to_Fcsqd_free 
_refine_ls_shell.pdbx_total_number_of_bins_used 
_refine_ls_shell.pdbx_phase_error 
_refine_ls_shell.pdbx_fsc_work 
_refine_ls_shell.pdbx_fsc_free 
_refine_ls_shell.R_factor_R_free 
'X-RAY DIFFRACTION' 1.49 1.61  . . 124 2644 98.00  . . . . 0.1956 . . . . . . . . . . . . . . . 0.2515 
'X-RAY DIFFRACTION' 1.61 1.77  . . 150 2663 100.00 . . . . 0.1760 . . . . . . . . . . . . . . . 0.2063 
'X-RAY DIFFRACTION' 1.77 2.03  . . 152 2668 100.00 . . . . 0.1823 . . . . . . . . . . . . . . . 0.2184 
'X-RAY DIFFRACTION' 2.03 2.55  . . 137 2672 100.00 . . . . 0.1788 . . . . . . . . . . . . . . . 0.2067 
'X-RAY DIFFRACTION' 2.55 18.65 . . 136 2684 100.00 . . . . 0.1579 . . . . . . . . . . . . . . . 0.1839 
# 
_struct.entry_id                     9HRZ 
_struct.title                        'The RSL-R6 - pctx complex, H3 form' 
_struct.pdbx_model_details           ? 
_struct.pdbx_formula_weight          ? 
_struct.pdbx_formula_weight_method   ? 
_struct.pdbx_model_type_details      ? 
_struct.pdbx_CASP_flag               N 
# 
_struct_keywords.entry_id        9HRZ 
_struct_keywords.text            'Complex, SUGAR BINDING PROTEIN' 
_struct_keywords.pdbx_keywords   'SUGAR BINDING PROTEIN' 
# 
loop_
_struct_asym.id 
_struct_asym.pdbx_blank_PDB_chainid_flag 
_struct_asym.pdbx_modified 
_struct_asym.entity_id 
_struct_asym.details 
A N N 1 ? 
B N N 2 ? 
C N N 2 ? 
D N N 3 ? 
E N N 3 ? 
F N N 4 ? 
# 
_struct_ref.id                         1 
_struct_ref.db_name                    UNP 
_struct_ref.db_code                    A0A0S4TLR1_RALSL 
_struct_ref.pdbx_db_accession          A0A0S4TLR1 
_struct_ref.pdbx_db_isoform            ? 
_struct_ref.entity_id                  1 
_struct_ref.pdbx_seq_one_letter_code   
;SSVQTAATSWGTVPSIRVYTANNGKITERCWDGKGWYTGAFNEPGDNVSVTSWLVGSAIHIRVYASTGTTTTEWCWDGNG
WTKGAYTATN
;
_struct_ref.pdbx_align_begin           2 
# 
_struct_ref_seq.align_id                      1 
_struct_ref_seq.ref_id                        1 
_struct_ref_seq.pdbx_PDB_id_code              9HRZ 
_struct_ref_seq.pdbx_strand_id                A 
_struct_ref_seq.seq_align_beg                 1 
_struct_ref_seq.pdbx_seq_align_beg_ins_code   ? 
_struct_ref_seq.seq_align_end                 90 
_struct_ref_seq.pdbx_seq_align_end_ins_code   ? 
_struct_ref_seq.pdbx_db_accession             A0A0S4TLR1 
_struct_ref_seq.db_align_beg                  2 
_struct_ref_seq.pdbx_db_align_beg_ins_code    ? 
_struct_ref_seq.db_align_end                  91 
_struct_ref_seq.pdbx_db_align_end_ins_code    ? 
_struct_ref_seq.pdbx_auth_seq_align_beg       1 
_struct_ref_seq.pdbx_auth_seq_align_end       90 
# 
loop_
_struct_ref_seq_dif.align_id 
_struct_ref_seq_dif.pdbx_pdb_id_code 
_struct_ref_seq_dif.mon_id 
_struct_ref_seq_dif.pdbx_pdb_strand_id 
_struct_ref_seq_dif.seq_num 
_struct_ref_seq_dif.pdbx_pdb_ins_code 
_struct_ref_seq_dif.pdbx_seq_db_name 
_struct_ref_seq_dif.pdbx_seq_db_accession_code 
_struct_ref_seq_dif.db_mon_id 
_struct_ref_seq_dif.pdbx_seq_db_seq_num 
_struct_ref_seq_dif.details 
_struct_ref_seq_dif.pdbx_auth_seq_num 
_struct_ref_seq_dif.pdbx_ordinal 
1 9HRZ ARG A 25 ? UNP A0A0S4TLR1 LYS 26 'engineered mutation' 25 1 
1 9HRZ ARG A 34 ? UNP A0A0S4TLR1 LYS 35 'engineered mutation' 34 2 
1 9HRZ ARG A 83 ? UNP A0A0S4TLR1 LYS 84 'engineered mutation' 83 3 
# 
_pdbx_struct_assembly.id                   1 
_pdbx_struct_assembly.details              author_defined_assembly 
_pdbx_struct_assembly.method_details       ? 
_pdbx_struct_assembly.oligomeric_details   monomeric 
_pdbx_struct_assembly.oligomeric_count     1 
# 
_pdbx_struct_assembly_gen.assembly_id       1 
_pdbx_struct_assembly_gen.oper_expression   1 
_pdbx_struct_assembly_gen.asym_id_list      A,B,C,D,E,F 
# 
_pdbx_struct_assembly_auth_evidence.id                     1 
_pdbx_struct_assembly_auth_evidence.assembly_id            1 
_pdbx_struct_assembly_auth_evidence.experimental_support   none 
_pdbx_struct_assembly_auth_evidence.details                ? 
# 
_pdbx_struct_oper_list.id                   1 
_pdbx_struct_oper_list.type                 'identity operation' 
_pdbx_struct_oper_list.name                 1_555 
_pdbx_struct_oper_list.symmetry_operation   x,y,z 
_pdbx_struct_oper_list.matrix[1][1]         1.0000000000 
_pdbx_struct_oper_list.matrix[1][2]         0.0000000000 
_pdbx_struct_oper_list.matrix[1][3]         0.0000000000 
_pdbx_struct_oper_list.vector[1]            0.0000000000 
_pdbx_struct_oper_list.matrix[2][1]         0.0000000000 
_pdbx_struct_oper_list.matrix[2][2]         1.0000000000 
_pdbx_struct_oper_list.matrix[2][3]         0.0000000000 
_pdbx_struct_oper_list.vector[2]            0.0000000000 
_pdbx_struct_oper_list.matrix[3][1]         0.0000000000 
_pdbx_struct_oper_list.matrix[3][2]         0.0000000000 
_pdbx_struct_oper_list.matrix[3][3]         1.0000000000 
_pdbx_struct_oper_list.vector[3]            0.0000000000 
# 
_struct_mon_prot_cis.pdbx_id                1 
_struct_mon_prot_cis.label_comp_id          VAL 
_struct_mon_prot_cis.label_seq_id           13 
_struct_mon_prot_cis.label_asym_id          A 
_struct_mon_prot_cis.label_alt_id           . 
_struct_mon_prot_cis.pdbx_PDB_ins_code      ? 
_struct_mon_prot_cis.auth_comp_id           VAL 
_struct_mon_prot_cis.auth_seq_id            13 
_struct_mon_prot_cis.auth_asym_id           A 
_struct_mon_prot_cis.pdbx_label_comp_id_2   PRO 
_struct_mon_prot_cis.pdbx_label_seq_id_2    14 
_struct_mon_prot_cis.pdbx_label_asym_id_2   A 
_struct_mon_prot_cis.pdbx_PDB_ins_code_2    ? 
_struct_mon_prot_cis.pdbx_auth_comp_id_2    PRO 
_struct_mon_prot_cis.pdbx_auth_seq_id_2     14 
_struct_mon_prot_cis.pdbx_auth_asym_id_2    A 
_struct_mon_prot_cis.pdbx_PDB_model_num     1 
_struct_mon_prot_cis.pdbx_omega_angle       -6.24 
# 
loop_
_struct_sheet.id 
_struct_sheet.type 
_struct_sheet.number_strands 
_struct_sheet.details 
AA1 ? 4 ? 
AA2 ? 4 ? 
# 
loop_
_struct_sheet_order.sheet_id 
_struct_sheet_order.range_id_1 
_struct_sheet_order.range_id_2 
_struct_sheet_order.offset 
_struct_sheet_order.sense 
AA1 1 2 ? anti-parallel 
AA1 2 3 ? anti-parallel 
AA1 3 4 ? anti-parallel 
AA2 1 2 ? anti-parallel 
AA2 2 3 ? anti-parallel 
AA2 3 4 ? anti-parallel 
# 
loop_
_struct_sheet_range.sheet_id 
_struct_sheet_range.id 
_struct_sheet_range.beg_label_comp_id 
_struct_sheet_range.beg_label_asym_id 
_struct_sheet_range.beg_label_seq_id 
_struct_sheet_range.pdbx_beg_PDB_ins_code 
_struct_sheet_range.end_label_comp_id 
_struct_sheet_range.end_label_asym_id 
_struct_sheet_range.end_label_seq_id 
_struct_sheet_range.pdbx_end_PDB_ins_code 
_struct_sheet_range.beg_auth_comp_id 
_struct_sheet_range.beg_auth_asym_id 
_struct_sheet_range.beg_auth_seq_id 
_struct_sheet_range.end_auth_comp_id 
_struct_sheet_range.end_auth_asym_id 
_struct_sheet_range.end_auth_seq_id 
AA1 1 GLN A 4  ? TRP A 10 ? GLN A 4  TRP A 10 
AA1 2 SER A 15 ? ASN A 22 ? SER A 15 ASN A 22 
AA1 3 ARG A 25 ? TRP A 31 ? ARG A 25 TRP A 31 
AA1 4 TRP A 36 ? PRO A 44 ? TRP A 36 PRO A 44 
AA2 1 ASN A 47 ? VAL A 55 ? ASN A 47 VAL A 55 
AA2 2 ALA A 58 ? THR A 67 ? ALA A 58 THR A 67 
AA2 3 THR A 70 ? TRP A 76 ? THR A 70 TRP A 76 
AA2 4 TRP A 81 ? ARG A 83 ? TRP A 81 ARG A 83 
# 
loop_
_pdbx_struct_sheet_hbond.sheet_id 
_pdbx_struct_sheet_hbond.range_id_1 
_pdbx_struct_sheet_hbond.range_id_2 
_pdbx_struct_sheet_hbond.range_1_label_atom_id 
_pdbx_struct_sheet_hbond.range_1_label_comp_id 
_pdbx_struct_sheet_hbond.range_1_label_asym_id 
_pdbx_struct_sheet_hbond.range_1_label_seq_id 
_pdbx_struct_sheet_hbond.range_1_PDB_ins_code 
_pdbx_struct_sheet_hbond.range_1_auth_atom_id 
_pdbx_struct_sheet_hbond.range_1_auth_comp_id 
_pdbx_struct_sheet_hbond.range_1_auth_asym_id 
_pdbx_struct_sheet_hbond.range_1_auth_seq_id 
_pdbx_struct_sheet_hbond.range_2_label_atom_id 
_pdbx_struct_sheet_hbond.range_2_label_comp_id 
_pdbx_struct_sheet_hbond.range_2_label_asym_id 
_pdbx_struct_sheet_hbond.range_2_label_seq_id 
_pdbx_struct_sheet_hbond.range_2_PDB_ins_code 
_pdbx_struct_sheet_hbond.range_2_auth_atom_id 
_pdbx_struct_sheet_hbond.range_2_auth_comp_id 
_pdbx_struct_sheet_hbond.range_2_auth_asym_id 
_pdbx_struct_sheet_hbond.range_2_auth_seq_id 
AA1 1 2 N ALA A 6  ? N ALA A 6  O TYR A 19 ? O TYR A 19 
AA1 2 3 N ASN A 22 ? N ASN A 22 O ARG A 25 ? O ARG A 25 
AA1 3 4 N CYS A 30 ? N CYS A 30 O TYR A 37 ? O TYR A 37 
AA2 1 2 N THR A 51 ? N THR A 51 O ARG A 62 ? O ARG A 62 
AA2 2 3 N ALA A 65 ? N ALA A 65 O THR A 72 ? O THR A 72 
AA2 3 4 N CYS A 75 ? N CYS A 75 O THR A 82 ? O THR A 82 
# 
_pdbx_entry_details.entry_id                   9HRZ 
_pdbx_entry_details.nonpolymer_details         ? 
_pdbx_entry_details.sequence_details           ? 
_pdbx_entry_details.compound_details           ? 
_pdbx_entry_details.source_details             ? 
_pdbx_entry_details.has_ligand_of_interest     Y 
_pdbx_entry_details.has_protein_modification   N 
# 
loop_
_pdbx_validate_torsion.id 
_pdbx_validate_torsion.PDB_model_num 
_pdbx_validate_torsion.auth_comp_id 
_pdbx_validate_torsion.auth_asym_id 
_pdbx_validate_torsion.auth_seq_id 
_pdbx_validate_torsion.PDB_ins_code 
_pdbx_validate_torsion.label_alt_id 
_pdbx_validate_torsion.phi 
_pdbx_validate_torsion.psi 
1 1 ARG A 34 ? ? -144.47 38.77 
2 1 ASN A 79 ? ? -148.03 46.05 
# 
_pdbx_validate_planes.id              1 
_pdbx_validate_planes.PDB_model_num   1 
_pdbx_validate_planes.auth_comp_id    ARG 
_pdbx_validate_planes.auth_asym_id    A 
_pdbx_validate_planes.auth_seq_id     34 
_pdbx_validate_planes.PDB_ins_code    ? 
_pdbx_validate_planes.label_alt_id    ? 
_pdbx_validate_planes.rmsd            0.178 
_pdbx_validate_planes.type            'SIDE CHAIN' 
# 
loop_
_pdbx_struct_special_symmetry.id 
_pdbx_struct_special_symmetry.PDB_model_num 
_pdbx_struct_special_symmetry.auth_asym_id 
_pdbx_struct_special_symmetry.auth_comp_id 
_pdbx_struct_special_symmetry.auth_seq_id 
_pdbx_struct_special_symmetry.PDB_ins_code 
_pdbx_struct_special_symmetry.label_asym_id 
_pdbx_struct_special_symmetry.label_comp_id 
_pdbx_struct_special_symmetry.label_seq_id 
1 1 A ARG 34  ? A ARG 34 
2 1 A HOH 219 ? F HOH .  
3 1 A HOH 290 ? F HOH .  
4 1 A HOH 293 ? F HOH .  
5 1 A HOH 299 ? F HOH .  
6 1 A HOH 307 ? F HOH .  
7 1 A HOH 309 ? F HOH .  
# 
loop_
_space_group_symop.id 
_space_group_symop.operation_xyz 
1 x,y,z                 
2 -y,x-y,z              
3 -x+y,-x,z             
4 x+1/3,y+2/3,z+2/3     
5 -y+1/3,x-y+2/3,z+2/3  
6 -x+y+1/3,-x+2/3,z+2/3 
7 x+2/3,y+1/3,z+1/3     
8 -y+2/3,x-y+1/3,z+1/3  
9 -x+y+2/3,-x+1/3,z+1/3 
# 
_pdbx_distant_solvent_atoms.id                                1 
_pdbx_distant_solvent_atoms.PDB_model_num                     1 
_pdbx_distant_solvent_atoms.auth_atom_id                      O 
_pdbx_distant_solvent_atoms.label_alt_id                      ? 
_pdbx_distant_solvent_atoms.auth_asym_id                      A 
_pdbx_distant_solvent_atoms.auth_comp_id                      HOH 
_pdbx_distant_solvent_atoms.auth_seq_id                       309 
_pdbx_distant_solvent_atoms.PDB_ins_code                      ? 
_pdbx_distant_solvent_atoms.neighbor_macromolecule_distance   6.35 
_pdbx_distant_solvent_atoms.neighbor_ligand_distance          . 
# 
_pdbx_unobs_or_zero_occ_residues.id               1 
_pdbx_unobs_or_zero_occ_residues.PDB_model_num    1 
_pdbx_unobs_or_zero_occ_residues.polymer_flag     Y 
_pdbx_unobs_or_zero_occ_residues.occupancy_flag   0 
_pdbx_unobs_or_zero_occ_residues.auth_asym_id     A 
_pdbx_unobs_or_zero_occ_residues.auth_comp_id     ASN 
_pdbx_unobs_or_zero_occ_residues.auth_seq_id      90 
_pdbx_unobs_or_zero_occ_residues.PDB_ins_code     ? 
_pdbx_unobs_or_zero_occ_residues.label_asym_id    A 
_pdbx_unobs_or_zero_occ_residues.label_comp_id    ASN 
_pdbx_unobs_or_zero_occ_residues.label_seq_id     90 
# 
loop_
_chem_comp_atom.comp_id 
_chem_comp_atom.atom_id 
_chem_comp_atom.type_symbol 
_chem_comp_atom.pdbx_aromatic_flag 
_chem_comp_atom.pdbx_stereo_config 
_chem_comp_atom.pdbx_ordinal 
A1IXG P    P N N 1   
A1IXG C1   C Y N 2   
A1IXG O1   O N N 3   
A1IXG C    C Y N 4   
A1IXG O    O N N 5   
A1IXG C10  C Y N 6   
A1IXG C11  C Y N 7   
A1IXG C12  C N N 8   
A1IXG C13  C Y N 9   
A1IXG C14  C Y N 10  
A1IXG C15  C Y N 11  
A1IXG C16  C N N 12  
A1IXG C17  C Y N 13  
A1IXG C18  C N N 14  
A1IXG C19  C Y N 15  
A1IXG C2   C N N 16  
A1IXG C20  C Y N 17  
A1IXG C21  C N N 18  
A1IXG C22  C Y N 19  
A1IXG C23  C Y N 20  
A1IXG C24  C N N 21  
A1IXG C25  C Y N 22  
A1IXG C26  C N N 23  
A1IXG C3   C Y N 24  
A1IXG C4   C Y N 25  
A1IXG C5   C Y N 26  
A1IXG C6   C Y N 27  
A1IXG C7   C N N 28  
A1IXG C8   C Y N 29  
A1IXG C9   C N N 30  
A1IXG O10  O N N 31  
A1IXG O11  O N N 32  
A1IXG O2   O N N 33  
A1IXG O3   O N N 34  
A1IXG O4   O N N 35  
A1IXG O5   O N N 36  
A1IXG O6   O N N 37  
A1IXG O7   O N N 38  
A1IXG O8   O N N 39  
A1IXG O9   O N N 40  
A1IXG P1   P N N 41  
A1IXG P2   P N N 42  
A1IXG H9   H N N 43  
A1IXG H8   H N N 44  
A1IXG H11  H N N 45  
A1IXG H12  H N N 46  
A1IXG H10  H N N 47  
A1IXG H14  H N N 48  
A1IXG H15  H N N 49  
A1IXG H13  H N N 50  
A1IXG H1   H N N 51  
A1IXG H    H N N 52  
A1IXG H17  H N N 53  
A1IXG H16  H N N 54  
A1IXG H20  H N N 55  
A1IXG H19  H N N 56  
A1IXG H18  H N N 57  
A1IXG H23  H N N 58  
A1IXG H22  H N N 59  
A1IXG H21  H N N 60  
A1IXG H4   H N N 61  
A1IXG H2   H N N 62  
A1IXG H3   H N N 63  
A1IXG H7   H N N 64  
A1IXG H5   H N N 65  
A1IXG H6   H N N 66  
A1IXG H24  H N N 67  
A1IXG H25  H N N 68  
A1IXG H26  H N N 69  
ALA   N    N N N 70  
ALA   CA   C N S 71  
ALA   C    C N N 72  
ALA   O    O N N 73  
ALA   CB   C N N 74  
ALA   OXT  O N N 75  
ALA   H    H N N 76  
ALA   H2   H N N 77  
ALA   HA   H N N 78  
ALA   HB1  H N N 79  
ALA   HB2  H N N 80  
ALA   HB3  H N N 81  
ALA   HXT  H N N 82  
ARG   N    N N N 83  
ARG   CA   C N S 84  
ARG   C    C N N 85  
ARG   O    O N N 86  
ARG   CB   C N N 87  
ARG   CG   C N N 88  
ARG   CD   C N N 89  
ARG   NE   N N N 90  
ARG   CZ   C N N 91  
ARG   NH1  N N N 92  
ARG   NH2  N N N 93  
ARG   OXT  O N N 94  
ARG   H    H N N 95  
ARG   H2   H N N 96  
ARG   HA   H N N 97  
ARG   HB2  H N N 98  
ARG   HB3  H N N 99  
ARG   HG2  H N N 100 
ARG   HG3  H N N 101 
ARG   HD2  H N N 102 
ARG   HD3  H N N 103 
ARG   HE   H N N 104 
ARG   HH11 H N N 105 
ARG   HH12 H N N 106 
ARG   HH21 H N N 107 
ARG   HH22 H N N 108 
ARG   HXT  H N N 109 
ASN   N    N N N 110 
ASN   CA   C N S 111 
ASN   C    C N N 112 
ASN   O    O N N 113 
ASN   CB   C N N 114 
ASN   CG   C N N 115 
ASN   OD1  O N N 116 
ASN   ND2  N N N 117 
ASN   OXT  O N N 118 
ASN   H    H N N 119 
ASN   H2   H N N 120 
ASN   HA   H N N 121 
ASN   HB2  H N N 122 
ASN   HB3  H N N 123 
ASN   HD21 H N N 124 
ASN   HD22 H N N 125 
ASN   HXT  H N N 126 
ASP   N    N N N 127 
ASP   CA   C N S 128 
ASP   C    C N N 129 
ASP   O    O N N 130 
ASP   CB   C N N 131 
ASP   CG   C N N 132 
ASP   OD1  O N N 133 
ASP   OD2  O N N 134 
ASP   OXT  O N N 135 
ASP   H    H N N 136 
ASP   H2   H N N 137 
ASP   HA   H N N 138 
ASP   HB2  H N N 139 
ASP   HB3  H N N 140 
ASP   HD2  H N N 141 
ASP   HXT  H N N 142 
BDF   C1   C N N 143 
BDF   C2   C N R 144 
BDF   C3   C N S 145 
BDF   C4   C N R 146 
BDF   C5   C N R 147 
BDF   C6   C N N 148 
BDF   O1   O N N 149 
BDF   O2   O N N 150 
BDF   O3   O N N 151 
BDF   O4   O N N 152 
BDF   O5   O N N 153 
BDF   O6   O N N 154 
BDF   H11  H N N 155 
BDF   H12  H N N 156 
BDF   H3   H N N 157 
BDF   H4   H N N 158 
BDF   H5   H N N 159 
BDF   H61  H N N 160 
BDF   H62  H N N 161 
BDF   HO1  H N N 162 
BDF   HO2  H N N 163 
BDF   HO3  H N N 164 
BDF   HO4  H N N 165 
BDF   HO5  H N N 166 
CYS   N    N N N 167 
CYS   CA   C N R 168 
CYS   C    C N N 169 
CYS   O    O N N 170 
CYS   CB   C N N 171 
CYS   SG   S N N 172 
CYS   OXT  O N N 173 
CYS   H    H N N 174 
CYS   H2   H N N 175 
CYS   HA   H N N 176 
CYS   HB2  H N N 177 
CYS   HB3  H N N 178 
CYS   HG   H N N 179 
CYS   HXT  H N N 180 
GLN   N    N N N 181 
GLN   CA   C N S 182 
GLN   C    C N N 183 
GLN   O    O N N 184 
GLN   CB   C N N 185 
GLN   CG   C N N 186 
GLN   CD   C N N 187 
GLN   OE1  O N N 188 
GLN   NE2  N N N 189 
GLN   OXT  O N N 190 
GLN   H    H N N 191 
GLN   H2   H N N 192 
GLN   HA   H N N 193 
GLN   HB2  H N N 194 
GLN   HB3  H N N 195 
GLN   HG2  H N N 196 
GLN   HG3  H N N 197 
GLN   HE21 H N N 198 
GLN   HE22 H N N 199 
GLN   HXT  H N N 200 
GLU   N    N N N 201 
GLU   CA   C N S 202 
GLU   C    C N N 203 
GLU   O    O N N 204 
GLU   CB   C N N 205 
GLU   CG   C N N 206 
GLU   CD   C N N 207 
GLU   OE1  O N N 208 
GLU   OE2  O N N 209 
GLU   OXT  O N N 210 
GLU   H    H N N 211 
GLU   H2   H N N 212 
GLU   HA   H N N 213 
GLU   HB2  H N N 214 
GLU   HB3  H N N 215 
GLU   HG2  H N N 216 
GLU   HG3  H N N 217 
GLU   HE2  H N N 218 
GLU   HXT  H N N 219 
GLY   N    N N N 220 
GLY   CA   C N N 221 
GLY   C    C N N 222 
GLY   O    O N N 223 
GLY   OXT  O N N 224 
GLY   H    H N N 225 
GLY   H2   H N N 226 
GLY   HA2  H N N 227 
GLY   HA3  H N N 228 
GLY   HXT  H N N 229 
HIS   N    N N N 230 
HIS   CA   C N S 231 
HIS   C    C N N 232 
HIS   O    O N N 233 
HIS   CB   C N N 234 
HIS   CG   C Y N 235 
HIS   ND1  N Y N 236 
HIS   CD2  C Y N 237 
HIS   CE1  C Y N 238 
HIS   NE2  N Y N 239 
HIS   OXT  O N N 240 
HIS   H    H N N 241 
HIS   H2   H N N 242 
HIS   HA   H N N 243 
HIS   HB2  H N N 244 
HIS   HB3  H N N 245 
HIS   HD1  H N N 246 
HIS   HD2  H N N 247 
HIS   HE1  H N N 248 
HIS   HE2  H N N 249 
HIS   HXT  H N N 250 
HOH   O    O N N 251 
HOH   H1   H N N 252 
HOH   H2   H N N 253 
ILE   N    N N N 254 
ILE   CA   C N S 255 
ILE   C    C N N 256 
ILE   O    O N N 257 
ILE   CB   C N S 258 
ILE   CG1  C N N 259 
ILE   CG2  C N N 260 
ILE   CD1  C N N 261 
ILE   OXT  O N N 262 
ILE   H    H N N 263 
ILE   H2   H N N 264 
ILE   HA   H N N 265 
ILE   HB   H N N 266 
ILE   HG12 H N N 267 
ILE   HG13 H N N 268 
ILE   HG21 H N N 269 
ILE   HG22 H N N 270 
ILE   HG23 H N N 271 
ILE   HD11 H N N 272 
ILE   HD12 H N N 273 
ILE   HD13 H N N 274 
ILE   HXT  H N N 275 
LEU   N    N N N 276 
LEU   CA   C N S 277 
LEU   C    C N N 278 
LEU   O    O N N 279 
LEU   CB   C N N 280 
LEU   CG   C N N 281 
LEU   CD1  C N N 282 
LEU   CD2  C N N 283 
LEU   OXT  O N N 284 
LEU   H    H N N 285 
LEU   H2   H N N 286 
LEU   HA   H N N 287 
LEU   HB2  H N N 288 
LEU   HB3  H N N 289 
LEU   HG   H N N 290 
LEU   HD11 H N N 291 
LEU   HD12 H N N 292 
LEU   HD13 H N N 293 
LEU   HD21 H N N 294 
LEU   HD22 H N N 295 
LEU   HD23 H N N 296 
LEU   HXT  H N N 297 
LYS   N    N N N 298 
LYS   CA   C N S 299 
LYS   C    C N N 300 
LYS   O    O N N 301 
LYS   CB   C N N 302 
LYS   CG   C N N 303 
LYS   CD   C N N 304 
LYS   CE   C N N 305 
LYS   NZ   N N N 306 
LYS   OXT  O N N 307 
LYS   H    H N N 308 
LYS   H2   H N N 309 
LYS   HA   H N N 310 
LYS   HB2  H N N 311 
LYS   HB3  H N N 312 
LYS   HG2  H N N 313 
LYS   HG3  H N N 314 
LYS   HD2  H N N 315 
LYS   HD3  H N N 316 
LYS   HE2  H N N 317 
LYS   HE3  H N N 318 
LYS   HZ1  H N N 319 
LYS   HZ2  H N N 320 
LYS   HZ3  H N N 321 
LYS   HXT  H N N 322 
PHE   N    N N N 323 
PHE   CA   C N S 324 
PHE   C    C N N 325 
PHE   O    O N N 326 
PHE   CB   C N N 327 
PHE   CG   C Y N 328 
PHE   CD1  C Y N 329 
PHE   CD2  C Y N 330 
PHE   CE1  C Y N 331 
PHE   CE2  C Y N 332 
PHE   CZ   C Y N 333 
PHE   OXT  O N N 334 
PHE   H    H N N 335 
PHE   H2   H N N 336 
PHE   HA   H N N 337 
PHE   HB2  H N N 338 
PHE   HB3  H N N 339 
PHE   HD1  H N N 340 
PHE   HD2  H N N 341 
PHE   HE1  H N N 342 
PHE   HE2  H N N 343 
PHE   HZ   H N N 344 
PHE   HXT  H N N 345 
PRO   N    N N N 346 
PRO   CA   C N S 347 
PRO   C    C N N 348 
PRO   O    O N N 349 
PRO   CB   C N N 350 
PRO   CG   C N N 351 
PRO   CD   C N N 352 
PRO   OXT  O N N 353 
PRO   H    H N N 354 
PRO   HA   H N N 355 
PRO   HB2  H N N 356 
PRO   HB3  H N N 357 
PRO   HG2  H N N 358 
PRO   HG3  H N N 359 
PRO   HD2  H N N 360 
PRO   HD3  H N N 361 
PRO   HXT  H N N 362 
SER   N    N N N 363 
SER   CA   C N S 364 
SER   C    C N N 365 
SER   O    O N N 366 
SER   CB   C N N 367 
SER   OG   O N N 368 
SER   OXT  O N N 369 
SER   H    H N N 370 
SER   H2   H N N 371 
SER   HA   H N N 372 
SER   HB2  H N N 373 
SER   HB3  H N N 374 
SER   HG   H N N 375 
SER   HXT  H N N 376 
THR   N    N N N 377 
THR   CA   C N S 378 
THR   C    C N N 379 
THR   O    O N N 380 
THR   CB   C N R 381 
THR   OG1  O N N 382 
THR   CG2  C N N 383 
THR   OXT  O N N 384 
THR   H    H N N 385 
THR   H2   H N N 386 
THR   HA   H N N 387 
THR   HB   H N N 388 
THR   HG1  H N N 389 
THR   HG21 H N N 390 
THR   HG22 H N N 391 
THR   HG23 H N N 392 
THR   HXT  H N N 393 
TRP   N    N N N 394 
TRP   CA   C N S 395 
TRP   C    C N N 396 
TRP   O    O N N 397 
TRP   CB   C N N 398 
TRP   CG   C Y N 399 
TRP   CD1  C Y N 400 
TRP   CD2  C Y N 401 
TRP   NE1  N Y N 402 
TRP   CE2  C Y N 403 
TRP   CE3  C Y N 404 
TRP   CZ2  C Y N 405 
TRP   CZ3  C Y N 406 
TRP   CH2  C Y N 407 
TRP   OXT  O N N 408 
TRP   H    H N N 409 
TRP   H2   H N N 410 
TRP   HA   H N N 411 
TRP   HB2  H N N 412 
TRP   HB3  H N N 413 
TRP   HD1  H N N 414 
TRP   HE1  H N N 415 
TRP   HE3  H N N 416 
TRP   HZ2  H N N 417 
TRP   HZ3  H N N 418 
TRP   HH2  H N N 419 
TRP   HXT  H N N 420 
TYR   N    N N N 421 
TYR   CA   C N S 422 
TYR   C    C N N 423 
TYR   O    O N N 424 
TYR   CB   C N N 425 
TYR   CG   C Y N 426 
TYR   CD1  C Y N 427 
TYR   CD2  C Y N 428 
TYR   CE1  C Y N 429 
TYR   CE2  C Y N 430 
TYR   CZ   C Y N 431 
TYR   OH   O N N 432 
TYR   OXT  O N N 433 
TYR   H    H N N 434 
TYR   H2   H N N 435 
TYR   HA   H N N 436 
TYR   HB2  H N N 437 
TYR   HB3  H N N 438 
TYR   HD1  H N N 439 
TYR   HD2  H N N 440 
TYR   HE1  H N N 441 
TYR   HE2  H N N 442 
TYR   HH   H N N 443 
TYR   HXT  H N N 444 
VAL   N    N N N 445 
VAL   CA   C N S 446 
VAL   C    C N N 447 
VAL   O    O N N 448 
VAL   CB   C N N 449 
VAL   CG1  C N N 450 
VAL   CG2  C N N 451 
VAL   OXT  O N N 452 
VAL   H    H N N 453 
VAL   H2   H N N 454 
VAL   HA   H N N 455 
VAL   HB   H N N 456 
VAL   HG11 H N N 457 
VAL   HG12 H N N 458 
VAL   HG13 H N N 459 
VAL   HG21 H N N 460 
VAL   HG22 H N N 461 
VAL   HG23 H N N 462 
VAL   HXT  H N N 463 
# 
loop_
_chem_comp_bond.comp_id 
_chem_comp_bond.atom_id_1 
_chem_comp_bond.atom_id_2 
_chem_comp_bond.value_order 
_chem_comp_bond.pdbx_aromatic_flag 
_chem_comp_bond.pdbx_stereo_config 
_chem_comp_bond.pdbx_ordinal 
A1IXG O   P    doub N N 1   
A1IXG P   O1   sing N N 2   
A1IXG O1  C    sing N N 3   
A1IXG C   C1   doub Y N 4   
A1IXG C1  C2   sing N N 5   
A1IXG C2  C3   sing N N 6   
A1IXG C3  C4   doub Y N 7   
A1IXG C4  C5   sing Y N 8   
A1IXG O2  C5   sing N N 9   
A1IXG P1  O2   sing N N 10  
A1IXG O3  P1   doub N N 11  
A1IXG O4  P1   sing N N 12  
A1IXG C5  C6   doub Y N 13  
A1IXG C7  C6   sing N N 14  
A1IXG C6  C8   sing Y N 15  
A1IXG C9  C8   sing N N 16  
A1IXG C8  C10  doub Y N 17  
A1IXG C3  C10  sing Y N 18  
A1IXG C10 O5   sing N N 19  
A1IXG O5  P    sing N N 20  
A1IXG C1  C11  sing Y N 21  
A1IXG C11 C12  sing N N 22  
A1IXG C12 C13  sing N N 23  
A1IXG C13 C14  doub Y N 24  
A1IXG O6  C14  sing N N 25  
A1IXG P2  O6   sing N N 26  
A1IXG O7  P2   doub N N 27  
A1IXG O8  P2   sing N N 28  
A1IXG C14 C15  sing Y N 29  
A1IXG C16 C15  sing N N 30  
A1IXG C15 C17  doub Y N 31  
A1IXG C18 C17  sing N N 32  
A1IXG C17 C19  sing Y N 33  
A1IXG C19 O9   sing N N 34  
A1IXG O9  P1   sing N N 35  
A1IXG C20 C19  doub Y N 36  
A1IXG C13 C20  sing Y N 37  
A1IXG C21 C20  sing N N 38  
A1IXG C4  C21  sing N N 39  
A1IXG C11 C22  doub Y N 40  
A1IXG C22 O10  sing N N 41  
A1IXG O10 P2   sing N N 42  
A1IXG C23 C22  sing Y N 43  
A1IXG C24 C23  sing N N 44  
A1IXG C25 C23  doub Y N 45  
A1IXG C   C25  sing Y N 46  
A1IXG C26 C25  sing N N 47  
A1IXG P   O11  sing N N 48  
A1IXG C12 H9   sing N N 49  
A1IXG C12 H8   sing N N 50  
A1IXG C16 H11  sing N N 51  
A1IXG C16 H12  sing N N 52  
A1IXG C16 H10  sing N N 53  
A1IXG C18 H14  sing N N 54  
A1IXG C18 H15  sing N N 55  
A1IXG C18 H13  sing N N 56  
A1IXG C2  H1   sing N N 57  
A1IXG C2  H    sing N N 58  
A1IXG C21 H17  sing N N 59  
A1IXG C21 H16  sing N N 60  
A1IXG C24 H20  sing N N 61  
A1IXG C24 H19  sing N N 62  
A1IXG C24 H18  sing N N 63  
A1IXG C26 H23  sing N N 64  
A1IXG C26 H22  sing N N 65  
A1IXG C26 H21  sing N N 66  
A1IXG C7  H4   sing N N 67  
A1IXG C7  H2   sing N N 68  
A1IXG C7  H3   sing N N 69  
A1IXG C9  H7   sing N N 70  
A1IXG C9  H5   sing N N 71  
A1IXG C9  H6   sing N N 72  
A1IXG O11 H24  sing N N 73  
A1IXG O4  H25  sing N N 74  
A1IXG O8  H26  sing N N 75  
ALA   N   CA   sing N N 76  
ALA   N   H    sing N N 77  
ALA   N   H2   sing N N 78  
ALA   CA  C    sing N N 79  
ALA   CA  CB   sing N N 80  
ALA   CA  HA   sing N N 81  
ALA   C   O    doub N N 82  
ALA   C   OXT  sing N N 83  
ALA   CB  HB1  sing N N 84  
ALA   CB  HB2  sing N N 85  
ALA   CB  HB3  sing N N 86  
ALA   OXT HXT  sing N N 87  
ARG   N   CA   sing N N 88  
ARG   N   H    sing N N 89  
ARG   N   H2   sing N N 90  
ARG   CA  C    sing N N 91  
ARG   CA  CB   sing N N 92  
ARG   CA  HA   sing N N 93  
ARG   C   O    doub N N 94  
ARG   C   OXT  sing N N 95  
ARG   CB  CG   sing N N 96  
ARG   CB  HB2  sing N N 97  
ARG   CB  HB3  sing N N 98  
ARG   CG  CD   sing N N 99  
ARG   CG  HG2  sing N N 100 
ARG   CG  HG3  sing N N 101 
ARG   CD  NE   sing N N 102 
ARG   CD  HD2  sing N N 103 
ARG   CD  HD3  sing N N 104 
ARG   NE  CZ   sing N N 105 
ARG   NE  HE   sing N N 106 
ARG   CZ  NH1  sing N N 107 
ARG   CZ  NH2  doub N N 108 
ARG   NH1 HH11 sing N N 109 
ARG   NH1 HH12 sing N N 110 
ARG   NH2 HH21 sing N N 111 
ARG   NH2 HH22 sing N N 112 
ARG   OXT HXT  sing N N 113 
ASN   N   CA   sing N N 114 
ASN   N   H    sing N N 115 
ASN   N   H2   sing N N 116 
ASN   CA  C    sing N N 117 
ASN   CA  CB   sing N N 118 
ASN   CA  HA   sing N N 119 
ASN   C   O    doub N N 120 
ASN   C   OXT  sing N N 121 
ASN   CB  CG   sing N N 122 
ASN   CB  HB2  sing N N 123 
ASN   CB  HB3  sing N N 124 
ASN   CG  OD1  doub N N 125 
ASN   CG  ND2  sing N N 126 
ASN   ND2 HD21 sing N N 127 
ASN   ND2 HD22 sing N N 128 
ASN   OXT HXT  sing N N 129 
ASP   N   CA   sing N N 130 
ASP   N   H    sing N N 131 
ASP   N   H2   sing N N 132 
ASP   CA  C    sing N N 133 
ASP   CA  CB   sing N N 134 
ASP   CA  HA   sing N N 135 
ASP   C   O    doub N N 136 
ASP   C   OXT  sing N N 137 
ASP   CB  CG   sing N N 138 
ASP   CB  HB2  sing N N 139 
ASP   CB  HB3  sing N N 140 
ASP   CG  OD1  doub N N 141 
ASP   CG  OD2  sing N N 142 
ASP   OD2 HD2  sing N N 143 
ASP   OXT HXT  sing N N 144 
BDF   C1  C2   sing N N 145 
BDF   C1  O1   sing N N 146 
BDF   C1  H11  sing N N 147 
BDF   C1  H12  sing N N 148 
BDF   C2  C3   sing N N 149 
BDF   C2  O2   sing N N 150 
BDF   C2  O6   sing N N 151 
BDF   C3  C4   sing N N 152 
BDF   C3  O3   sing N N 153 
BDF   C3  H3   sing N N 154 
BDF   C4  C5   sing N N 155 
BDF   C4  O4   sing N N 156 
BDF   C4  H4   sing N N 157 
BDF   C5  C6   sing N N 158 
BDF   C5  O5   sing N N 159 
BDF   C5  H5   sing N N 160 
BDF   C6  O6   sing N N 161 
BDF   C6  H61  sing N N 162 
BDF   C6  H62  sing N N 163 
BDF   O1  HO1  sing N N 164 
BDF   O2  HO2  sing N N 165 
BDF   O3  HO3  sing N N 166 
BDF   O4  HO4  sing N N 167 
BDF   O5  HO5  sing N N 168 
CYS   N   CA   sing N N 169 
CYS   N   H    sing N N 170 
CYS   N   H2   sing N N 171 
CYS   CA  C    sing N N 172 
CYS   CA  CB   sing N N 173 
CYS   CA  HA   sing N N 174 
CYS   C   O    doub N N 175 
CYS   C   OXT  sing N N 176 
CYS   CB  SG   sing N N 177 
CYS   CB  HB2  sing N N 178 
CYS   CB  HB3  sing N N 179 
CYS   SG  HG   sing N N 180 
CYS   OXT HXT  sing N N 181 
GLN   N   CA   sing N N 182 
GLN   N   H    sing N N 183 
GLN   N   H2   sing N N 184 
GLN   CA  C    sing N N 185 
GLN   CA  CB   sing N N 186 
GLN   CA  HA   sing N N 187 
GLN   C   O    doub N N 188 
GLN   C   OXT  sing N N 189 
GLN   CB  CG   sing N N 190 
GLN   CB  HB2  sing N N 191 
GLN   CB  HB3  sing N N 192 
GLN   CG  CD   sing N N 193 
GLN   CG  HG2  sing N N 194 
GLN   CG  HG3  sing N N 195 
GLN   CD  OE1  doub N N 196 
GLN   CD  NE2  sing N N 197 
GLN   NE2 HE21 sing N N 198 
GLN   NE2 HE22 sing N N 199 
GLN   OXT HXT  sing N N 200 
GLU   N   CA   sing N N 201 
GLU   N   H    sing N N 202 
GLU   N   H2   sing N N 203 
GLU   CA  C    sing N N 204 
GLU   CA  CB   sing N N 205 
GLU   CA  HA   sing N N 206 
GLU   C   O    doub N N 207 
GLU   C   OXT  sing N N 208 
GLU   CB  CG   sing N N 209 
GLU   CB  HB2  sing N N 210 
GLU   CB  HB3  sing N N 211 
GLU   CG  CD   sing N N 212 
GLU   CG  HG2  sing N N 213 
GLU   CG  HG3  sing N N 214 
GLU   CD  OE1  doub N N 215 
GLU   CD  OE2  sing N N 216 
GLU   OE2 HE2  sing N N 217 
GLU   OXT HXT  sing N N 218 
GLY   N   CA   sing N N 219 
GLY   N   H    sing N N 220 
GLY   N   H2   sing N N 221 
GLY   CA  C    sing N N 222 
GLY   CA  HA2  sing N N 223 
GLY   CA  HA3  sing N N 224 
GLY   C   O    doub N N 225 
GLY   C   OXT  sing N N 226 
GLY   OXT HXT  sing N N 227 
HIS   N   CA   sing N N 228 
HIS   N   H    sing N N 229 
HIS   N   H2   sing N N 230 
HIS   CA  C    sing N N 231 
HIS   CA  CB   sing N N 232 
HIS   CA  HA   sing N N 233 
HIS   C   O    doub N N 234 
HIS   C   OXT  sing N N 235 
HIS   CB  CG   sing N N 236 
HIS   CB  HB2  sing N N 237 
HIS   CB  HB3  sing N N 238 
HIS   CG  ND1  sing Y N 239 
HIS   CG  CD2  doub Y N 240 
HIS   ND1 CE1  doub Y N 241 
HIS   ND1 HD1  sing N N 242 
HIS   CD2 NE2  sing Y N 243 
HIS   CD2 HD2  sing N N 244 
HIS   CE1 NE2  sing Y N 245 
HIS   CE1 HE1  sing N N 246 
HIS   NE2 HE2  sing N N 247 
HIS   OXT HXT  sing N N 248 
HOH   O   H1   sing N N 249 
HOH   O   H2   sing N N 250 
ILE   N   CA   sing N N 251 
ILE   N   H    sing N N 252 
ILE   N   H2   sing N N 253 
ILE   CA  C    sing N N 254 
ILE   CA  CB   sing N N 255 
ILE   CA  HA   sing N N 256 
ILE   C   O    doub N N 257 
ILE   C   OXT  sing N N 258 
ILE   CB  CG1  sing N N 259 
ILE   CB  CG2  sing N N 260 
ILE   CB  HB   sing N N 261 
ILE   CG1 CD1  sing N N 262 
ILE   CG1 HG12 sing N N 263 
ILE   CG1 HG13 sing N N 264 
ILE   CG2 HG21 sing N N 265 
ILE   CG2 HG22 sing N N 266 
ILE   CG2 HG23 sing N N 267 
ILE   CD1 HD11 sing N N 268 
ILE   CD1 HD12 sing N N 269 
ILE   CD1 HD13 sing N N 270 
ILE   OXT HXT  sing N N 271 
LEU   N   CA   sing N N 272 
LEU   N   H    sing N N 273 
LEU   N   H2   sing N N 274 
LEU   CA  C    sing N N 275 
LEU   CA  CB   sing N N 276 
LEU   CA  HA   sing N N 277 
LEU   C   O    doub N N 278 
LEU   C   OXT  sing N N 279 
LEU   CB  CG   sing N N 280 
LEU   CB  HB2  sing N N 281 
LEU   CB  HB3  sing N N 282 
LEU   CG  CD1  sing N N 283 
LEU   CG  CD2  sing N N 284 
LEU   CG  HG   sing N N 285 
LEU   CD1 HD11 sing N N 286 
LEU   CD1 HD12 sing N N 287 
LEU   CD1 HD13 sing N N 288 
LEU   CD2 HD21 sing N N 289 
LEU   CD2 HD22 sing N N 290 
LEU   CD2 HD23 sing N N 291 
LEU   OXT HXT  sing N N 292 
LYS   N   CA   sing N N 293 
LYS   N   H    sing N N 294 
LYS   N   H2   sing N N 295 
LYS   CA  C    sing N N 296 
LYS   CA  CB   sing N N 297 
LYS   CA  HA   sing N N 298 
LYS   C   O    doub N N 299 
LYS   C   OXT  sing N N 300 
LYS   CB  CG   sing N N 301 
LYS   CB  HB2  sing N N 302 
LYS   CB  HB3  sing N N 303 
LYS   CG  CD   sing N N 304 
LYS   CG  HG2  sing N N 305 
LYS   CG  HG3  sing N N 306 
LYS   CD  CE   sing N N 307 
LYS   CD  HD2  sing N N 308 
LYS   CD  HD3  sing N N 309 
LYS   CE  NZ   sing N N 310 
LYS   CE  HE2  sing N N 311 
LYS   CE  HE3  sing N N 312 
LYS   NZ  HZ1  sing N N 313 
LYS   NZ  HZ2  sing N N 314 
LYS   NZ  HZ3  sing N N 315 
LYS   OXT HXT  sing N N 316 
PHE   N   CA   sing N N 317 
PHE   N   H    sing N N 318 
PHE   N   H2   sing N N 319 
PHE   CA  C    sing N N 320 
PHE   CA  CB   sing N N 321 
PHE   CA  HA   sing N N 322 
PHE   C   O    doub N N 323 
PHE   C   OXT  sing N N 324 
PHE   CB  CG   sing N N 325 
PHE   CB  HB2  sing N N 326 
PHE   CB  HB3  sing N N 327 
PHE   CG  CD1  doub Y N 328 
PHE   CG  CD2  sing Y N 329 
PHE   CD1 CE1  sing Y N 330 
PHE   CD1 HD1  sing N N 331 
PHE   CD2 CE2  doub Y N 332 
PHE   CD2 HD2  sing N N 333 
PHE   CE1 CZ   doub Y N 334 
PHE   CE1 HE1  sing N N 335 
PHE   CE2 CZ   sing Y N 336 
PHE   CE2 HE2  sing N N 337 
PHE   CZ  HZ   sing N N 338 
PHE   OXT HXT  sing N N 339 
PRO   N   CA   sing N N 340 
PRO   N   CD   sing N N 341 
PRO   N   H    sing N N 342 
PRO   CA  C    sing N N 343 
PRO   CA  CB   sing N N 344 
PRO   CA  HA   sing N N 345 
PRO   C   O    doub N N 346 
PRO   C   OXT  sing N N 347 
PRO   CB  CG   sing N N 348 
PRO   CB  HB2  sing N N 349 
PRO   CB  HB3  sing N N 350 
PRO   CG  CD   sing N N 351 
PRO   CG  HG2  sing N N 352 
PRO   CG  HG3  sing N N 353 
PRO   CD  HD2  sing N N 354 
PRO   CD  HD3  sing N N 355 
PRO   OXT HXT  sing N N 356 
SER   N   CA   sing N N 357 
SER   N   H    sing N N 358 
SER   N   H2   sing N N 359 
SER   CA  C    sing N N 360 
SER   CA  CB   sing N N 361 
SER   CA  HA   sing N N 362 
SER   C   O    doub N N 363 
SER   C   OXT  sing N N 364 
SER   CB  OG   sing N N 365 
SER   CB  HB2  sing N N 366 
SER   CB  HB3  sing N N 367 
SER   OG  HG   sing N N 368 
SER   OXT HXT  sing N N 369 
THR   N   CA   sing N N 370 
THR   N   H    sing N N 371 
THR   N   H2   sing N N 372 
THR   CA  C    sing N N 373 
THR   CA  CB   sing N N 374 
THR   CA  HA   sing N N 375 
THR   C   O    doub N N 376 
THR   C   OXT  sing N N 377 
THR   CB  OG1  sing N N 378 
THR   CB  CG2  sing N N 379 
THR   CB  HB   sing N N 380 
THR   OG1 HG1  sing N N 381 
THR   CG2 HG21 sing N N 382 
THR   CG2 HG22 sing N N 383 
THR   CG2 HG23 sing N N 384 
THR   OXT HXT  sing N N 385 
TRP   N   CA   sing N N 386 
TRP   N   H    sing N N 387 
TRP   N   H2   sing N N 388 
TRP   CA  C    sing N N 389 
TRP   CA  CB   sing N N 390 
TRP   CA  HA   sing N N 391 
TRP   C   O    doub N N 392 
TRP   C   OXT  sing N N 393 
TRP   CB  CG   sing N N 394 
TRP   CB  HB2  sing N N 395 
TRP   CB  HB3  sing N N 396 
TRP   CG  CD1  doub Y N 397 
TRP   CG  CD2  sing Y N 398 
TRP   CD1 NE1  sing Y N 399 
TRP   CD1 HD1  sing N N 400 
TRP   CD2 CE2  doub Y N 401 
TRP   CD2 CE3  sing Y N 402 
TRP   NE1 CE2  sing Y N 403 
TRP   NE1 HE1  sing N N 404 
TRP   CE2 CZ2  sing Y N 405 
TRP   CE3 CZ3  doub Y N 406 
TRP   CE3 HE3  sing N N 407 
TRP   CZ2 CH2  doub Y N 408 
TRP   CZ2 HZ2  sing N N 409 
TRP   CZ3 CH2  sing Y N 410 
TRP   CZ3 HZ3  sing N N 411 
TRP   CH2 HH2  sing N N 412 
TRP   OXT HXT  sing N N 413 
TYR   N   CA   sing N N 414 
TYR   N   H    sing N N 415 
TYR   N   H2   sing N N 416 
TYR   CA  C    sing N N 417 
TYR   CA  CB   sing N N 418 
TYR   CA  HA   sing N N 419 
TYR   C   O    doub N N 420 
TYR   C   OXT  sing N N 421 
TYR   CB  CG   sing N N 422 
TYR   CB  HB2  sing N N 423 
TYR   CB  HB3  sing N N 424 
TYR   CG  CD1  doub Y N 425 
TYR   CG  CD2  sing Y N 426 
TYR   CD1 CE1  sing Y N 427 
TYR   CD1 HD1  sing N N 428 
TYR   CD2 CE2  doub Y N 429 
TYR   CD2 HD2  sing N N 430 
TYR   CE1 CZ   doub Y N 431 
TYR   CE1 HE1  sing N N 432 
TYR   CE2 CZ   sing Y N 433 
TYR   CE2 HE2  sing N N 434 
TYR   CZ  OH   sing N N 435 
TYR   OH  HH   sing N N 436 
TYR   OXT HXT  sing N N 437 
VAL   N   CA   sing N N 438 
VAL   N   H    sing N N 439 
VAL   N   H2   sing N N 440 
VAL   CA  C    sing N N 441 
VAL   CA  CB   sing N N 442 
VAL   CA  HA   sing N N 443 
VAL   C   O    doub N N 444 
VAL   C   OXT  sing N N 445 
VAL   CB  CG1  sing N N 446 
VAL   CB  CG2  sing N N 447 
VAL   CB  HB   sing N N 448 
VAL   CG1 HG11 sing N N 449 
VAL   CG1 HG12 sing N N 450 
VAL   CG1 HG13 sing N N 451 
VAL   CG2 HG21 sing N N 452 
VAL   CG2 HG22 sing N N 453 
VAL   CG2 HG23 sing N N 454 
VAL   OXT HXT  sing N N 455 
# 
_pdbx_audit_support.funding_organization   'Science Foundation Ireland' 
_pdbx_audit_support.country                Ireland 
_pdbx_audit_support.grant_number           12/RC/2275_P2 
_pdbx_audit_support.ordinal                1 
# 
_pdbx_initial_refinement_model.id               1 
_pdbx_initial_refinement_model.entity_id_list   ? 
_pdbx_initial_refinement_model.type             'experimental model' 
_pdbx_initial_refinement_model.source_name      PDB 
_pdbx_initial_refinement_model.accession_code   2BT9 
_pdbx_initial_refinement_model.details          ? 
# 
_space_group.name_H-M_alt     'R 3 :H' 
_space_group.name_Hall        'R 3' 
_space_group.IT_number        146 
_space_group.crystal_system   trigonal 
_space_group.id               1 
# 
_atom_sites.entry_id                    9HRZ 
_atom_sites.Cartn_transf_matrix[1][1]   ? 
_atom_sites.Cartn_transf_matrix[1][2]   ? 
_atom_sites.Cartn_transf_matrix[1][3]   ? 
_atom_sites.Cartn_transf_matrix[2][1]   ? 
_atom_sites.Cartn_transf_matrix[2][2]   ? 
_atom_sites.Cartn_transf_matrix[2][3]   ? 
_atom_sites.Cartn_transf_matrix[3][1]   ? 
_atom_sites.Cartn_transf_matrix[3][2]   ? 
_atom_sites.Cartn_transf_matrix[3][3]   ? 
_atom_sites.Cartn_transf_vector[1]      ? 
_atom_sites.Cartn_transf_vector[2]      ? 
_atom_sites.Cartn_transf_vector[3]      ? 
_atom_sites.Cartn_transform_axes        ? 
_atom_sites.fract_transf_matrix[1][1]   -0.01421707 
_atom_sites.fract_transf_matrix[1][2]   -0.02024422 
_atom_sites.fract_transf_matrix[1][3]   -0.00950946 
_atom_sites.fract_transf_matrix[2][1]   -0.02546428 
_atom_sites.fract_transf_matrix[2][2]   -0.00267840 
_atom_sites.fract_transf_matrix[2][3]   0.00684145 
_atom_sites.fract_transf_matrix[3][1]   -0.00219149 
_atom_sites.fract_transf_matrix[3][2]   0.00453637 
_atom_sites.fract_transf_matrix[3][3]   -0.00638088 
_atom_sites.fract_transf_vector[1]      0.266980 
_atom_sites.fract_transf_vector[2]      0.063670 
_atom_sites.fract_transf_vector[3]      -0.010645 
_atom_sites.solution_primary            ? 
_atom_sites.solution_secondary          ? 
_atom_sites.solution_hydrogens          ? 
_atom_sites.special_details             ? 
# 
loop_
_atom_type.symbol 
_atom_type.scat_dispersion_real 
_atom_type.scat_dispersion_imag 
_atom_type.scat_Cromer_Mann_a1 
_atom_type.scat_Cromer_Mann_a2 
_atom_type.scat_Cromer_Mann_a3 
_atom_type.scat_Cromer_Mann_a4 
_atom_type.scat_Cromer_Mann_b1 
_atom_type.scat_Cromer_Mann_b2 
_atom_type.scat_Cromer_Mann_b3 
_atom_type.scat_Cromer_Mann_b4 
_atom_type.scat_Cromer_Mann_c 
_atom_type.scat_source 
_atom_type.scat_dispersion_source 
C ? ? 3.54356 2.42580 ? ? 25.62398 1.50364  ? ? 0.0 
;2-Gaussian fit: Grosse-Kunstleve RW, Sauter NK, Adams PD: Newsletter of the IUCr Commission on Crystallographic Computing 2004, 3, 22-31.
;
? 
N ? ? 4.01032 2.96436 ? ? 19.97189 1.75589  ? ? 0.0 
;2-Gaussian fit: Grosse-Kunstleve RW, Sauter NK, Adams PD: Newsletter of the IUCr Commission on Crystallographic Computing 2004, 3, 22-31.
;
? 
O ? ? 4.49882 3.47563 ? ? 15.80542 1.70748  ? ? 0.0 
;2-Gaussian fit: Grosse-Kunstleve RW, Sauter NK, Adams PD: Newsletter of the IUCr Commission on Crystallographic Computing 2004, 3, 22-31.
;
? 
P ? ? 9.51135 5.44231 ? ? 1.42069  35.72801 ? ? 0.0 
;2-Gaussian fit: Grosse-Kunstleve RW, Sauter NK, Adams PD: Newsletter of the IUCr Commission on Crystallographic Computing 2004, 3, 22-31.
;
? 
S ? ? 9.55732 6.39887 ? ? 1.23737  29.19336 ? ? 0.0 
;2-Gaussian fit: Grosse-Kunstleve RW, Sauter NK, Adams PD: Newsletter of the IUCr Commission on Crystallographic Computing 2004, 3, 22-31.
;
? 
# 
loop_
_atom_site.group_PDB 
_atom_site.id 
_atom_site.type_symbol 
_atom_site.label_atom_id 
_atom_site.label_alt_id 
_atom_site.label_comp_id 
_atom_site.label_asym_id 
_atom_site.label_entity_id 
_atom_site.label_seq_id 
_atom_site.pdbx_PDB_ins_code 
_atom_site.Cartn_x 
_atom_site.Cartn_y 
_atom_site.Cartn_z 
_atom_site.occupancy 
_atom_site.B_iso_or_equiv 
_atom_site.pdbx_formal_charge 
_atom_site.auth_seq_id 
_atom_site.auth_comp_id 
_atom_site.auth_asym_id 
_atom_site.auth_atom_id 
_atom_site.pdbx_PDB_model_num 
ATOM   1   N N   . SER   A 1 1  ? 1.903   15.463  -13.137 1.00 26.26 ? 1   SER   A N   1 
ATOM   2   C CA  . SER   A 1 1  ? 3.258   15.685  -13.617 1.00 27.07 ? 1   SER   A CA  1 
ATOM   3   C C   . SER   A 1 1  ? 4.251   14.733  -12.961 1.00 26.29 ? 1   SER   A C   1 
ATOM   4   O O   . SER   A 1 1  ? 5.185   14.271  -13.606 1.00 33.16 ? 1   SER   A O   1 
ATOM   5   C CB  . SER   A 1 1  ? 3.689   17.130  -13.379 1.00 33.63 ? 1   SER   A CB  1 
ATOM   6   O OG  . SER   A 1 1  ? 5.064   17.300  -13.668 1.00 63.87 ? 1   SER   A OG  1 
ATOM   7   N N   A SER   A 1 2  ? 4.051   14.439  -11.680 0.50 23.35 ? 2   SER   A N   1 
ATOM   8   N N   B SER   A 1 2  ? 4.050   14.445  -11.675 0.50 23.35 ? 2   SER   A N   1 
ATOM   9   C CA  A SER   A 1 2  ? 4.929   13.534  -10.955 0.50 18.80 ? 2   SER   A CA  1 
ATOM   10  C CA  B SER   A 1 2  ? 4.916   13.535  -10.940 0.50 18.80 ? 2   SER   A CA  1 
ATOM   11  C C   A SER   A 1 2  ? 4.113   12.473  -10.231 0.50 12.51 ? 2   SER   A C   1 
ATOM   12  C C   B SER   A 1 2  ? 4.087   12.458  -10.258 0.50 12.50 ? 2   SER   A C   1 
ATOM   13  O O   A SER   A 1 2  ? 3.017   12.743  -9.732  0.50 15.06 ? 2   SER   A O   1 
ATOM   14  O O   B SER   A 1 2  ? 2.965   12.701  -9.800  0.50 14.87 ? 2   SER   A O   1 
ATOM   15  C CB  A SER   A 1 2  ? 5.837   14.293  -9.980  0.50 19.60 ? 2   SER   A CB  1 
ATOM   16  C CB  B SER   A 1 2  ? 5.765   14.268  -9.892  0.50 19.42 ? 2   SER   A CB  1 
ATOM   17  O OG  A SER   A 1 2  ? 6.692   15.190  -10.678 0.50 19.47 ? 2   SER   A OG  1 
ATOM   18  O OG  B SER   A 1 2  ? 6.088   13.412  -8.805  0.50 17.95 ? 2   SER   A OG  1 
ATOM   19  N N   . VAL   A 1 3  ? 4.658   11.259  -10.187 1.00 10.64 ? 3   VAL   A N   1 
ATOM   20  C CA  . VAL   A 1 3  ? 3.992   10.149  -9.527  1.00 10.92 ? 3   VAL   A CA  1 
ATOM   21  C C   . VAL   A 1 3  ? 3.955   10.446  -8.034  1.00 9.33  ? 3   VAL   A C   1 
ATOM   22  O O   . VAL   A 1 3  ? 4.680   11.320  -7.537  1.00 11.17 ? 3   VAL   A O   1 
ATOM   23  C CB  . VAL   A 1 3  ? 4.690   8.810   -9.806  1.00 9.12  ? 3   VAL   A CB  1 
ATOM   24  C CG1 . VAL   A 1 3  ? 4.569   8.457   -11.294 1.00 12.59 ? 3   VAL   A CG1 1 
ATOM   25  C CG2 . VAL   A 1 3  ? 6.135   8.835   -9.335  1.00 11.49 ? 3   VAL   A CG2 1 
ATOM   26  N N   A GLN   A 1 4  ? 3.112   9.730   -7.306  0.50 8.26  ? 4   GLN   A N   1 
ATOM   27  N N   B GLN   A 1 4  ? 3.119   9.704   -7.314  0.35 8.25  ? 4   GLN   A N   1 
ATOM   28  C CA  A GLN   A 1 4  ? 2.938   9.927   -5.873  0.65 9.29  ? 4   GLN   A CA  1 
ATOM   29  C CA  B GLN   A 1 4  ? 2.903   9.879   -5.884  0.35 9.34  ? 4   GLN   A CA  1 
ATOM   30  C C   A GLN   A 1 4  ? 3.171   8.606   -5.160  0.50 6.38  ? 4   GLN   A C   1 
ATOM   31  C C   B GLN   A 1 4  ? 3.229   8.568   -5.191  0.35 6.43  ? 4   GLN   A C   1 
ATOM   32  O O   A GLN   A 1 4  ? 2.662   7.569   -5.594  0.50 7.39  ? 4   GLN   A O   1 
ATOM   33  O O   B GLN   A 1 4  ? 2.834   7.501   -5.667  0.35 7.80  ? 4   GLN   A O   1 
ATOM   34  C CB  A GLN   A 1 4  ? 1.528   10.464  -5.599  0.65 12.06 ? 4   GLN   A CB  1 
ATOM   35  C CB  B GLN   A 1 4  ? 1.435   10.208  -5.621  0.35 11.85 ? 4   GLN   A CB  1 
ATOM   36  C CG  A GLN   A 1 4  ? 1.269   10.924  -4.170  0.65 10.02 ? 4   GLN   A CG  1 
ATOM   37  C CG  B GLN   A 1 4  ? 0.925   11.315  -6.492  0.35 8.97  ? 4   GLN   A CG  1 
ATOM   38  C CD  A GLN   A 1 4  ? 0.567   9.839   -3.385  0.65 13.49 ? 4   GLN   A CD  1 
ATOM   39  C CD  B GLN   A 1 4  ? 1.326   12.662  -5.951  0.35 7.11  ? 4   GLN   A CD  1 
ATOM   40  O OE1 A GLN   A 1 4  ? -0.235  9.099   -3.950  0.65 13.88 ? 4   GLN   A OE1 1 
ATOM   41  O OE1 B GLN   A 1 4  ? 2.103   13.379  -6.574  0.35 17.21 ? 4   GLN   A OE1 1 
ATOM   42  N NE2 A GLN   A 1 4  ? 0.861   9.732   -2.094  0.65 11.10 ? 4   GLN   A NE2 1 
ATOM   43  N NE2 B GLN   A 1 4  ? 0.800   13.019  -4.786  0.35 9.93  ? 4   GLN   A NE2 1 
ATOM   44  N N   . THR   A 1 5  ? 3.937   8.640   -4.070  1.00 8.29  ? 5   THR   A N   1 
ATOM   45  C CA  . THR   A 1 5  ? 4.293   7.429   -3.349  1.00 7.88  ? 5   THR   A CA  1 
ATOM   46  C C   . THR   A 1 5  ? 3.837   7.450   -1.898  1.00 8.03  ? 5   THR   A C   1 
ATOM   47  O O   . THR   A 1 5  ? 3.557   8.498   -1.305  1.00 9.47  ? 5   THR   A O   1 
ATOM   48  C CB  . THR   A 1 5  ? 5.794   7.106   -3.393  1.00 9.45  ? 5   THR   A CB  1 
ATOM   49  O OG1 . THR   A 1 5  ? 6.526   8.067   -2.623  1.00 8.50  ? 5   THR   A OG1 1 
ATOM   50  C CG2 . THR   A 1 5  ? 6.290   7.121   -4.813  1.00 8.76  ? 5   THR   A CG2 1 
ATOM   51  N N   . ALA   A 1 6  ? 3.793   6.244   -1.340  1.00 7.78  ? 6   ALA   A N   1 
ATOM   52  C CA  . ALA   A 1 6  ? 3.635   6.035   0.091   1.00 6.61  ? 6   ALA   A CA  1 
ATOM   53  C C   . ALA   A 1 6  ? 4.483   4.846   0.511   1.00 8.02  ? 6   ALA   A C   1 
ATOM   54  O O   . ALA   A 1 6  ? 4.663   3.897   -0.258  1.00 8.91  ? 6   ALA   A O   1 
ATOM   55  C CB  . ALA   A 1 6  ? 2.172   5.764   0.448   1.00 7.58  ? 6   ALA   A CB  1 
ATOM   56  N N   . ALA   A 1 7  ? 5.037   4.909   1.723   1.00 7.37  ? 7   ALA   A N   1 
ATOM   57  C CA  . ALA   A 1 7  ? 5.965   3.885   2.169   1.00 6.03  ? 7   ALA   A CA  1 
ATOM   58  C C   . ALA   A 1 7  ? 5.680   3.465   3.604   1.00 8.09  ? 7   ALA   A C   1 
ATOM   59  O O   . ALA   A 1 7  ? 5.232   4.265   4.430   1.00 8.00  ? 7   ALA   A O   1 
ATOM   60  C CB  . ALA   A 1 7  ? 7.417   4.386   2.093   1.00 8.10  ? 7   ALA   A CB  1 
ATOM   61  N N   . THR   A 1 8  ? 5.978   2.198   3.889   1.00 6.57  ? 8   THR   A N   1 
ATOM   62  C CA  . THR   A 1 8  ? 5.861   1.652   5.236   1.00 9.60  ? 8   THR   A CA  1 
ATOM   63  C C   . THR   A 1 8  ? 6.956   0.607   5.412   1.00 9.86  ? 8   THR   A C   1 
ATOM   64  O O   . THR   A 1 8  ? 7.513   0.095   4.432   1.00 9.86  ? 8   THR   A O   1 
ATOM   65  C CB  . THR   A 1 8  ? 4.459   1.065   5.481   1.00 10.31 ? 8   THR   A CB  1 
ATOM   66  O OG1 . THR   A 1 8  ? 4.260   0.846   6.883   1.00 10.42 ? 8   THR   A OG1 1 
ATOM   67  C CG2 . THR   A 1 8  ? 4.295   -0.271  4.749   1.00 9.84  ? 8   THR   A CG2 1 
ATOM   68  N N   . SER   A 1 9  ? 7.287   0.313   6.663   1.00 9.54  ? 9   SER   A N   1 
ATOM   69  C CA  . SER   A 1 9  ? 8.362   -0.632  6.936   1.00 8.17  ? 9   SER   A CA  1 
ATOM   70  C C   . SER   A 1 9  ? 8.101   -1.318  8.268   1.00 8.49  ? 9   SER   A C   1 
ATOM   71  O O   . SER   A 1 9  ? 7.364   -0.807  9.112   1.00 10.04 ? 9   SER   A O   1 
ATOM   72  C CB  . SER   A 1 9  ? 9.744   0.040   6.979   1.00 10.02 ? 9   SER   A CB  1 
ATOM   73  O OG  . SER   A 1 9  ? 9.792   1.056   7.973   1.00 9.05  ? 9   SER   A OG  1 
ATOM   74  N N   . TRP   A 1 10 ? 8.725   -2.484  8.458   1.00 11.01 ? 10  TRP   A N   1 
ATOM   75  C CA  . TRP   A 1 10 ? 8.572   -3.201  9.714   1.00 10.43 ? 10  TRP   A CA  1 
ATOM   76  C C   . TRP   A 1 10 ? 9.800   -4.064  9.979   1.00 8.28  ? 10  TRP   A C   1 
ATOM   77  O O   . TRP   A 1 10 ? 10.527  -4.456  9.062   1.00 12.60 ? 10  TRP   A O   1 
ATOM   78  C CB  . TRP   A 1 10 ? 7.292   -4.047  9.759   1.00 12.41 ? 10  TRP   A CB  1 
ATOM   79  C CG  . TRP   A 1 10 ? 7.177   -5.134  8.734   1.00 9.97  ? 10  TRP   A CG  1 
ATOM   80  C CD1 . TRP   A 1 10 ? 7.521   -6.446  8.895   1.00 11.66 ? 10  TRP   A CD1 1 
ATOM   81  C CD2 . TRP   A 1 10 ? 6.634   -5.019  7.416   1.00 9.34  ? 10  TRP   A CD2 1 
ATOM   82  N NE1 . TRP   A 1 10 ? 7.245   -7.148  7.755   1.00 12.11 ? 10  TRP   A NE1 1 
ATOM   83  C CE2 . TRP   A 1 10 ? 6.680   -6.302  6.835   1.00 11.79 ? 10  TRP   A CE2 1 
ATOM   84  C CE3 . TRP   A 1 10 ? 6.096   -3.958  6.676   1.00 8.53  ? 10  TRP   A CE3 1 
ATOM   85  C CZ2 . TRP   A 1 10 ? 6.252   -6.545  5.538   1.00 13.17 ? 10  TRP   A CZ2 1 
ATOM   86  C CZ3 . TRP   A 1 10 ? 5.654   -4.202  5.406   1.00 10.45 ? 10  TRP   A CZ3 1 
ATOM   87  C CH2 . TRP   A 1 10 ? 5.732   -5.482  4.844   1.00 14.36 ? 10  TRP   A CH2 1 
ATOM   88  N N   . GLY   A 1 11 ? 10.004  -4.376  11.259  1.00 14.66 ? 11  GLY   A N   1 
ATOM   89  C CA  . GLY   A 1 11 ? 11.141  -5.177  11.656  1.00 18.01 ? 11  GLY   A CA  1 
ATOM   90  C C   . GLY   A 1 11 ? 12.460  -4.414  11.586  1.00 14.66 ? 11  GLY   A C   1 
ATOM   91  O O   . GLY   A 1 11 ? 12.520  -3.190  11.484  1.00 17.09 ? 11  GLY   A O   1 
ATOM   92  N N   . THR   A 1 12 ? 13.543  -5.188  11.670  1.00 17.11 ? 12  THR   A N   1 
ATOM   93  C CA  . THR   A 1 12 ? 14.885  -4.632  11.690  1.00 16.34 ? 12  THR   A CA  1 
ATOM   94  C C   . THR   A 1 12 ? 15.710  -4.993  10.467  1.00 20.01 ? 12  THR   A C   1 
ATOM   95  O O   . THR   A 1 12 ? 16.792  -4.422  10.284  1.00 21.67 ? 12  THR   A O   1 
ATOM   96  C CB  . THR   A 1 12 ? 15.632  -5.065  12.961  1.00 22.68 ? 12  THR   A CB  1 
ATOM   97  O OG1 . THR   A 1 12 ? 15.653  -6.499  13.042  1.00 25.57 ? 12  THR   A OG1 1 
ATOM   98  C CG2 . THR   A 1 12 ? 14.944  -4.496  14.201  1.00 20.48 ? 12  THR   A CG2 1 
ATOM   99  N N   . VAL   A 1 13 ? 15.236  -5.916  9.630   1.00 17.89 ? 13  VAL   A N   1 
ATOM   100 C CA  . VAL   A 1 13 ? 15.953  -6.229  8.392   1.00 16.42 ? 13  VAL   A CA  1 
ATOM   101 C C   . VAL   A 1 13 ? 16.174  -4.987  7.534   1.00 25.15 ? 13  VAL   A C   1 
ATOM   102 O O   . VAL   A 1 13 ? 17.318  -4.749  7.112   1.00 16.71 ? 13  VAL   A O   1 
ATOM   103 C CB  . VAL   A 1 13 ? 15.264  -7.390  7.651   1.00 22.19 ? 13  VAL   A CB  1 
ATOM   104 C CG1 . VAL   A 1 13 ? 15.836  -7.560  6.243   1.00 20.59 ? 13  VAL   A CG1 1 
ATOM   105 C CG2 . VAL   A 1 13 ? 15.343  -8.680  8.466   1.00 25.68 ? 13  VAL   A CG2 1 
ATOM   106 N N   . PRO   A 1 14 ? 15.155  -4.166  7.230   1.00 14.20 ? 14  PRO   A N   1 
ATOM   107 C CA  . PRO   A 1 14 ? 13.734  -4.335  7.510   1.00 11.86 ? 14  PRO   A CA  1 
ATOM   108 C C   . PRO   A 1 14 ? 13.035  -4.888  6.287   1.00 11.55 ? 14  PRO   A C   1 
ATOM   109 O O   . PRO   A 1 14 ? 13.649  -5.150  5.256   1.00 12.21 ? 14  PRO   A O   1 
ATOM   110 C CB  . PRO   A 1 14 ? 13.292  -2.890  7.715   1.00 14.10 ? 14  PRO   A CB  1 
ATOM   111 C CG  . PRO   A 1 14 ? 14.061  -2.163  6.659   1.00 11.46 ? 14  PRO   A CG  1 
ATOM   112 C CD  . PRO   A 1 14 ? 15.386  -2.900  6.513   1.00 11.09 ? 14  PRO   A CD  1 
ATOM   113 N N   . SER   A 1 15 ? 11.716  -5.028  6.403   1.00 10.52 ? 15  SER   A N   1 
ATOM   114 C CA  . SER   A 1 15 ? 10.857  -5.149  5.245   1.00 8.97  ? 15  SER   A CA  1 
ATOM   115 C C   . SER   A 1 15 ? 10.346  -3.754  4.912   1.00 8.55  ? 15  SER   A C   1 
ATOM   116 O O   . SER   A 1 15 ? 9.950   -3.009  5.806   1.00 10.29 ? 15  SER   A O   1 
ATOM   117 C CB  . SER   A 1 15 ? 9.679   -6.042  5.610   1.00 12.36 ? 15  SER   A CB  1 
ATOM   118 O OG  . SER   A 1 15 ? 9.971   -7.387  5.296   1.00 17.39 ? 15  SER   A OG  1 
ATOM   119 N N   . ILE   A 1 16 ? 10.362  -3.395  3.632   1.00 9.01  ? 16  ILE   A N   1 
ATOM   120 C CA  . ILE   A 1 16 ? 9.824   -2.126  3.152   1.00 6.98  ? 16  ILE   A CA  1 
ATOM   121 C C   . ILE   A 1 16 ? 8.811   -2.368  2.038   1.00 7.29  ? 16  ILE   A C   1 
ATOM   122 O O   . ILE   A 1 16 ? 9.010   -3.237  1.181   1.00 7.03  ? 16  ILE   A O   1 
ATOM   123 C CB  . ILE   A 1 16 ? 10.930  -1.168  2.657   1.00 8.85  ? 16  ILE   A CB  1 
ATOM   124 C CG1 . ILE   A 1 16 ? 12.147  -1.163  3.596   1.00 10.67 ? 16  ILE   A CG1 1 
ATOM   125 C CG2 . ILE   A 1 16 ? 10.367  0.249   2.423   1.00 9.95  ? 16  ILE   A CG2 1 
ATOM   126 C CD1 . ILE   A 1 16 ? 13.364  -0.381  3.032   1.00 10.30 ? 16  ILE   A CD1 1 
ATOM   127 N N   . ARG   A 1 17 ? 7.734   -1.582  2.023   1.00 8.53  ? 17  ARG   A N   1 
ATOM   128 C CA  . ARG   A 1 17 ? 6.798   -1.589  0.904   1.00 7.71  ? 17  ARG   A CA  1 
ATOM   129 C C   . ARG   A 1 17 ? 6.614   -0.154  0.433   1.00 8.35  ? 17  ARG   A C   1 
ATOM   130 O O   . ARG   A 1 17 ? 6.401   0.748   1.251   1.00 8.11  ? 17  ARG   A O   1 
ATOM   131 C CB  . ARG   A 1 17 ? 5.438   -2.172  1.324   1.00 6.37  ? 17  ARG   A CB  1 
ATOM   132 C CG  . ARG   A 1 17 ? 5.464   -3.642  1.727   1.00 10.09 ? 17  ARG   A CG  1 
ATOM   133 C CD  . ARG   A 1 17 ? 5.985   -4.562  0.638   1.00 8.16  ? 17  ARG   A CD  1 
ATOM   134 N NE  . ARG   A 1 17 ? 5.956   -5.963  1.051   1.00 9.13  ? 17  ARG   A NE  1 
ATOM   135 C CZ  . ARG   A 1 17 ? 7.002   -6.590  1.570   1.00 10.59 ? 17  ARG   A CZ  1 
ATOM   136 N NH1 . ARG   A 1 17 ? 8.157   -5.974  1.744   1.00 11.10 ? 17  ARG   A NH1 1 
ATOM   137 N NH2 . ARG   A 1 17 ? 6.890   -7.872  1.911   1.00 11.65 ? 17  ARG   A NH2 1 
ATOM   138 N N   . VAL   A 1 18 ? 6.719   0.065   -0.873  1.00 9.56  ? 18  VAL   A N   1 
ATOM   139 C CA  . VAL   A 1 18 ? 6.549   1.388   -1.468  1.00 7.34  ? 18  VAL   A CA  1 
ATOM   140 C C   . VAL   A 1 18 ? 5.437   1.276   -2.498  1.00 7.00  ? 18  VAL   A C   1 
ATOM   141 O O   . VAL   A 1 18 ? 5.521   0.448   -3.412  1.00 8.10  ? 18  VAL   A O   1 
ATOM   142 C CB  . VAL   A 1 18 ? 7.846   1.907   -2.119  1.00 8.68  ? 18  VAL   A CB  1 
ATOM   143 C CG1 . VAL   A 1 18 ? 7.625   3.293   -2.761  1.00 8.32  ? 18  VAL   A CG1 1 
ATOM   144 C CG2 . VAL   A 1 18 ? 8.995   1.953   -1.115  1.00 8.17  ? 18  VAL   A CG2 1 
ATOM   145 N N   . TYR   A 1 19 ? 4.412   2.108   -2.363  1.00 8.34  ? 19  TYR   A N   1 
ATOM   146 C CA  . TYR   A 1 19 ? 3.260   2.116   -3.259  1.00 7.46  ? 19  TYR   A CA  1 
ATOM   147 C C   . TYR   A 1 19 ? 3.334   3.360   -4.118  1.00 8.75  ? 19  TYR   A C   1 
ATOM   148 O O   . TYR   A 1 19 ? 3.561   4.453   -3.596  1.00 8.49  ? 19  TYR   A O   1 
ATOM   149 C CB  . TYR   A 1 19 ? 1.955   2.109   -2.438  1.00 6.47  ? 19  TYR   A CB  1 
ATOM   150 C CG  . TYR   A 1 19 ? 1.934   0.903   -1.542  1.00 6.96  ? 19  TYR   A CG  1 
ATOM   151 C CD1 . TYR   A 1 19 ? 2.523   0.926   -0.280  1.00 9.44  ? 19  TYR   A CD1 1 
ATOM   152 C CD2 . TYR   A 1 19 ? 1.392   -0.295  -1.989  1.00 6.82  ? 19  TYR   A CD2 1 
ATOM   153 C CE1 . TYR   A 1 19 ? 2.554   -0.222  0.518   1.00 7.69  ? 19  TYR   A CE1 1 
ATOM   154 C CE2 . TYR   A 1 19 ? 1.409   -1.419  -1.200  1.00 7.19  ? 19  TYR   A CE2 1 
ATOM   155 C CZ  . TYR   A 1 19 ? 2.002   -1.394  0.037   1.00 5.29  ? 19  TYR   A CZ  1 
ATOM   156 O OH  . TYR   A 1 19 ? 2.036   -2.525  0.815   1.00 9.37  ? 19  TYR   A OH  1 
ATOM   157 N N   . THR   A 1 20 ? 3.163   3.196   -5.428  1.00 8.35  ? 20  THR   A N   1 
ATOM   158 C CA  . THR   A 1 20 ? 3.284   4.305   -6.368  1.00 9.33  ? 20  THR   A CA  1 
ATOM   159 C C   . THR   A 1 20 ? 2.019   4.423   -7.197  1.00 10.45 ? 20  THR   A C   1 
ATOM   160 O O   . THR   A 1 20 ? 1.600   3.451   -7.838  1.00 10.09 ? 20  THR   A O   1 
ATOM   161 C CB  . THR   A 1 20 ? 4.476   4.129   -7.303  1.00 8.45  ? 20  THR   A CB  1 
ATOM   162 O OG1 . THR   A 1 20 ? 5.669   4.006   -6.517  1.00 9.08  ? 20  THR   A OG1 1 
ATOM   163 C CG2 . THR   A 1 20 ? 4.611   5.341   -8.219  1.00 10.30 ? 20  THR   A CG2 1 
ATOM   164 N N   . ALA   A 1 21 ? 1.423   5.609   -7.187  1.00 8.53  ? 21  ALA   A N   1 
ATOM   165 C CA  . ALA   A 1 21 ? 0.297   5.921   -8.055  1.00 10.61 ? 21  ALA   A CA  1 
ATOM   166 C C   . ALA   A 1 21 ? 0.828   6.555   -9.331  1.00 10.23 ? 21  ALA   A C   1 
ATOM   167 O O   . ALA   A 1 21 ? 1.461   7.619   -9.287  1.00 12.85 ? 21  ALA   A O   1 
ATOM   168 C CB  . ALA   A 1 21 ? -0.686  6.854   -7.358  1.00 8.96  ? 21  ALA   A CB  1 
ATOM   169 N N   . ASN   A 1 22 ? 0.611   5.880   -10.462 1.00 14.45 ? 22  ASN   A N   1 
ATOM   170 C CA  . ASN   A 1 22 ? 1.062   6.376   -11.756 1.00 14.20 ? 22  ASN   A CA  1 
ATOM   171 C C   . ASN   A 1 22 ? -0.026  6.050   -12.762 1.00 18.47 ? 22  ASN   A C   1 
ATOM   172 O O   . ASN   A 1 22 ? -0.429  4.889   -12.881 1.00 16.17 ? 22  ASN   A O   1 
ATOM   173 C CB  . ASN   A 1 22 ? 2.381   5.729   -12.167 1.00 17.84 ? 22  ASN   A CB  1 
ATOM   174 C CG  . ASN   A 1 22 ? 2.869   6.220   -13.511 1.00 25.27 ? 22  ASN   A CG  1 
ATOM   175 O OD1 . ASN   A 1 22 ? 2.522   7.323   -13.941 1.00 35.65 ? 22  ASN   A OD1 1 
ATOM   176 N ND2 . ASN   A 1 22 ? 3.695   5.421   -14.169 1.00 31.44 ? 22  ASN   A ND2 1 
ATOM   177 N N   . ASN   A 1 23 ? -0.659  7.056   -13.420 1.00 16.41 ? 23  ASN   A N   1 
ATOM   178 C CA  . ASN   A 1 23 ? -1.547  6.795   -14.548 1.00 19.07 ? 23  ASN   A CA  1 
ATOM   179 C C   . ASN   A 1 23 ? -2.837  6.114   -14.105 1.00 19.16 ? 23  ASN   A C   1 
ATOM   180 O O   . ASN   A 1 23 ? -3.332  5.194   -14.758 1.00 23.14 ? 23  ASN   A O   1 
ATOM   181 C CB  . ASN   A 1 23 ? -0.846  6.010   -15.659 1.00 21.62 ? 23  ASN   A CB  1 
ATOM   182 C CG  . ASN   A 1 23 ? 0.187   6.844   -16.399 1.00 50.85 ? 23  ASN   A CG  1 
ATOM   183 O OD1 . ASN   A 1 23 ? 0.119   8.073   -16.406 1.00 55.44 ? 23  ASN   A OD1 1 
ATOM   184 N ND2 . ASN   A 1 23 ? 1.150   6.175   -17.024 1.00 59.39 ? 23  ASN   A ND2 1 
ATOM   185 N N   . GLY   A 1 24 ? -3.195  6.484   -12.866 1.00 21.23 ? 24  GLY   A N   1 
ATOM   186 C CA  . GLY   A 1 24 ? -4.428  5.930   -12.349 1.00 16.84 ? 24  GLY   A CA  1 
ATOM   187 C C   . GLY   A 1 24 ? -4.326  4.552   -11.740 1.00 15.67 ? 24  GLY   A C   1 
ATOM   188 O O   . GLY   A 1 24 ? -5.358  3.971   -11.389 1.00 16.42 ? 24  GLY   A O   1 
ATOM   189 N N   . ARG   A 1 25 ? -3.120  4.008   -11.597 1.00 14.86 ? 25  ARG   A N   1 
ATOM   190 C CA  . ARG   A 1 25 ? -2.927  2.683   -11.036 1.00 20.83 ? 25  ARG   A CA  1 
ATOM   191 C C   . ARG   A 1 25 ? -1.887  2.759   -9.931  1.00 11.44 ? 25  ARG   A C   1 
ATOM   192 O O   . ARG   A 1 25 ? -0.871  3.441   -10.084 1.00 14.20 ? 25  ARG   A O   1 
ATOM   193 C CB  . ARG   A 1 25 ? -2.405  1.739   -12.116 1.00 22.49 ? 25  ARG   A CB  1 
ATOM   194 C CG  . ARG   A 1 25 ? -2.778  0.322   -11.863 1.00 38.22 ? 25  ARG   A CG  1 
ATOM   195 C CD  . ARG   A 1 25 ? -4.108  0.000   -12.494 1.00 22.99 ? 25  ARG   A CD  1 
ATOM   196 N NE  . ARG   A 1 25 ? -4.547  -1.281  -11.973 1.00 22.92 ? 25  ARG   A NE  1 
ATOM   197 C CZ  . ARG   A 1 25 ? -5.797  -1.571  -11.659 1.00 18.48 ? 25  ARG   A CZ  1 
ATOM   198 N NH1 . ARG   A 1 25 ? -6.800  -0.779  -12.010 1.00 20.07 ? 25  ARG   A NH1 1 
ATOM   199 N NH2 . ARG   A 1 25 ? -6.046  -2.682  -10.973 1.00 25.31 ? 25  ARG   A NH2 1 
ATOM   200 N N   . ILE   A 1 26 ? -2.138  2.073   -8.821  1.00 11.15 ? 26  ILE   A N   1 
ATOM   201 C CA  . ILE   A 1 26 ? -1.171  1.959   -7.733  1.00 9.34  ? 26  ILE   A CA  1 
ATOM   202 C C   . ILE   A 1 26 ? -0.552  0.565   -7.779  1.00 9.85  ? 26  ILE   A C   1 
ATOM   203 O O   . ILE   A 1 26 ? -1.279  -0.445  -7.756  1.00 10.39 ? 26  ILE   A O   1 
ATOM   204 C CB  . ILE   A 1 26 ? -1.825  2.230   -6.372  1.00 11.84 ? 26  ILE   A CB  1 
ATOM   205 C CG1 . ILE   A 1 26 ? -2.479  3.613   -6.339  1.00 12.31 ? 26  ILE   A CG1 1 
ATOM   206 C CG2 . ILE   A 1 26 ? -0.804  2.054   -5.261  1.00 10.34 ? 26  ILE   A CG2 1 
ATOM   207 C CD1 . ILE   A 1 26 ? -3.584  3.718   -5.311  1.00 12.94 ? 26  ILE   A CD1 1 
ATOM   208 N N   . THR   A 1 27 ? 0.780   0.501   -7.845  1.00 9.77  ? 27  THR   A N   1 
ATOM   209 C CA  . THR   A 1 27 ? 1.537   -0.744  -7.786  1.00 9.23  ? 27  THR   A CA  1 
ATOM   210 C C   . THR   A 1 27 ? 2.500   -0.703  -6.607  1.00 9.52  ? 27  THR   A C   1 
ATOM   211 O O   . THR   A 1 27 ? 2.670   0.333   -5.949  1.00 9.27  ? 27  THR   A O   1 
ATOM   212 C CB  . THR   A 1 27 ? 2.291   -1.007  -9.090  1.00 10.89 ? 27  THR   A CB  1 
ATOM   213 O OG1 . THR   A 1 27 ? 3.177   0.090   -9.355  1.00 11.25 ? 27  THR   A OG1 1 
ATOM   214 C CG2 . THR   A 1 27 ? 1.307   -1.133  -10.222 1.00 12.36 ? 27  THR   A CG2 1 
ATOM   215 N N   . GLU   A 1 28 ? 3.136   -1.842  -6.336  1.00 7.63  ? 28  GLU   A N   1 
ATOM   216 C CA  . GLU   A 1 28 ? 3.836   -2.061  -5.075  1.00 8.88  ? 28  GLU   A CA  1 
ATOM   217 C C   . GLU   A 1 28 ? 5.203   -2.683  -5.328  1.00 6.65  ? 28  GLU   A C   1 
ATOM   218 O O   . GLU   A 1 28 ? 5.318   -3.669  -6.062  1.00 8.14  ? 28  GLU   A O   1 
ATOM   219 C CB  . GLU   A 1 28 ? 2.992   -2.948  -4.133  1.00 8.14  ? 28  GLU   A CB  1 
ATOM   220 C CG  . GLU   A 1 28 ? 3.695   -3.398  -2.857  1.00 6.72  ? 28  GLU   A CG  1 
ATOM   221 C CD  . GLU   A 1 28 ? 2.974   -4.541  -2.177  1.00 6.94  ? 28  GLU   A CD  1 
ATOM   222 O OE1 . GLU   A 1 28 ? 2.676   -5.533  -2.870  1.00 9.81  ? 28  GLU   A OE1 1 
ATOM   223 O OE2 . GLU   A 1 28 ? 2.710   -4.473  -0.972  1.00 6.51  ? 28  GLU   A OE2 1 
ATOM   224 N N   . ARG   A 1 29 ? 6.233   -2.102  -4.708  1.00 7.36  ? 29  ARG   A N   1 
ATOM   225 C CA  . ARG   A 1 29 ? 7.597   -2.607  -4.737  1.00 7.62  ? 29  ARG   A CA  1 
ATOM   226 C C   . ARG   A 1 29 ? 8.004   -2.973  -3.320  1.00 8.46  ? 29  ARG   A C   1 
ATOM   227 O O   . ARG   A 1 29 ? 7.628   -2.289  -2.356  1.00 9.20  ? 29  ARG   A O   1 
ATOM   228 C CB  . ARG   A 1 29 ? 8.557   -1.571  -5.338  1.00 8.00  ? 29  ARG   A CB  1 
ATOM   229 C CG  . ARG   A 1 29 ? 8.338   -1.376  -6.834  1.00 9.15  ? 29  ARG   A CG  1 
ATOM   230 C CD  . ARG   A 1 29 ? 8.859   -2.549  -7.662  1.00 7.98  ? 29  ARG   A CD  1 
ATOM   231 N NE  . ARG   A 1 29 ? 10.292  -2.423  -7.928  1.00 10.16 ? 29  ARG   A NE  1 
ATOM   232 C CZ  . ARG   A 1 29 ? 11.022  -3.309  -8.595  1.00 11.14 ? 29  ARG   A CZ  1 
ATOM   233 N NH1 . ARG   A 1 29 ? 10.513  -4.467  -9.005  1.00 12.93 ? 29  ARG   A NH1 1 
ATOM   234 N NH2 . ARG   A 1 29 ? 12.300  -3.037  -8.850  1.00 12.56 ? 29  ARG   A NH2 1 
ATOM   235 N N   . CYS   A 1 30 ? 8.741   -4.071  -3.193  1.00 8.15  ? 30  CYS   A N   1 
ATOM   236 C CA  . CYS   A 1 30 ? 9.015   -4.711  -1.917  1.00 6.50  ? 30  CYS   A CA  1 
ATOM   237 C C   . CYS   A 1 30 ? 10.505  -4.894  -1.705  1.00 9.88  ? 30  CYS   A C   1 
ATOM   238 O O   . CYS   A 1 30 ? 11.236  -5.250  -2.635  1.00 8.66  ? 30  CYS   A O   1 
ATOM   239 C CB  . CYS   A 1 30 ? 8.413   -6.120  -1.868  1.00 9.29  ? 30  CYS   A CB  1 
ATOM   240 S SG  . CYS   A 1 30 ? 6.668   -6.224  -2.350  1.00 10.13 ? 30  CYS   A SG  1 
ATOM   241 N N   . TRP   A 1 31 ? 10.935  -4.698  -0.461  1.00 8.56  ? 31  TRP   A N   1 
ATOM   242 C CA  . TRP   A 1 31 ? 12.292  -5.016  -0.040  1.00 8.05  ? 31  TRP   A CA  1 
ATOM   243 C C   . TRP   A 1 31 ? 12.211  -5.877  1.215   1.00 10.56 ? 31  TRP   A C   1 
ATOM   244 O O   . TRP   A 1 31 ? 11.580  -5.484  2.204   1.00 9.31  ? 31  TRP   A O   1 
ATOM   245 C CB  . TRP   A 1 31 ? 13.060  -3.724  0.250   1.00 9.13  ? 31  TRP   A CB  1 
ATOM   246 C CG  . TRP   A 1 31 ? 14.353  -3.971  0.884   1.00 15.57 ? 31  TRP   A CG  1 
ATOM   247 C CD1 . TRP   A 1 31 ? 14.612  -4.142  2.216   1.00 18.94 ? 31  TRP   A CD1 1 
ATOM   248 C CD2 . TRP   A 1 31 ? 15.589  -4.086  0.211   1.00 15.30 ? 31  TRP   A CD2 1 
ATOM   249 N NE1 . TRP   A 1 31 ? 15.947  -4.366  2.406   1.00 17.68 ? 31  TRP   A NE1 1 
ATOM   250 C CE2 . TRP   A 1 31 ? 16.573  -4.332  1.187   1.00 14.23 ? 31  TRP   A CE2 1 
ATOM   251 C CE3 . TRP   A 1 31 ? 15.969  -3.990  -1.124  1.00 14.24 ? 31  TRP   A CE3 1 
ATOM   252 C CZ2 . TRP   A 1 31 ? 17.912  -4.500  0.865   1.00 14.52 ? 31  TRP   A CZ2 1 
ATOM   253 C CZ3 . TRP   A 1 31 ? 17.302  -4.140  -1.445  1.00 15.10 ? 31  TRP   A CZ3 1 
ATOM   254 C CH2 . TRP   A 1 31 ? 18.259  -4.396  -0.456  1.00 20.59 ? 31  TRP   A CH2 1 
ATOM   255 N N   . ASP   A 1 32 ? 12.821  -7.065  1.174   1.00 13.37 ? 32  ASP   A N   1 
ATOM   256 C CA  . ASP   A 1 32 ? 12.920  -7.946  2.334   1.00 13.58 ? 32  ASP   A CA  1 
ATOM   257 C C   . ASP   A 1 32 ? 14.368  -8.317  2.643   1.00 16.66 ? 32  ASP   A C   1 
ATOM   258 O O   . ASP   A 1 32 ? 14.617  -9.337  3.294   1.00 17.42 ? 32  ASP   A O   1 
ATOM   259 C CB  . ASP   A 1 32 ? 12.094  -9.229  2.170   1.00 14.23 ? 32  ASP   A CB  1 
ATOM   260 C CG  . ASP   A 1 32 ? 10.606  -8.986  1.987   1.00 19.85 ? 32  ASP   A CG  1 
ATOM   261 O OD1 . ASP   A 1 32 ? 10.036  -8.128  2.678   1.00 17.17 ? 32  ASP   A OD1 1 
ATOM   262 O OD2 . ASP   A 1 32 ? 9.984   -9.717  1.194   1.00 25.55 ? 32  ASP   A OD2 1 
ATOM   263 N N   . GLY   A 1 33 ? 15.329  -7.525  2.176   1.00 13.85 ? 33  GLY   A N   1 
ATOM   264 C CA  . GLY   A 1 33 ? 16.725  -7.754  2.490   1.00 15.80 ? 33  GLY   A CA  1 
ATOM   265 C C   . GLY   A 1 33 ? 17.595  -8.247  1.347   1.00 18.27 ? 33  GLY   A C   1 
ATOM   266 O O   . GLY   A 1 33 ? 18.799  -8.422  1.558   1.00 21.08 ? 33  GLY   A O   1 
ATOM   267 N N   . ARG   A 1 34 ? 17.049  -8.486  0.177   1.00 15.31 ? 34  ARG   A N   1 
ATOM   268 C CA  . ARG   A 1 34 ? 17.876  -9.074  -0.906  1.00 17.77 ? 34  ARG   A CA  1 
ATOM   269 C C   . ARG   A 1 34 ? 17.463  -8.507  -2.267  1.00 21.30 ? 34  ARG   A C   1 
ATOM   270 O O   . ARG   A 1 34 ? 17.428  -9.276  -3.233  1.00 30.11 ? 34  ARG   A O   1 
ATOM   271 C CB  . ARG   A 1 34 ? 17.580  -10.558 -1.078  1.00 25.30 ? 34  ARG   A CB  1 
ATOM   272 C CG  . ARG   A 1 34 ? 17.992  -11.473 0.067   0.33 36.70 ? 34  ARG   A CG  1 
ATOM   273 C CD  . ARG   A 1 34 ? 17.034  -12.635 0.243   0.33 33.86 ? 34  ARG   A CD  1 
ATOM   274 N NE  . ARG   A 1 34 ? 17.669  -13.944 0.058   0.33 27.40 ? 34  ARG   A NE  1 
ATOM   275 C CZ  . ARG   A 1 34 ? 17.070  -14.999 -0.476  0.33 29.68 ? 34  ARG   A CZ  1 
ATOM   276 N NH1 . ARG   A 1 34 ? 15.800  -15.240 -0.216  0.33 27.32 ? 34  ARG   A NH1 1 
ATOM   277 N NH2 . ARG   A 1 34 ? 17.745  -15.808 -1.270  0.33 27.32 ? 34  ARG   A NH2 1 
ATOM   278 N N   . GLY   A 1 35 ? 17.146  -7.225  -2.345  1.00 12.05 ? 35  GLY   A N   1 
ATOM   279 C CA  . GLY   A 1 35 ? 16.812  -6.673  -3.636  1.00 9.17  ? 35  GLY   A CA  1 
ATOM   280 C C   . GLY   A 1 35 ? 15.333  -6.328  -3.725  1.00 9.14  ? 35  GLY   A C   1 
ATOM   281 O O   . GLY   A 1 35 ? 14.476  -6.983  -3.119  1.00 14.94 ? 35  GLY   A O   1 
ATOM   282 N N   . TRP   A 1 36 ? 15.027  -5.311  -4.521  1.00 8.17  ? 36  TRP   A N   1 
ATOM   283 C CA  . TRP   A 1 36 ? 13.649  -4.870  -4.685  1.00 8.32  ? 36  TRP   A CA  1 
ATOM   284 C C   . TRP   A 1 36 ? 12.961  -5.769  -5.698  1.00 10.28 ? 36  TRP   A C   1 
ATOM   285 O O   . TRP   A 1 36 ? 13.557  -6.164  -6.705  1.00 10.32 ? 36  TRP   A O   1 
ATOM   286 C CB  . TRP   A 1 36 ? 13.617  -3.426  -5.177  1.00 8.53  ? 36  TRP   A CB  1 
ATOM   287 C CG  . TRP   A 1 36 ? 13.982  -2.461  -4.086  1.00 7.99  ? 36  TRP   A CG  1 
ATOM   288 C CD1 . TRP   A 1 36 ? 15.232  -1.983  -3.799  1.00 10.47 ? 36  TRP   A CD1 1 
ATOM   289 C CD2 . TRP   A 1 36 ? 13.095  -1.876  -3.120  1.00 7.39  ? 36  TRP   A CD2 1 
ATOM   290 N NE1 . TRP   A 1 36 ? 15.176  -1.135  -2.717  1.00 9.98  ? 36  TRP   A NE1 1 
ATOM   291 C CE2 . TRP   A 1 36 ? 13.875  -1.051  -2.284  1.00 9.76  ? 36  TRP   A CE2 1 
ATOM   292 C CE3 . TRP   A 1 36 ? 11.714  -1.976  -2.885  1.00 6.86  ? 36  TRP   A CE3 1 
ATOM   293 C CZ2 . TRP   A 1 36 ? 13.321  -0.324  -1.233  1.00 10.59 ? 36  TRP   A CZ2 1 
ATOM   294 C CZ3 . TRP   A 1 36 ? 11.166  -1.253  -1.839  1.00 7.37  ? 36  TRP   A CZ3 1 
ATOM   295 C CH2 . TRP   A 1 36 ? 11.973  -0.432  -1.027  1.00 6.72  ? 36  TRP   A CH2 1 
ATOM   296 N N   . TYR   A 1 37 ? 11.711  -6.125  -5.411  1.00 10.11 ? 37  TYR   A N   1 
ATOM   297 C CA  . TYR   A 1 37 ? 10.922  -6.942  -6.313  1.00 10.71 ? 37  TYR   A CA  1 
ATOM   298 C C   . TYR   A 1 37 ? 9.494   -6.427  -6.273  1.00 10.37 ? 37  TYR   A C   1 
ATOM   299 O O   . TYR   A 1 37 ? 9.127   -5.612  -5.415  1.00 10.64 ? 37  TYR   A O   1 
ATOM   300 C CB  . TYR   A 1 37 ? 10.991  -8.432  -5.943  1.00 9.79  ? 37  TYR   A CB  1 
ATOM   301 C CG  . TYR   A 1 37 ? 10.481  -8.759  -4.560  1.00 11.39 ? 37  TYR   A CG  1 
ATOM   302 C CD1 . TYR   A 1 37 ? 11.287  -8.636  -3.424  1.00 10.14 ? 37  TYR   A CD1 1 
ATOM   303 C CD2 . TYR   A 1 37 ? 9.175   -9.202  -4.397  1.00 11.74 ? 37  TYR   A CD2 1 
ATOM   304 C CE1 . TYR   A 1 37 ? 10.780  -8.950  -2.157  1.00 12.51 ? 37  TYR   A CE1 1 
ATOM   305 C CE2 . TYR   A 1 37 ? 8.676   -9.517  -3.157  1.00 12.85 ? 37  TYR   A CE2 1 
ATOM   306 C CZ  . TYR   A 1 37 ? 9.472   -9.391  -2.046  1.00 16.05 ? 37  TYR   A CZ  1 
ATOM   307 O OH  . TYR   A 1 37 ? 8.943   -9.695  -0.813  1.00 17.37 ? 37  TYR   A OH  1 
ATOM   308 N N   . THR   A 1 38 ? 8.676   -6.903  -7.204  1.00 12.56 ? 38  THR   A N   1 
ATOM   309 C CA  . THR   A 1 38 ? 7.309   -6.424  -7.332  1.00 8.23  ? 38  THR   A CA  1 
ATOM   310 C C   . THR   A 1 38 ? 6.333   -7.268  -6.515  1.00 10.93 ? 38  THR   A C   1 
ATOM   311 O O   . THR   A 1 38 ? 6.414   -8.498  -6.489  1.00 12.59 ? 38  THR   A O   1 
ATOM   312 C CB  . THR   A 1 38 ? 6.905   -6.345  -8.805  1.00 13.17 ? 38  THR   A CB  1 
ATOM   313 O OG1 . THR   A 1 38 ? 7.738   -5.370  -9.447  1.00 12.61 ? 38  THR   A OG1 1 
ATOM   314 C CG2 . THR   A 1 38 ? 5.451   -5.934  -8.964  1.00 10.08 ? 38  THR   A CG2 1 
ATOM   315 N N   . GLY   A 1 39 ? 5.439   -6.591  -5.805  1.00 9.28  ? 39  GLY   A N   1 
ATOM   316 C CA  . GLY   A 1 39 ? 4.470   -7.249  -4.963  1.00 10.37 ? 39  GLY   A CA  1 
ATOM   317 C C   . GLY   A 1 39 ? 3.115   -7.423  -5.639  1.00 7.60  ? 39  GLY   A C   1 
ATOM   318 O O   . GLY   A 1 39 ? 2.866   -6.974  -6.758  1.00 8.85  ? 39  GLY   A O   1 
ATOM   319 N N   . ALA   A 1 40 ? 2.214   -8.065  -4.891  1.00 9.01  ? 40  ALA   A N   1 
ATOM   320 C CA  . ALA   A 1 40 ? 0.913   -8.462  -5.411  1.00 8.14  ? 40  ALA   A CA  1 
ATOM   321 C C   . ALA   A 1 40 ? -0.099  -7.329  -5.480  1.00 10.12 ? 40  ALA   A C   1 
ATOM   322 O O   . ALA   A 1 40 ? -1.105  -7.475  -6.177  1.00 9.25  ? 40  ALA   A O   1 
ATOM   323 C CB  . ALA   A 1 40 ? 0.304   -9.585  -4.566  1.00 11.14 ? 40  ALA   A CB  1 
ATOM   324 N N   . PHE   A 1 41 ? 0.121   -6.228  -4.771  1.00 10.01 ? 41  PHE   A N   1 
ATOM   325 C CA  . PHE   A 1 41 ? -0.855  -5.148  -4.756  1.00 7.92  ? 41  PHE   A CA  1 
ATOM   326 C C   . PHE   A 1 41 ? -0.993  -4.521  -6.134  1.00 6.37  ? 41  PHE   A C   1 
ATOM   327 O O   . PHE   A 1 41 ? 0.000   -4.139  -6.755  1.00 10.75 ? 41  PHE   A O   1 
ATOM   328 C CB  . PHE   A 1 41 ? -0.440  -4.085  -3.742  1.00 6.32  ? 41  PHE   A CB  1 
ATOM   329 C CG  . PHE   A 1 41 ? -1.458  -2.994  -3.557  1.00 7.76  ? 41  PHE   A CG  1 
ATOM   330 C CD1 . PHE   A 1 41 ? -1.525  -1.923  -4.437  1.00 9.22  ? 41  PHE   A CD1 1 
ATOM   331 C CD2 . PHE   A 1 41 ? -2.366  -3.053  -2.516  1.00 12.01 ? 41  PHE   A CD2 1 
ATOM   332 C CE1 . PHE   A 1 41 ? -2.498  -0.932  -4.274  1.00 8.19  ? 41  PHE   A CE1 1 
ATOM   333 C CE2 . PHE   A 1 41 ? -3.327  -2.063  -2.349  1.00 10.45 ? 41  PHE   A CE2 1 
ATOM   334 C CZ  . PHE   A 1 41 ? -3.386  -1.009  -3.235  1.00 9.52  ? 41  PHE   A CZ  1 
ATOM   335 N N   . ASN   A 1 42 ? -2.236  -4.345  -6.578  1.00 9.21  ? 42  ASN   A N   1 
ATOM   336 C CA  . ASN   A 1 42 ? -2.495  -3.641  -7.834  1.00 8.70  ? 42  ASN   A CA  1 
ATOM   337 C C   . ASN   A 1 42 ? -3.940  -3.167  -7.805  1.00 9.74  ? 42  ASN   A C   1 
ATOM   338 O O   . ASN   A 1 42 ? -4.851  -3.985  -7.897  1.00 10.37 ? 42  ASN   A O   1 
ATOM   339 C CB  . ASN   A 1 42 ? -2.216  -4.550  -9.032  1.00 9.13  ? 42  ASN   A CB  1 
ATOM   340 C CG  . ASN   A 1 42 ? -2.150  -3.789  -10.331 1.00 14.65 ? 42  ASN   A CG  1 
ATOM   341 O OD1 . ASN   A 1 42 ? -3.043  -2.992  -10.636 1.00 15.05 ? 42  ASN   A OD1 1 
ATOM   342 N ND2 . ASN   A 1 42 ? -1.070  -3.987  -11.087 1.00 14.72 ? 42  ASN   A ND2 1 
ATOM   343 N N   . GLU   A 1 43 ? -4.144  -1.866  -7.641  1.00 8.23  ? 43  GLU   A N   1 
ATOM   344 C CA  . GLU   A 1 43 ? -5.484  -1.317  -7.509  1.00 8.57  ? 43  GLU   A CA  1 
ATOM   345 C C   . GLU   A 1 43 ? -5.555  0.042   -8.187  1.00 11.51 ? 43  GLU   A C   1 
ATOM   346 O O   . GLU   A 1 43 ? -4.535  0.723   -8.347  1.00 12.08 ? 43  GLU   A O   1 
ATOM   347 C CB  . GLU   A 1 43 ? -5.920  -1.187  -6.040  1.00 10.10 ? 43  GLU   A CB  1 
ATOM   348 C CG  . GLU   A 1 43 ? -5.887  -2.466  -5.265  1.00 8.34  ? 43  GLU   A CG  1 
ATOM   349 C CD  . GLU   A 1 43 ? -7.011  -3.413  -5.629  1.00 9.38  ? 43  GLU   A CD  1 
ATOM   350 O OE1 . GLU   A 1 43 ? -7.877  -3.035  -6.441  1.00 11.40 ? 43  GLU   A OE1 1 
ATOM   351 O OE2 . GLU   A 1 43 ? -6.987  -4.538  -5.112  1.00 10.65 ? 43  GLU   A OE2 1 
ATOM   352 N N   . PRO   A 1 44 ? -6.747  0.473   -8.579  1.00 10.08 ? 44  PRO   A N   1 
ATOM   353 C CA  . PRO   A 1 44 ? -6.864  1.812   -9.170  1.00 12.58 ? 44  PRO   A CA  1 
ATOM   354 C C   . PRO   A 1 44 ? -6.711  2.908   -8.126  1.00 11.85 ? 44  PRO   A C   1 
ATOM   355 O O   . PRO   A 1 44 ? -7.155  2.772   -6.983  1.00 13.33 ? 44  PRO   A O   1 
ATOM   356 C CB  . PRO   A 1 44 ? -8.267  1.798   -9.788  1.00 11.45 ? 44  PRO   A CB  1 
ATOM   357 C CG  . PRO   A 1 44 ? -9.026  0.818   -8.945  1.00 18.07 ? 44  PRO   A CG  1 
ATOM   358 C CD  . PRO   A 1 44 ? -8.027  -0.262  -8.608  1.00 11.45 ? 44  PRO   A CD  1 
ATOM   359 N N   . GLY   A 1 45 ? -6.069  4.001   -8.532  1.00 11.62 ? 45  GLY   A N   1 
ATOM   360 C CA  . GLY   A 1 45 ? -5.980  5.174   -7.682  1.00 13.16 ? 45  GLY   A CA  1 
ATOM   361 C C   . GLY   A 1 45 ? -5.051  6.259   -8.192  1.00 13.71 ? 45  GLY   A C   1 
ATOM   362 O O   . GLY   A 1 45 ? -4.049  5.979   -8.856  1.00 15.26 ? 45  GLY   A O   1 
ATOM   363 N N   . ASP   A 1 46 ? -5.372  7.510   -7.874  1.00 13.47 ? 46  ASP   A N   1 
ATOM   364 C CA  . ASP   A 1 46 ? -4.496  8.636   -8.172  1.00 12.09 ? 46  ASP   A CA  1 
ATOM   365 C C   . ASP   A 1 46 ? -3.643  9.057   -6.987  1.00 12.07 ? 46  ASP   A C   1 
ATOM   366 O O   . ASP   A 1 46 ? -2.564  9.622   -7.180  1.00 17.00 ? 46  ASP   A O   1 
ATOM   367 C CB  . ASP   A 1 46 ? -5.309  9.863   -8.583  1.00 17.01 ? 46  ASP   A CB  1 
ATOM   368 C CG  . ASP   A 1 46 ? -6.016  9.690   -9.898  1.00 21.85 ? 46  ASP   A CG  1 
ATOM   369 O OD1 . ASP   A 1 46 ? -5.418  9.108   -10.817 1.00 22.60 ? 46  ASP   A OD1 1 
ATOM   370 O OD2 . ASP   A 1 46 ? -7.156  10.187  -10.009 1.00 24.43 ? 46  ASP   A OD2 1 
ATOM   371 N N   . ASN   A 1 47 ? -4.108  8.803   -5.772  1.00 13.64 ? 47  ASN   A N   1 
ATOM   372 C CA  . ASN   A 1 47 ? -3.400  9.194   -4.569  1.00 11.77 ? 47  ASN   A CA  1 
ATOM   373 C C   . ASN   A 1 47 ? -3.370  7.993   -3.638  1.00 11.24 ? 47  ASN   A C   1 
ATOM   374 O O   . ASN   A 1 47 ? -4.289  7.167   -3.642  1.00 14.60 ? 47  ASN   A O   1 
ATOM   375 C CB  . ASN   A 1 47 ? -4.143  10.332  -3.864  1.00 13.51 ? 47  ASN   A CB  1 
ATOM   376 C CG  . ASN   A 1 47 ? -3.565  10.637  -2.518  1.00 17.99 ? 47  ASN   A CG  1 
ATOM   377 O OD1 . ASN   A 1 47 ? -2.562  11.336  -2.418  1.00 20.56 ? 47  ASN   A OD1 1 
ATOM   378 N ND2 . ASN   A 1 47 ? -4.160  10.092  -1.470  1.00 13.53 ? 47  ASN   A ND2 1 
ATOM   379 N N   . VAL   A 1 48 ? -2.320  7.900   -2.818  1.00 11.34 ? 48  VAL   A N   1 
ATOM   380 C CA  . VAL   A 1 48 ? -2.135  6.725   -1.978  1.00 13.12 ? 48  VAL   A CA  1 
ATOM   381 C C   . VAL   A 1 48 ? -1.532  7.120   -0.635  1.00 8.52  ? 48  VAL   A C   1 
ATOM   382 O O   . VAL   A 1 48 ? -0.641  7.971   -0.562  1.00 10.47 ? 48  VAL   A O   1 
ATOM   383 C CB  . VAL   A 1 48 ? -1.288  5.646   -2.689  1.00 9.40  ? 48  VAL   A CB  1 
ATOM   384 C CG1 . VAL   A 1 48 ? 0.107   6.168   -3.043  1.00 11.91 ? 48  VAL   A CG1 1 
ATOM   385 C CG2 . VAL   A 1 48 ? -1.217  4.403   -1.851  1.00 11.72 ? 48  VAL   A CG2 1 
ATOM   386 N N   . SER   A 1 49 ? -2.025  6.488   0.432   1.00 9.45  ? 49  SER   A N   1 
ATOM   387 C CA  . SER   A 1 49 ? -1.355  6.477   1.724   1.00 8.27  ? 49  SER   A CA  1 
ATOM   388 C C   . SER   A 1 49 ? -1.338  5.052   2.262   1.00 6.94  ? 49  SER   A C   1 
ATOM   389 O O   . SER   A 1 49 ? -2.056  4.173   1.773   1.00 8.40  ? 49  SER   A O   1 
ATOM   390 C CB  . SER   A 1 49 ? -1.981  7.469   2.737   1.00 7.29  ? 49  SER   A CB  1 
ATOM   391 O OG  . SER   A 1 49 ? -3.284  7.100   3.164   1.00 9.57  ? 49  SER   A OG  1 
ATOM   392 N N   . VAL   A 1 50 ? -0.510  4.820   3.280   1.00 6.62  ? 50  VAL   A N   1 
ATOM   393 C CA  . VAL   A 1 50 ? -0.339  3.483   3.833   1.00 8.03  ? 50  VAL   A CA  1 
ATOM   394 C C   . VAL   A 1 50 ? -0.013  3.572   5.315   1.00 7.63  ? 50  VAL   A C   1 
ATOM   395 O O   . VAL   A 1 50 ? 0.602   4.536   5.783   1.00 9.31  ? 50  VAL   A O   1 
ATOM   396 C CB  . VAL   A 1 50 ? 0.760   2.684   3.079   1.00 5.88  ? 50  VAL   A CB  1 
ATOM   397 C CG1 . VAL   A 1 50 ? 2.167   3.295   3.258   1.00 8.19  ? 50  VAL   A CG1 1 
ATOM   398 C CG2 . VAL   A 1 50 ? 0.746   1.208   3.473   1.00 9.63  ? 50  VAL   A CG2 1 
ATOM   399 N N   . THR   A 1 51 ? -0.434  2.545   6.051   1.00 7.12  ? 51  THR   A N   1 
ATOM   400 C CA  . THR   A 1 51 ? 0.028   2.305   7.405   1.00 6.86  ? 51  THR   A CA  1 
ATOM   401 C C   . THR   A 1 51 ? 0.084   0.801   7.623   1.00 10.15 ? 51  THR   A C   1 
ATOM   402 O O   . THR   A 1 51 ? -0.530  0.028   6.887   1.00 8.78  ? 51  THR   A O   1 
ATOM   403 C CB  . THR   A 1 51 ? -0.850  3.038   8.437   1.00 8.01  ? 51  THR   A CB  1 
ATOM   404 O OG1 . THR   A 1 51 ? -0.246  2.928   9.729   1.00 10.18 ? 51  THR   A OG1 1 
ATOM   405 C CG2 . THR   A 1 51 ? -2.227  2.424   8.494   1.00 9.85  ? 51  THR   A CG2 1 
ATOM   406 N N   . SER   A 1 52 ? 0.864   0.384   8.617   1.00 10.01 ? 52  SER   A N   1 
ATOM   407 C CA  . SER   A 1 52 ? 1.021   -1.040  8.877   1.00 10.41 ? 52  SER   A CA  1 
ATOM   408 C C   . SER   A 1 52 ? 1.356   -1.258  10.343  1.00 7.57  ? 52  SER   A C   1 
ATOM   409 O O   . SER   A 1 52 ? 1.865   -0.369  11.016  1.00 9.35  ? 52  SER   A O   1 
ATOM   410 C CB  . SER   A 1 52 ? 2.089   -1.672  7.958   1.00 9.69  ? 52  SER   A CB  1 
ATOM   411 O OG  . SER   A 1 52 ? 3.424   -1.321  8.343   1.00 9.64  ? 52  SER   A OG  1 
ATOM   412 N N   . TRP   A 1 53 ? 1.067   -2.467  10.823  1.00 10.27 ? 53  TRP   A N   1 
ATOM   413 C CA  . TRP   A 1 53 ? 1.354   -2.829  12.205  1.00 7.69  ? 53  TRP   A CA  1 
ATOM   414 C C   . TRP   A 1 53 ? 1.582   -4.330  12.287  1.00 8.96  ? 53  TRP   A C   1 
ATOM   415 O O   . TRP   A 1 53 ? 1.073   -5.093  11.463  1.00 12.22 ? 53  TRP   A O   1 
ATOM   416 C CB  . TRP   A 1 53 ? 0.209   -2.430  13.154  1.00 12.91 ? 53  TRP   A CB  1 
ATOM   417 C CG  . TRP   A 1 53 ? -1.063  -3.173  12.904  1.00 12.04 ? 53  TRP   A CG  1 
ATOM   418 C CD1 . TRP   A 1 53 ? -1.476  -4.313  13.523  1.00 13.35 ? 53  TRP   A CD1 1 
ATOM   419 C CD2 . TRP   A 1 53 ? -2.075  -2.839  11.950  1.00 10.43 ? 53  TRP   A CD2 1 
ATOM   420 N NE1 . TRP   A 1 53 ? -2.685  -4.721  13.009  1.00 11.82 ? 53  TRP   A NE1 1 
ATOM   421 C CE2 . TRP   A 1 53 ? -3.077  -3.830  12.042  1.00 11.38 ? 53  TRP   A CE2 1 
ATOM   422 C CE3 . TRP   A 1 53 ? -2.229  -1.807  11.021  1.00 10.08 ? 53  TRP   A CE3 1 
ATOM   423 C CZ2 . TRP   A 1 53 ? -4.228  -3.815  11.238  1.00 10.50 ? 53  TRP   A CZ2 1 
ATOM   424 C CZ3 . TRP   A 1 53 ? -3.370  -1.782  10.228  1.00 12.15 ? 53  TRP   A CZ3 1 
ATOM   425 C CH2 . TRP   A 1 53 ? -4.359  -2.786  10.341  1.00 11.08 ? 53  TRP   A CH2 1 
ATOM   426 N N   . LEU   A 1 54 ? 2.340   -4.741  13.292  1.00 12.20 ? 54  LEU   A N   1 
ATOM   427 C CA  . LEU   A 1 54 ? 2.651   -6.139  13.527  1.00 13.78 ? 54  LEU   A CA  1 
ATOM   428 C C   . LEU   A 1 54 ? 1.767   -6.675  14.642  1.00 16.05 ? 54  LEU   A C   1 
ATOM   429 O O   . LEU   A 1 54 ? 1.458   -5.961  15.603  1.00 19.32 ? 54  LEU   A O   1 
ATOM   430 C CB  . LEU   A 1 54 ? 4.112   -6.297  13.954  1.00 16.23 ? 54  LEU   A CB  1 
ATOM   431 C CG  . LEU   A 1 54 ? 5.174   -6.137  12.868  1.00 15.79 ? 54  LEU   A CG  1 
ATOM   432 C CD1 . LEU   A 1 54 ? 6.566   -5.987  13.462  1.00 18.82 ? 54  LEU   A CD1 1 
ATOM   433 C CD2 . LEU   A 1 54 ? 5.131   -7.282  11.887  1.00 14.31 ? 54  LEU   A CD2 1 
ATOM   434 N N   . VAL   A 1 55 ? 1.348   -7.930  14.503  1.00 15.44 ? 55  VAL   A N   1 
ATOM   435 C CA  . VAL   A 1 55 ? 0.779   -8.686  15.604  1.00 18.90 ? 55  VAL   A CA  1 
ATOM   436 C C   . VAL   A 1 55 ? 1.721   -9.868  15.758  1.00 19.67 ? 55  VAL   A C   1 
ATOM   437 O O   . VAL   A 1 55 ? 1.695   -10.800 14.947  1.00 21.66 ? 55  VAL   A O   1 
ATOM   438 C CB  . VAL   A 1 55 ? -0.655  -9.151  15.328  1.00 16.53 ? 55  VAL   A CB  1 
ATOM   439 C CG1 . VAL   A 1 55 ? -1.149  -10.020 16.477  1.00 17.18 ? 55  VAL   A CG1 1 
ATOM   440 C CG2 . VAL   A 1 55 ? -1.583  -7.971  15.110  1.00 16.06 ? 55  VAL   A CG2 1 
ATOM   441 N N   . GLY   A 1 56 ? 2.586   -9.815  16.768  1.00 22.35 ? 56  GLY   A N   1 
ATOM   442 C CA  . GLY   A 1 56 ? 3.692   -10.743 16.831  1.00 19.50 ? 56  GLY   A CA  1 
ATOM   443 C C   . GLY   A 1 56 ? 4.632   -10.520 15.667  1.00 27.34 ? 56  GLY   A C   1 
ATOM   444 O O   . GLY   A 1 56 ? 5.212   -9.441  15.523  1.00 22.61 ? 56  GLY   A O   1 
ATOM   445 N N   . SER   A 1 57 ? 4.780   -11.523 14.812  1.00 28.41 ? 57  SER   A N   1 
ATOM   446 C CA  . SER   A 1 57 ? 5.601   -11.397 13.620  1.00 23.75 ? 57  SER   A CA  1 
ATOM   447 C C   . SER   A 1 57 ? 4.784   -11.262 12.340  1.00 20.14 ? 57  SER   A C   1 
ATOM   448 O O   . SER   A 1 57 ? 5.372   -11.140 11.262  1.00 21.72 ? 57  SER   A O   1 
ATOM   449 C CB  . SER   A 1 57 ? 6.576   -12.573 13.520  1.00 28.33 ? 57  SER   A CB  1 
ATOM   450 O OG  . SER   A 1 57 ? 5.874   -13.798 13.405  1.00 36.79 ? 57  SER   A OG  1 
ATOM   451 N N   . ALA   A 1 58 ? 3.455   -11.268 12.429  1.00 19.14 ? 58  ALA   A N   1 
ATOM   452 C CA  . ALA   A 1 58 ? 2.593   -11.127 11.264  1.00 14.94 ? 58  ALA   A CA  1 
ATOM   453 C C   . ALA   A 1 58 ? 2.329   -9.652  10.969  1.00 13.38 ? 58  ALA   A C   1 
ATOM   454 O O   . ALA   A 1 58 ? 1.851   -8.912  11.834  1.00 15.98 ? 58  ALA   A O   1 
ATOM   455 C CB  . ALA   A 1 58 ? 1.262   -11.837 11.507  1.00 17.27 ? 58  ALA   A CB  1 
ATOM   456 N N   . ILE   A 1 59 ? 2.596   -9.244  9.734   1.00 13.62 ? 59  ILE   A N   1 
ATOM   457 C CA  . ILE   A 1 59 ? 2.367   -7.872  9.301   1.00 12.67 ? 59  ILE   A CA  1 
ATOM   458 C C   . ILE   A 1 59 ? 0.932   -7.729  8.809   1.00 11.23 ? 59  ILE   A C   1 
ATOM   459 O O   . ILE   A 1 59 ? 0.338   -8.640  8.218   1.00 11.86 ? 59  ILE   A O   1 
ATOM   460 C CB  . ILE   A 1 59 ? 3.390   -7.441  8.225   1.00 8.64  ? 59  ILE   A CB  1 
ATOM   461 C CG1 . ILE   A 1 59 ? 3.312   -5.930  7.971   1.00 12.15 ? 59  ILE   A CG1 1 
ATOM   462 C CG2 . ILE   A 1 59 ? 3.172   -8.214  6.923   1.00 11.20 ? 59  ILE   A CG2 1 
ATOM   463 C CD1 . ILE   A 1 59 ? 3.654   -5.097  9.194   1.00 10.68 ? 59  ILE   A CD1 1 
ATOM   464 N N   . HIS   A 1 60 ? 0.372   -6.550  9.061   1.00 11.17 ? 60  HIS   A N   1 
ATOM   465 C CA  . HIS   A 1 60 ? -0.938  -6.146  8.584   1.00 9.59  ? 60  HIS   A CA  1 
ATOM   466 C C   . HIS   A 1 60 ? -0.769  -4.778  7.934   1.00 9.04  ? 60  HIS   A C   1 
ATOM   467 O O   . HIS   A 1 60 ? -0.195  -3.873  8.539   1.00 11.10 ? 60  HIS   A O   1 
ATOM   468 C CB  . HIS   A 1 60 ? -1.875  -6.066  9.790   1.00 10.13 ? 60  HIS   A CB  1 
ATOM   469 C CG  . HIS   A 1 60 ? -2.101  -7.398  10.434  1.00 11.08 ? 60  HIS   A CG  1 
ATOM   470 N ND1 . HIS   A 1 60 ? -3.139  -8.226  10.066  1.00 10.80 ? 60  HIS   A ND1 1 
ATOM   471 C CD2 . HIS   A 1 60 ? -1.386  -8.078  11.363  1.00 16.38 ? 60  HIS   A CD2 1 
ATOM   472 C CE1 . HIS   A 1 60 ? -3.070  -9.346  10.763  1.00 13.41 ? 60  HIS   A CE1 1 
ATOM   473 N NE2 . HIS   A 1 60 ? -2.017  -9.283  11.557  1.00 14.79 ? 60  HIS   A NE2 1 
ATOM   474 N N   . ILE   A 1 61 ? -1.213  -4.642  6.682   1.00 9.34  ? 61  ILE   A N   1 
ATOM   475 C CA  . ILE   A 1 61 ? -1.013  -3.412  5.917   1.00 9.75  ? 61  ILE   A CA  1 
ATOM   476 C C   . ILE   A 1 61 ? -2.366  -2.883  5.474   1.00 7.92  ? 61  ILE   A C   1 
ATOM   477 O O   . ILE   A 1 61 ? -3.248  -3.660  5.080   1.00 7.96  ? 61  ILE   A O   1 
ATOM   478 C CB  . ILE   A 1 61 ? -0.120  -3.630  4.677   1.00 8.90  ? 61  ILE   A CB  1 
ATOM   479 C CG1 . ILE   A 1 61 ? 1.114   -4.487  4.995   1.00 9.16  ? 61  ILE   A CG1 1 
ATOM   480 C CG2 . ILE   A 1 61 ? 0.271   -2.289  4.069   1.00 9.89  ? 61  ILE   A CG2 1 
ATOM   481 C CD1 . ILE   A 1 61 ? 1.927   -4.865  3.753   1.00 10.53 ? 61  ILE   A CD1 1 
ATOM   482 N N   . ARG   A 1 62 ? -2.534  -1.562  5.534   1.00 7.97  ? 62  ARG   A N   1 
ATOM   483 C CA  . ARG   A 1 62 ? -3.733  -0.896  5.034   1.00 8.19  ? 62  ARG   A CA  1 
ATOM   484 C C   . ARG   A 1 62 ? -3.302  0.190   4.062   1.00 7.94  ? 62  ARG   A C   1 
ATOM   485 O O   . ARG   A 1 62 ? -2.554  1.105   4.438   1.00 7.44  ? 62  ARG   A O   1 
ATOM   486 C CB  . ARG   A 1 62 ? -4.537  -0.275  6.180   1.00 8.95  ? 62  ARG   A CB  1 
ATOM   487 C CG  . ARG   A 1 62 ? -5.188  -1.244  7.153   1.00 8.51  ? 62  ARG   A CG  1 
ATOM   488 C CD  . ARG   A 1 62 ? -5.999  -2.325  6.476   1.00 9.56  ? 62  ARG   A CD  1 
ATOM   489 N NE  . ARG   A 1 62 ? -6.588  -3.253  7.443   1.00 8.29  ? 62  ARG   A NE  1 
ATOM   490 C CZ  . ARG   A 1 62 ? -6.078  -4.437  7.737   1.00 10.08 ? 62  ARG   A CZ  1 
ATOM   491 N NH1 . ARG   A 1 62 ? -4.968  -4.876  7.157   1.00 10.21 ? 62  ARG   A NH1 1 
ATOM   492 N NH2 . ARG   A 1 62 ? -6.686  -5.197  8.650   1.00 13.07 ? 62  ARG   A NH2 1 
ATOM   493 N N   . VAL   A 1 63 ? -3.775  0.104   2.823   1.00 8.93  ? 63  VAL   A N   1 
ATOM   494 C CA  . VAL   A 1 63 ? -3.484  1.082   1.778   1.00 9.00  ? 63  VAL   A CA  1 
ATOM   495 C C   . VAL   A 1 63 ? -4.782  1.820   1.465   1.00 8.70  ? 63  VAL   A C   1 
ATOM   496 O O   . VAL   A 1 63 ? -5.815  1.186   1.242   1.00 9.10  ? 63  VAL   A O   1 
ATOM   497 C CB  . VAL   A 1 63 ? -2.931  0.387   0.515   1.00 11.22 ? 63  VAL   A CB  1 
ATOM   498 C CG1 . VAL   A 1 63 ? -2.747  1.374   -0.608  1.00 9.48  ? 63  VAL   A CG1 1 
ATOM   499 C CG2 . VAL   A 1 63 ? -1.627  -0.337  0.820   1.00 8.00  ? 63  VAL   A CG2 1 
ATOM   500 N N   . TYR   A 1 64 ? -4.725  3.158   1.435   1.00 9.55  ? 64  TYR   A N   1 
ATOM   501 C CA  . TYR   A 1 64 ? -5.878  4.013   1.149   1.00 8.21  ? 64  TYR   A CA  1 
ATOM   502 C C   . TYR   A 1 64 ? -5.679  4.612   -0.235  1.00 8.60  ? 64  TYR   A C   1 
ATOM   503 O O   . TYR   A 1 64 ? -4.778  5.437   -0.434  1.00 10.45 ? 64  TYR   A O   1 
ATOM   504 C CB  . TYR   A 1 64 ? -6.056  5.072   2.248   1.00 9.41  ? 64  TYR   A CB  1 
ATOM   505 C CG  . TYR   A 1 64 ? -6.274  4.376   3.567   1.00 7.41  ? 64  TYR   A CG  1 
ATOM   506 C CD1 . TYR   A 1 64 ? -7.542  3.918   3.933   1.00 7.13  ? 64  TYR   A CD1 1 
ATOM   507 C CD2 . TYR   A 1 64 ? -5.195  4.060   4.398   1.00 7.77  ? 64  TYR   A CD2 1 
ATOM   508 C CE1 . TYR   A 1 64 ? -7.738  3.211   5.096   1.00 8.61  ? 64  TYR   A CE1 1 
ATOM   509 C CE2 . TYR   A 1 64 ? -5.387  3.363   5.566   1.00 6.56  ? 64  TYR   A CE2 1 
ATOM   510 C CZ  . TYR   A 1 64 ? -6.663  2.918   5.908   1.00 5.96  ? 64  TYR   A CZ  1 
ATOM   511 O OH  . TYR   A 1 64 ? -6.835  2.202   7.057   1.00 8.54  ? 64  TYR   A OH  1 
ATOM   512 N N   . ALA   A 1 65 ? -6.518  4.179   -1.187  1.00 9.02  ? 65  ALA   A N   1 
ATOM   513 C CA  . ALA   A 1 65 ? -6.390  4.507   -2.605  1.00 10.39 ? 65  ALA   A CA  1 
ATOM   514 C C   . ALA   A 1 65 ? -7.513  5.469   -2.959  1.00 10.22 ? 65  ALA   A C   1 
ATOM   515 O O   . ALA   A 1 65 ? -8.683  5.150   -2.746  1.00 12.25 ? 65  ALA   A O   1 
ATOM   516 C CB  . ALA   A 1 65 ? -6.523  3.240   -3.454  1.00 8.38  ? 65  ALA   A CB  1 
ATOM   517 N N   . SER   A 1 66 ? -7.165  6.631   -3.500  1.00 9.94  ? 66  SER   A N   1 
ATOM   518 C CA  . SER   A 1 66 ? -8.159  7.655   -3.790  1.00 9.20  ? 66  SER   A CA  1 
ATOM   519 C C   . SER   A 1 66 ? -8.213  8.013   -5.269  1.00 11.54 ? 66  SER   A C   1 
ATOM   520 O O   . SER   A 1 66 ? -7.181  8.204   -5.917  1.00 14.65 ? 66  SER   A O   1 
ATOM   521 C CB  . SER   A 1 66 ? -7.913  8.903   -2.958  1.00 16.18 ? 66  SER   A CB  1 
ATOM   522 O OG  . SER   A 1 66 ? -8.005  8.587   -1.584  1.00 19.66 ? 66  SER   A OG  1 
ATOM   523 N N   . THR   A 1 67 ? -9.440  8.127   -5.781  1.00 14.44 ? 67  THR   A N   1 
ATOM   524 C CA  . THR   A 1 67 ? -9.710  8.659   -7.112  1.00 17.65 ? 67  THR   A CA  1 
ATOM   525 C C   . THR   A 1 67 ? -10.893 9.605   -6.978  1.00 14.80 ? 67  THR   A C   1 
ATOM   526 O O   . THR   A 1 67 ? -11.913 9.222   -6.410  1.00 14.33 ? 67  THR   A O   1 
ATOM   527 C CB  . THR   A 1 67 ? -10.094 7.537   -8.071  1.00 18.54 ? 67  THR   A CB  1 
ATOM   528 O OG1 . THR   A 1 67 ? -9.025  6.588   -8.151  1.00 21.48 ? 67  THR   A OG1 1 
ATOM   529 C CG2 . THR   A 1 67 ? -10.341 8.113   -9.454  1.00 23.13 ? 67  THR   A CG2 1 
ATOM   530 N N   . GLY   A 1 68 ? -10.750 10.831  -7.474  1.00 15.85 ? 68  GLY   A N   1 
ATOM   531 C CA  . GLY   A 1 68 ? -11.807 11.804  -7.245  1.00 14.95 ? 68  GLY   A CA  1 
ATOM   532 C C   . GLY   A 1 68 ? -12.013 11.984  -5.757  1.00 18.27 ? 68  GLY   A C   1 
ATOM   533 O O   . GLY   A 1 68 ? -11.055 12.147  -4.993  1.00 18.33 ? 68  GLY   A O   1 
ATOM   534 N N   . THR   A 1 69 ? -13.270 11.927  -5.315  1.00 15.24 ? 69  THR   A N   1 
ATOM   535 C CA  . THR   A 1 69 ? -13.566 12.006  -3.891  1.00 14.11 ? 69  THR   A CA  1 
ATOM   536 C C   . THR   A 1 69 ? -13.823 10.638  -3.265  1.00 14.56 ? 69  THR   A C   1 
ATOM   537 O O   . THR   A 1 69 ? -14.404 10.564  -2.182  1.00 16.81 ? 69  THR   A O   1 
ATOM   538 C CB  . THR   A 1 69 ? -14.746 12.944  -3.626  1.00 17.21 ? 69  THR   A CB  1 
ATOM   539 O OG1 . THR   A 1 69 ? -15.886 12.488  -4.365  1.00 22.27 ? 69  THR   A OG1 1 
ATOM   540 C CG2 . THR   A 1 69 ? -14.401 14.351  -4.069  1.00 22.49 ? 69  THR   A CG2 1 
ATOM   541 N N   . THR   A 1 70 ? -13.409 9.553   -3.929  1.00 13.59 ? 70  THR   A N   1 
ATOM   542 C CA  . THR   A 1 70 ? -13.668 8.197   -3.456  1.00 13.97 ? 70  THR   A CA  1 
ATOM   543 C C   . THR   A 1 70 ? -12.368 7.562   -2.992  1.00 13.36 ? 70  THR   A C   1 
ATOM   544 O O   . THR   A 1 70 ? -11.419 7.437   -3.775  1.00 16.27 ? 70  THR   A O   1 
ATOM   545 C CB  . THR   A 1 70 ? -14.307 7.329   -4.542  1.00 18.75 ? 70  THR   A CB  1 
ATOM   546 O OG1 . THR   A 1 70 ? -15.402 8.029   -5.150  1.00 23.73 ? 70  THR   A OG1 1 
ATOM   547 C CG2 . THR   A 1 70 ? -14.796 6.025   -3.956  1.00 22.55 ? 70  THR   A CG2 1 
ATOM   548 N N   . THR   A 1 71 ? -12.338 7.145   -1.728  1.00 11.29 ? 71  THR   A N   1 
ATOM   549 C CA  . THR   A 1 71 ? -11.195 6.458   -1.141  1.00 10.64 ? 71  THR   A CA  1 
ATOM   550 C C   . THR   A 1 71 ? -11.597 5.037   -0.781  1.00 11.75 ? 71  THR   A C   1 
ATOM   551 O O   . THR   A 1 71 ? -12.617 4.819   -0.110  1.00 13.29 ? 71  THR   A O   1 
ATOM   552 C CB  . THR   A 1 71 ? -10.692 7.190   0.101   1.00 13.32 ? 71  THR   A CB  1 
ATOM   553 O OG1 . THR   A 1 71 ? -10.302 8.522   -0.258  1.00 13.97 ? 71  THR   A OG1 1 
ATOM   554 C CG2 . THR   A 1 71 ? -9.510  6.452   0.732   1.00 14.05 ? 71  THR   A CG2 1 
ATOM   555 N N   . THR   A 1 72 ? -10.802 4.074   -1.247  1.00 10.67 ? 72  THR   A N   1 
ATOM   556 C CA  . THR   A 1 72 ? -11.013 2.671   -0.942  1.00 9.45  ? 72  THR   A CA  1 
ATOM   557 C C   . THR   A 1 72 ? -9.837  2.164   -0.123  1.00 7.84  ? 72  THR   A C   1 
ATOM   558 O O   . THR   A 1 72 ? -8.680  2.438   -0.459  1.00 10.69 ? 72  THR   A O   1 
ATOM   559 C CB  . THR   A 1 72 ? -11.126 1.852   -2.231  1.00 11.75 ? 72  THR   A CB  1 
ATOM   560 O OG1 . THR   A 1 72 ? -12.102 2.463   -3.096  1.00 14.54 ? 72  THR   A OG1 1 
ATOM   561 C CG2 . THR   A 1 72 ? -11.529 0.401   -1.920  1.00 12.95 ? 72  THR   A CG2 1 
ATOM   562 N N   . GLU   A 1 73 ? -10.128 1.421   0.932   1.00 9.08  ? 73  GLU   A N   1 
ATOM   563 C CA  . GLU   A 1 73 ? -9.104  0.800   1.756   1.00 7.54  ? 73  GLU   A CA  1 
ATOM   564 C C   . GLU   A 1 73 ? -8.876  -0.630  1.278   1.00 6.84  ? 73  GLU   A C   1 
ATOM   565 O O   . GLU   A 1 73 ? -9.831  -1.360  0.985   1.00 10.01 ? 73  GLU   A O   1 
ATOM   566 C CB  . GLU   A 1 73 ? -9.556  0.785   3.220   1.00 9.72  ? 73  GLU   A CB  1 
ATOM   567 C CG  . GLU   A 1 73 ? -8.645  0.040   4.191   1.00 10.42 ? 73  GLU   A CG  1 
ATOM   568 C CD  . GLU   A 1 73 ? -9.287  -0.133  5.545   1.00 8.27  ? 73  GLU   A CD  1 
ATOM   569 O OE1 . GLU   A 1 73 ? -10.476 -0.562  5.578   1.00 8.63  ? 73  GLU   A OE1 1 
ATOM   570 O OE2 . GLU   A 1 73 ? -8.653  0.157   6.566   1.00 7.51  ? 73  GLU   A OE2 1 
ATOM   571 N N   . TRP   A 1 74 ? -7.603  -1.010  1.193   1.00 7.25  ? 74  TRP   A N   1 
ATOM   572 C CA  . TRP   A 1 74 ? -7.178  -2.352  0.829   1.00 8.51  ? 74  TRP   A CA  1 
ATOM   573 C C   . TRP   A 1 74 ? -6.355  -2.931  1.968   1.00 12.36 ? 74  TRP   A C   1 
ATOM   574 O O   . TRP   A 1 74 ? -5.504  -2.241  2.541   1.00 10.14 ? 74  TRP   A O   1 
ATOM   575 C CB  . TRP   A 1 74 ? -6.365  -2.304  -0.460  1.00 9.50  ? 74  TRP   A CB  1 
ATOM   576 C CG  . TRP   A 1 74 ? -7.196  -1.818  -1.574  1.00 10.23 ? 74  TRP   A CG  1 
ATOM   577 C CD1 . TRP   A 1 74 ? -7.136  -0.607  -2.178  1.00 8.47  ? 74  TRP   A CD1 1 
ATOM   578 C CD2 . TRP   A 1 74 ? -8.259  -2.540  -2.219  1.00 9.57  ? 74  TRP   A CD2 1 
ATOM   579 N NE1 . TRP   A 1 74 ? -8.099  -0.517  -3.162  1.00 11.36 ? 74  TRP   A NE1 1 
ATOM   580 C CE2 . TRP   A 1 74 ? -8.796  -1.696  -3.207  1.00 8.08  ? 74  TRP   A CE2 1 
ATOM   581 C CE3 . TRP   A 1 74 ? -8.805  -3.818  -2.051  1.00 10.07 ? 74  TRP   A CE3 1 
ATOM   582 C CZ2 . TRP   A 1 74 ? -9.857  -2.082  -4.019  1.00 7.88  ? 74  TRP   A CZ2 1 
ATOM   583 C CZ3 . TRP   A 1 74 ? -9.848  -4.197  -2.864  1.00 9.66  ? 74  TRP   A CZ3 1 
ATOM   584 C CH2 . TRP   A 1 74 ? -10.363 -3.332  -3.827  1.00 7.52  ? 74  TRP   A CH2 1 
ATOM   585 N N   . CYS   A 1 75 ? -6.612  -4.193  2.297   1.00 8.87  ? 75  CYS   A N   1 
ATOM   586 C CA  . CYS   A 1 75 ? -6.112  -4.831  3.507   1.00 8.39  ? 75  CYS   A CA  1 
ATOM   587 C C   . CYS   A 1 75 ? -5.259  -6.036  3.162   1.00 11.53 ? 75  CYS   A C   1 
ATOM   588 O O   . CYS   A 1 75 ? -5.730  -6.954  2.480   1.00 12.02 ? 75  CYS   A O   1 
ATOM   589 C CB  . CYS   A 1 75 ? -7.278  -5.321  4.374   1.00 9.78  ? 75  CYS   A CB  1 
ATOM   590 S SG  . CYS   A 1 75 ? -8.533  -4.062  4.718   0.79 7.95  ? 75  CYS   A SG  1 
ATOM   591 N N   . TRP   A 1 76 ? -4.027  -6.055  3.661   1.00 8.81  ? 76  TRP   A N   1 
ATOM   592 C CA  . TRP   A 1 76 ? -3.202  -7.252  3.622   1.00 9.74  ? 76  TRP   A CA  1 
ATOM   593 C C   . TRP   A 1 76 ? -3.127  -7.788  5.040   1.00 9.32  ? 76  TRP   A C   1 
ATOM   594 O O   . TRP   A 1 76 ? -2.666  -7.086  5.952   1.00 8.36  ? 76  TRP   A O   1 
ATOM   595 C CB  . TRP   A 1 76 ? -1.787  -6.939  3.142   1.00 8.85  ? 76  TRP   A CB  1 
ATOM   596 C CG  . TRP   A 1 76 ? -0.920  -8.154  3.184   1.00 10.57 ? 76  TRP   A CG  1 
ATOM   597 C CD1 . TRP   A 1 76 ? -0.082  -8.537  4.187   1.00 13.17 ? 76  TRP   A CD1 1 
ATOM   598 C CD2 . TRP   A 1 76 ? -0.828  -9.151  2.172   1.00 12.83 ? 76  TRP   A CD2 1 
ATOM   599 N NE1 . TRP   A 1 76 ? 0.525   -9.727  3.866   1.00 13.38 ? 76  TRP   A NE1 1 
ATOM   600 C CE2 . TRP   A 1 76 ? 0.097   -10.116 2.620   1.00 8.35  ? 76  TRP   A CE2 1 
ATOM   601 C CE3 . TRP   A 1 76 ? -1.417  -9.305  0.921   1.00 12.19 ? 76  TRP   A CE3 1 
ATOM   602 C CZ2 . TRP   A 1 76 ? 0.432   -11.234 1.863   1.00 11.28 ? 76  TRP   A CZ2 1 
ATOM   603 C CZ3 . TRP   A 1 76 ? -1.076  -10.411 0.162   1.00 12.68 ? 76  TRP   A CZ3 1 
ATOM   604 C CH2 . TRP   A 1 76 ? -0.170  -11.365 0.641   1.00 12.52 ? 76  TRP   A CH2 1 
ATOM   605 N N   . ASP   A 1 77 ? -3.556  -9.026  5.225   1.00 14.39 ? 77  ASP   A N   1 
ATOM   606 C CA  . ASP   A 1 77 ? -3.473  -9.663  6.529   1.00 13.03 ? 77  ASP   A CA  1 
ATOM   607 C C   . ASP   A 1 77 ? -2.820  -11.031 6.398   1.00 12.93 ? 77  ASP   A C   1 
ATOM   608 O O   . ASP   A 1 77 ? -3.079  -11.940 7.187   1.00 15.87 ? 77  ASP   A O   1 
ATOM   609 C CB  . ASP   A 1 77 ? -4.845  -9.735  7.191   1.00 12.18 ? 77  ASP   A CB  1 
ATOM   610 C CG  . ASP   A 1 77 ? -5.439  -8.366  7.405   1.00 14.00 ? 77  ASP   A CG  1 
ATOM   611 O OD1 . ASP   A 1 77 ? -4.971  -7.655  8.314   1.00 13.09 ? 77  ASP   A OD1 1 
ATOM   612 O OD2 . ASP   A 1 77 ? -6.348  -7.977  6.648   1.00 17.53 ? 77  ASP   A OD2 1 
ATOM   613 N N   . GLY   A 1 78 ? -1.971  -11.188 5.395   1.00 13.20 ? 78  GLY   A N   1 
ATOM   614 C CA  . GLY   A 1 78 ? -1.180  -12.388 5.235   1.00 16.27 ? 78  GLY   A CA  1 
ATOM   615 C C   . GLY   A 1 78 ? -1.614  -13.314 4.123   1.00 16.81 ? 78  GLY   A C   1 
ATOM   616 O O   . GLY   A 1 78 ? -0.858  -14.237 3.798   1.00 20.77 ? 78  GLY   A O   1 
ATOM   617 N N   . ASN   A 1 79 ? -2.786  -13.091 3.519   1.00 18.60 ? 79  ASN   A N   1 
ATOM   618 C CA  . ASN   A 1 79 ? -3.350  -14.074 2.600   1.00 23.91 ? 79  ASN   A CA  1 
ATOM   619 C C   . ASN   A 1 79 ? -4.155  -13.390 1.503   1.00 19.69 ? 79  ASN   A C   1 
ATOM   620 O O   . ASN   A 1 79 ? -5.272  -13.807 1.182   1.00 20.83 ? 79  ASN   A O   1 
ATOM   621 C CB  . ASN   A 1 79 ? -4.228  -15.087 3.342   1.00 39.03 ? 79  ASN   A CB  1 
ATOM   622 C CG  . ASN   A 1 79 ? -3.423  -15.992 4.248   1.00 30.89 ? 79  ASN   A CG  1 
ATOM   623 O OD1 . ASN   A 1 79 ? -2.633  -16.814 3.784   1.00 43.14 ? 79  ASN   A OD1 1 
ATOM   624 N ND2 . ASN   A 1 79 ? -3.602  -15.829 5.555   1.00 40.94 ? 79  ASN   A ND2 1 
ATOM   625 N N   . GLY   A 1 80 ? -3.605  -12.343 0.915   1.00 11.93 ? 80  GLY   A N   1 
ATOM   626 C CA  . GLY   A 1 80 ? -4.227  -11.662 -0.200  1.00 11.19 ? 80  GLY   A CA  1 
ATOM   627 C C   . GLY   A 1 80 ? -4.815  -10.322 0.211   1.00 9.57  ? 80  GLY   A C   1 
ATOM   628 O O   . GLY   A 1 80 ? -5.179  -10.092 1.368   1.00 12.23 ? 80  GLY   A O   1 
ATOM   629 N N   . TRP   A 1 81 ? -4.893  -9.422  -0.764  1.00 10.15 ? 81  TRP   A N   1 
ATOM   630 C CA  . TRP   A 1 81 ? -5.423  -8.086  -0.528  1.00 8.21  ? 81  TRP   A CA  1 
ATOM   631 C C   . TRP   A 1 81 ? -6.943  -8.113  -0.598  1.00 11.10 ? 81  TRP   A C   1 
ATOM   632 O O   . TRP   A 1 81 ? -7.511  -8.602  -1.577  1.00 11.44 ? 81  TRP   A O   1 
ATOM   633 C CB  . TRP   A 1 81 ? -4.863  -7.123  -1.576  1.00 8.25  ? 81  TRP   A CB  1 
ATOM   634 C CG  . TRP   A 1 81 ? -3.408  -6.803  -1.359  1.00 8.99  ? 81  TRP   A CG  1 
ATOM   635 C CD1 . TRP   A 1 81 ? -2.336  -7.407  -1.945  1.00 9.06  ? 81  TRP   A CD1 1 
ATOM   636 C CD2 . TRP   A 1 81 ? -2.876  -5.812  -0.466  1.00 6.51  ? 81  TRP   A CD2 1 
ATOM   637 N NE1 . TRP   A 1 81 ? -1.163  -6.853  -1.479  1.00 9.05  ? 81  TRP   A NE1 1 
ATOM   638 C CE2 . TRP   A 1 81 ? -1.472  -5.875  -0.562  1.00 6.39  ? 81  TRP   A CE2 1 
ATOM   639 C CE3 . TRP   A 1 81 ? -3.459  -4.876  0.415   1.00 7.21  ? 81  TRP   A CE3 1 
ATOM   640 C CZ2 . TRP   A 1 81 ? -0.631  -5.021  0.167   1.00 7.86  ? 81  TRP   A CZ2 1 
ATOM   641 C CZ3 . TRP   A 1 81 ? -2.628  -4.041  1.139   1.00 8.78  ? 81  TRP   A CZ3 1 
ATOM   642 C CH2 . TRP   A 1 81 ? -1.226  -4.117  1.004   1.00 7.04  ? 81  TRP   A CH2 1 
ATOM   643 N N   . THR   A 1 82 ? -7.603  -7.557  0.421   1.00 9.95  ? 82  THR   A N   1 
ATOM   644 C CA  . THR   A 1 82 ? -9.060  -7.606  0.485   1.00 11.11 ? 82  THR   A CA  1 
ATOM   645 C C   . THR   A 1 82 ? -9.597  -6.212  0.769   1.00 15.02 ? 82  THR   A C   1 
ATOM   646 O O   . THR   A 1 82 ? -8.948  -5.406  1.430   1.00 10.96 ? 82  THR   A O   1 
ATOM   647 C CB  . THR   A 1 82 ? -9.545  -8.588  1.558   1.00 13.58 ? 82  THR   A CB  1 
ATOM   648 O OG1 . THR   A 1 82 ? -9.200  -8.096  2.857   1.00 15.44 ? 82  THR   A OG1 1 
ATOM   649 C CG2 . THR   A 1 82 ? -8.961  -9.976  1.349   1.00 14.87 ? 82  THR   A CG2 1 
ATOM   650 N N   . ARG   A 1 83 ? -10.778 -5.919  0.249   1.00 9.42  ? 83  ARG   A N   1 
ATOM   651 C CA  . ARG   A 1 83 ? -11.379 -4.616  0.482   1.00 9.24  ? 83  ARG   A CA  1 
ATOM   652 C C   . ARG   A 1 83 ? -11.748 -4.443  1.949   1.00 10.98 ? 83  ARG   A C   1 
ATOM   653 O O   . ARG   A 1 83 ? -12.322 -5.342  2.575   1.00 10.23 ? 83  ARG   A O   1 
ATOM   654 C CB  . ARG   A 1 83 ? -12.620 -4.442  -0.398  1.00 12.25 ? 83  ARG   A CB  1 
ATOM   655 C CG  . ARG   A 1 83 ? -13.102 -2.999  -0.518  1.00 10.64 ? 83  ARG   A CG  1 
ATOM   656 C CD  . ARG   A 1 83 ? -14.410 -2.911  -1.300  1.00 14.61 ? 83  ARG   A CD  1 
ATOM   657 N NE  . ARG   A 1 83 ? -14.841 -1.526  -1.428  1.00 12.65 ? 83  ARG   A NE  1 
ATOM   658 C CZ  . ARG   A 1 83 ? -15.448 -0.849  -0.464  1.00 12.59 ? 83  ARG   A CZ  1 
ATOM   659 N NH1 . ARG   A 1 83 ? -15.759 -1.425  0.688   1.00 13.18 ? 83  ARG   A NH1 1 
ATOM   660 N NH2 . ARG   A 1 83 ? -15.731 0.436   -0.652  1.00 16.68 ? 83  ARG   A NH2 1 
ATOM   661 N N   . GLY   A 1 84 ? -11.401 -3.272  2.500   1.00 10.21 ? 84  GLY   A N   1 
ATOM   662 C CA  . GLY   A 1 84 ? -11.748 -2.939  3.866   1.00 10.96 ? 84  GLY   A CA  1 
ATOM   663 C C   . GLY   A 1 84 ? -13.038 -2.154  3.981   1.00 10.74 ? 84  GLY   A C   1 
ATOM   664 O O   . GLY   A 1 84 ? -13.598 -1.695  2.983   1.00 10.22 ? 84  GLY   A O   1 
ATOM   665 N N   . ALA   A 1 85 ? -13.463 -1.968  5.231   1.00 8.82  ? 85  ALA   A N   1 
ATOM   666 C CA  . ALA   A 1 85 ? -14.727 -1.303  5.529   1.00 7.44  ? 85  ALA   A CA  1 
ATOM   667 C C   . ALA   A 1 85 ? -14.661 0.219   5.457   1.00 9.86  ? 85  ALA   A C   1 
ATOM   668 O O   . ALA   A 1 85 ? -15.710 0.866   5.525   1.00 9.29  ? 85  ALA   A O   1 
ATOM   669 C CB  . ALA   A 1 85 ? -15.245 -1.724  6.906   1.00 9.01  ? 85  ALA   A CB  1 
ATOM   670 N N   . TYR   A 1 86 ? -13.477 0.805   5.299   1.00 8.79  ? 86  TYR   A N   1 
ATOM   671 C CA  . TYR   A 1 86 ? -13.327 2.253   5.390   1.00 6.27  ? 86  TYR   A CA  1 
ATOM   672 C C   . TYR   A 1 86 ? -14.300 2.976   4.465   1.00 11.64 ? 86  TYR   A C   1 
ATOM   673 O O   . TYR   A 1 86 ? -14.478 2.591   3.304   1.00 10.05 ? 86  TYR   A O   1 
ATOM   674 C CB  . TYR   A 1 86 ? -11.894 2.627   4.997   1.00 8.08  ? 86  TYR   A CB  1 
ATOM   675 C CG  . TYR   A 1 86 ? -11.677 4.122   4.957   1.00 10.10 ? 86  TYR   A CG  1 
ATOM   676 C CD1 . TYR   A 1 86 ? -11.310 4.817   6.105   1.00 9.73  ? 86  TYR   A CD1 1 
ATOM   677 C CD2 . TYR   A 1 86 ? -11.889 4.850   3.790   1.00 8.76  ? 86  TYR   A CD2 1 
ATOM   678 C CE1 . TYR   A 1 86 ? -11.143 6.174   6.087   1.00 8.59  ? 86  TYR   A CE1 1 
ATOM   679 C CE2 . TYR   A 1 86 ? -11.728 6.226   3.768   1.00 10.06 ? 86  TYR   A CE2 1 
ATOM   680 C CZ  . TYR   A 1 86 ? -11.355 6.875   4.923   1.00 8.59  ? 86  TYR   A CZ  1 
ATOM   681 O OH  . TYR   A 1 86 ? -11.203 8.241   4.915   1.00 11.46 ? 86  TYR   A OH  1 
ATOM   682 N N   . THR   A 1 87 ? -14.945 4.021   4.993   1.00 9.41  ? 87  THR   A N   1 
ATOM   683 C CA  . THR   A 1 87 ? -15.601 5.049   4.191   1.00 9.74  ? 87  THR   A CA  1 
ATOM   684 C C   . THR   A 1 87 ? -15.188 6.392   4.781   1.00 10.63 ? 87  THR   A C   1 
ATOM   685 O O   . THR   A 1 87 ? -14.790 6.476   5.942   1.00 11.60 ? 87  THR   A O   1 
ATOM   686 C CB  . THR   A 1 87 ? -17.139 4.961   4.248   1.00 10.03 ? 87  THR   A CB  1 
ATOM   687 O OG1 . THR   A 1 87 ? -17.552 4.954   5.617   1.00 11.94 ? 87  THR   A OG1 1 
ATOM   688 C CG2 . THR   A 1 87 ? -17.619 3.684   3.577   1.00 13.51 ? 87  THR   A CG2 1 
ATOM   689 N N   . ALA   A 1 88 ? -15.279 7.450   3.978   1.00 11.09 ? 88  ALA   A N   1 
ATOM   690 C CA  . ALA   A 1 88 ? -14.868 8.770   4.444   1.00 16.51 ? 88  ALA   A CA  1 
ATOM   691 C C   . ALA   A 1 88 ? -15.986 9.470   5.232   1.00 19.51 ? 88  ALA   A C   1 
ATOM   692 O O   . ALA   A 1 88 ? -17.085 8.943   5.422   1.00 21.43 ? 88  ALA   A O   1 
ATOM   693 C CB  . ALA   A 1 88 ? -14.432 9.631   3.269   1.00 22.51 ? 88  ALA   A CB  1 
ATOM   694 N N   . THR   A 1 89 ? -15.681 10.683  5.714   1.00 16.52 ? 89  THR   A N   1 
ATOM   695 C CA  . THR   A 1 89 ? -16.701 11.516  6.349   1.00 20.46 ? 89  THR   A CA  1 
ATOM   696 C C   . THR   A 1 89 ? -17.826 11.865  5.383   1.00 25.87 ? 89  THR   A C   1 
ATOM   697 O O   . THR   A 1 89 ? -18.982 12.004  5.803   1.00 47.42 ? 89  THR   A O   1 
ATOM   698 C CB  . THR   A 1 89 ? -16.091 12.808  6.927   1.00 21.30 ? 89  THR   A CB  1 
ATOM   699 O OG1 . THR   A 1 89 ? -15.451 13.561  5.888   1.00 27.85 ? 89  THR   A OG1 1 
ATOM   700 C CG2 . THR   A 1 89 ? -15.108 12.534  8.057   1.00 19.19 ? 89  THR   A CG2 1 
ATOM   701 N N   . ASN   A 1 90 ? -17.516 12.021  4.102   0.00 26.66 ? 90  ASN   A N   1 
ATOM   702 C CA  . ASN   A 1 90 ? -18.536 12.342  3.112   0.00 26.71 ? 90  ASN   A CA  1 
ATOM   703 C C   . ASN   A 1 90 ? -19.246 11.091  2.584   0.00 25.81 ? 90  ASN   A C   1 
ATOM   704 O O   . ASN   A 1 90 ? -20.121 10.548  3.260   0.00 26.15 ? 90  ASN   A O   1 
ATOM   705 C CB  . ASN   A 1 90 ? -17.944 13.196  1.982   0.00 26.56 ? 90  ASN   A CB  1 
ATOM   706 C CG  . ASN   A 1 90 ? -16.831 12.488  1.232   0.00 25.34 ? 90  ASN   A CG  1 
ATOM   707 O OD1 . ASN   A 1 90 ? -16.321 11.463  1.678   0.00 24.79 ? 90  ASN   A OD1 1 
ATOM   708 N ND2 . ASN   A 1 90 ? -16.449 13.037  0.085   0.00 24.48 ? 90  ASN   A ND2 1 
ATOM   709 O OXT . ASN   A 1 90 ? -18.982 10.585  1.493   0.00 25.37 ? 90  ASN   A OXT 1 
HETATM 710 C C1  . BDF   B 2 .  ? -10.051 -5.923  7.889   1.00 18.34 ? 101 BDF   A C1  1 
HETATM 711 C C2  . BDF   B 2 .  ? -10.455 -4.720  8.728   1.00 11.04 ? 101 BDF   A C2  1 
HETATM 712 C C3  . BDF   B 2 .  ? -10.962 -3.573  7.844   1.00 9.48  ? 101 BDF   A C3  1 
HETATM 713 C C4  . BDF   B 2 .  ? -11.183 -2.323  8.690   1.00 9.58  ? 101 BDF   A C4  1 
HETATM 714 C C5  . BDF   B 2 .  ? -9.889  -1.971  9.410   1.00 10.03 ? 101 BDF   A C5  1 
HETATM 715 C C6  . BDF   B 2 .  ? -9.452  -3.154  10.249  1.00 10.17 ? 101 BDF   A C6  1 
HETATM 716 O O1  . BDF   B 2 .  ? -9.769  -7.035  8.719   1.00 24.88 ? 101 BDF   A O1  1 
HETATM 717 O O2  . BDF   B 2 .  ? -11.465 -5.050  9.645   1.00 14.19 ? 101 BDF   A O2  1 
HETATM 718 O O3  . BDF   B 2 .  ? -12.157 -3.940  7.151   1.00 11.76 ? 101 BDF   A O3  1 
HETATM 719 O O4  . BDF   B 2 .  ? -11.629 -1.265  7.849   1.00 9.38  ? 101 BDF   A O4  1 
HETATM 720 O O5  . BDF   B 2 .  ? -8.843  -1.700  8.474   1.00 11.24 ? 101 BDF   A O5  1 
HETATM 721 O O6  . BDF   B 2 .  ? -9.279  -4.314  9.420   1.00 12.67 ? 101 BDF   A O6  1 
HETATM 722 C C1  . BDF   C 2 .  ? 5.675   -10.007 -0.899  1.00 16.31 ? 102 BDF   A C1  1 
HETATM 723 C C2  . BDF   C 2 .  ? 4.268   -9.747  -0.386  1.00 8.83  ? 102 BDF   A C2  1 
HETATM 724 C C3  . BDF   C 2 .  ? 3.510   -8.813  -1.334  1.00 9.52  ? 102 BDF   A C3  1 
HETATM 725 C C4  . BDF   C 2 .  ? 2.173   -8.435  -0.710  1.00 6.40  ? 102 BDF   A C4  1 
HETATM 726 C C5  . BDF   C 2 .  ? 2.400   -7.806  0.655   1.00 8.30  ? 102 BDF   A C5  1 
HETATM 727 C C6  . BDF   C 2 .  ? 3.176   -8.775  1.520   1.00 9.61  ? 102 BDF   A C6  1 
HETATM 728 O O1  . BDF   C 2 .  ? 6.333   -11.029 -0.165  1.00 17.37 ? 102 BDF   A O1  1 
HETATM 729 O O2  . BDF   C 2 .  ? 3.516   -10.928 -0.271  1.00 10.94 ? 102 BDF   A O2  1 
HETATM 730 O O3  . BDF   C 2 .  ? 3.310   -9.446  -2.589  1.00 10.41 ? 102 BDF   A O3  1 
HETATM 731 O O4  . BDF   C 2 .  ? 1.496   -7.543  -1.585  1.00 9.10  ? 102 BDF   A O4  1 
HETATM 732 O O5  . BDF   C 2 .  ? 3.203   -6.634  0.500   1.00 10.10 ? 102 BDF   A O5  1 
HETATM 733 O O6  . BDF   C 2 .  ? 4.413   -9.122  0.884   1.00 11.25 ? 102 BDF   A O6  1 
HETATM 734 P P   . A1IXG D 3 .  ? 1.447   16.284  -9.234  1.00 39.87 ? 103 A1IXG A P   1 
HETATM 735 C C1  . A1IXG D 3 .  ? 1.118   19.297  -10.826 1.00 21.15 ? 103 A1IXG A C1  1 
HETATM 736 O O1  . A1IXG D 3 .  ? 1.478   17.858  -8.916  1.00 39.29 ? 103 A1IXG A O1  1 
HETATM 737 C C   . A1IXG D 3 .  ? 1.964   18.813  -9.830  1.00 31.44 ? 103 A1IXG A C   1 
HETATM 738 O O   . A1IXG D 3 .  ? 2.232   16.054  -10.467 1.00 40.07 ? 103 A1IXG A O   1 
HETATM 739 C C10 . A1IXG D 3 .  ? -0.543  16.255  -10.963 1.00 34.06 ? 103 A1IXG A C10 1 
HETATM 740 C C11 . A1IXG D 3 .  ? 1.620   20.274  -11.711 1.00 25.13 ? 103 A1IXG A C11 1 
HETATM 741 C C12 . A1IXG D 3 .  ? 0.709   20.831  -12.795 1.00 23.95 ? 103 A1IXG A C12 1 
HETATM 742 C C13 . A1IXG D 3 .  ? 0.812   20.219  -14.183 1.00 23.67 ? 103 A1IXG A C13 1 
HETATM 743 C C14 . A1IXG D 3 .  ? 1.829   20.650  -15.032 1.00 35.16 ? 103 A1IXG A C14 1 
HETATM 744 C C15 . A1IXG D 3 .  ? 2.009   20.153  -16.319 1.00 33.87 ? 103 A1IXG A C15 1 
HETATM 745 C C16 . A1IXG D 3 .  ? 3.132   20.648  -17.196 1.00 46.19 ? 103 A1IXG A C16 1 
HETATM 746 C C17 . A1IXG D 3 .  ? 1.128   19.174  -16.789 1.00 29.97 ? 103 A1IXG A C17 1 
HETATM 747 C C18 . A1IXG D 3 .  ? 1.294   18.608  -18.177 1.00 34.21 ? 103 A1IXG A C18 1 
HETATM 748 C C19 . A1IXG D 3 .  ? 0.106   18.738  -15.950 1.00 28.66 ? 103 A1IXG A C19 1 
HETATM 749 C C2  . A1IXG D 3 .  ? -0.314  18.790  -10.920 1.00 22.83 ? 103 A1IXG A C2  1 
HETATM 750 C C20 . A1IXG D 3 .  ? -0.079  19.233  -14.657 1.00 28.30 ? 103 A1IXG A C20 1 
HETATM 751 C C21 . A1IXG D 3 .  ? -1.198  18.774  -13.735 1.00 20.24 ? 103 A1IXG A C21 1 
HETATM 752 C C22 . A1IXG D 3 .  ? 2.938   20.698  -11.545 1.00 32.34 ? 103 A1IXG A C22 1 
HETATM 753 C C23 . A1IXG D 3 .  ? 3.777   20.206  -10.551 1.00 40.73 ? 103 A1IXG A C23 1 
HETATM 754 C C24 . A1IXG D 3 .  ? 5.198   20.695  -10.415 1.00 32.96 ? 103 A1IXG A C24 1 
HETATM 755 C C25 . A1IXG D 3 .  ? 3.278   19.239  -9.673  1.00 33.24 ? 103 A1IXG A C25 1 
HETATM 756 C C26 . A1IXG D 3 .  ? 4.155   18.674  -8.583  1.00 38.39 ? 103 A1IXG A C26 1 
HETATM 757 C C3  . A1IXG D 3 .  ? -0.638  17.481  -11.624 1.00 20.33 ? 103 A1IXG A C3  1 
HETATM 758 C C4  . A1IXG D 3 .  ? -1.071  17.472  -12.964 1.00 23.03 ? 103 A1IXG A C4  1 
HETATM 759 C C5  . A1IXG D 3 .  ? -1.380  16.253  -13.561 1.00 24.16 ? 103 A1IXG A C5  1 
HETATM 760 C C6  . A1IXG D 3 .  ? -1.274  15.038  -12.899 1.00 34.85 ? 103 A1IXG A C6  1 
HETATM 761 C C7  . A1IXG D 3 .  ? -1.608  13.742  -13.595 1.00 42.71 ? 103 A1IXG A C7  1 
HETATM 762 C C8  . A1IXG D 3 .  ? -0.846  15.038  -11.569 1.00 25.88 ? 103 A1IXG A C8  1 
HETATM 763 C C9  . A1IXG D 3 .  ? -0.711  13.737  -10.816 1.00 32.77 ? 103 A1IXG A C9  1 
HETATM 764 O O10 . A1IXG D 3 .  ? 3.457   21.691  -12.402 1.00 26.43 ? 103 A1IXG A O10 1 
HETATM 765 O O11 . A1IXG D 3 .  ? 1.712   15.526  -7.992  1.00 45.55 ? 103 A1IXG A O11 1 
HETATM 766 O O2  . A1IXG D 3 .  ? -1.820  16.230  -14.899 1.00 27.18 ? 103 A1IXG A O2  1 
HETATM 767 O O3  . A1IXG D 3 .  ? 0.541   15.880  -15.590 1.00 36.74 ? 103 A1IXG A O3  1 
HETATM 768 O O4  . A1IXG D 3 .  ? -1.372  15.464  -17.267 1.00 52.46 ? 103 A1IXG A O4  1 
HETATM 769 O O5  . A1IXG D 3 .  ? -0.112  16.226  -9.620  1.00 25.61 ? 103 A1IXG A O5  1 
HETATM 770 O O6  . A1IXG D 3 .  ? 2.705   21.665  -14.598 1.00 38.46 ? 103 A1IXG A O6  1 
HETATM 771 O O7  . A1IXG D 3 .  ? 5.004   22.524  -14.167 1.00 49.33 ? 103 A1IXG A O7  1 
HETATM 772 O O8  . A1IXG D 3 .  ? 4.528   19.990  -13.991 1.00 40.29 ? 103 A1IXG A O8  1 
HETATM 773 O O9  . A1IXG D 3 .  ? -0.800  17.789  -16.469 1.00 31.76 ? 103 A1IXG A O9  1 
HETATM 774 P P1  . A1IXG D 3 .  ? -0.791  16.219  -16.133 1.00 34.26 ? 103 A1IXG A P1  1 
HETATM 775 P P2  . A1IXG D 3 .  ? 4.098   21.400  -13.845 1.00 45.84 ? 103 A1IXG A P2  1 
HETATM 776 P P   . A1IXG E 3 .  ? 14.470  -14.300 3.406   0.33 32.45 ? 104 A1IXG A P   1 
HETATM 777 C C1  . A1IXG E 3 .  ? 16.037  -17.300 2.835   0.33 27.43 ? 104 A1IXG A C1  1 
HETATM 778 O O1  . A1IXG E 3 .  ? 14.249  -15.875 3.634   0.33 32.41 ? 104 A1IXG A O1  1 
HETATM 779 C C   . A1IXG E 3 .  ? 14.714  -16.868 2.746   0.33 29.55 ? 104 A1IXG A C   1 
HETATM 780 O O   . A1IXG E 3 .  ? 14.900  -14.096 2.010   0.33 33.32 ? 104 A1IXG A O   1 
HETATM 781 C C10 . A1IXG E 3 .  ? 17.090  -14.173 3.848   0.33 28.00 ? 104 A1IXG A C10 1 
HETATM 782 C C11 . A1IXG E 3 .  ? 16.467  -18.317 1.955   0.33 29.33 ? 104 A1IXG A C11 1 
HETATM 783 C C12 . A1IXG E 3 .  ? 17.899  -18.820 2.058   0.33 30.22 ? 104 A1IXG A C12 1 
HETATM 784 C C13 . A1IXG E 3 .  ? 18.976  -18.317 1.107   0.33 27.42 ? 104 A1IXG A C13 1 
HETATM 785 C C14 . A1IXG E 3 .  ? 19.116  -18.859 -0.171  0.33 29.55 ? 104 A1IXG A C14 1 
HETATM 786 C C15 . A1IXG E 3 .  ? 20.097  -18.444 -1.068  0.33 31.37 ? 104 A1IXG A C15 1 
HETATM 787 C C16 . A1IXG E 3 .  ? 20.203  -19.056 -2.444  0.33 33.28 ? 104 A1IXG A C16 1 
HETATM 788 C C17 . A1IXG E 3 .  ? 20.988  -17.441 -0.672  0.33 30.94 ? 104 A1IXG A C17 1 
HETATM 789 C C18 . A1IXG E 3 .  ? 22.063  -16.962 -1.617  0.33 32.17 ? 104 A1IXG A C18 1 
HETATM 790 C C19 . A1IXG E 3 .  ? 20.857  -16.901 0.602   0.33 27.99 ? 104 A1IXG A C19 1 
HETATM 791 C C2  . A1IXG E 3 .  ? 16.972  -16.705 3.878   0.33 30.18 ? 104 A1IXG A C2  1 
HETATM 792 C C20 . A1IXG E 3 .  ? 19.875  -17.309 1.503   0.33 29.37 ? 104 A1IXG A C20 1 
HETATM 793 C C21 . A1IXG E 3 .  ? 19.765  -16.709 2.896   0.33 30.19 ? 104 A1IXG A C21 1 
HETATM 794 C C22 . A1IXG E 3 .  ? 15.547  -18.837 1.044   0.33 27.99 ? 104 A1IXG A C22 1 
HETATM 795 C C23 . A1IXG E 3 .  ? 14.230  -18.396 0.961   0.33 30.94 ? 104 A1IXG A C23 1 
HETATM 796 C C24 . A1IXG E 3 .  ? 13.273  -18.982 -0.048  0.33 32.15 ? 104 A1IXG A C24 1 
HETATM 797 C C25 . A1IXG E 3 .  ? 13.804  -17.389 1.833   0.33 31.38 ? 104 A1IXG A C25 1 
HETATM 798 C C26 . A1IXG E 3 .  ? 12.385  -16.879 1.771   0.33 33.29 ? 104 A1IXG A C26 1 
HETATM 799 C C3  . A1IXG E 3 .  ? 17.708  -15.401 3.611   0.33 29.36 ? 104 A1IXG A C3  1 
HETATM 800 C C4  . A1IXG E 3 .  ? 19.038  -15.398 3.149   0.33 27.43 ? 104 A1IXG A C4  1 
HETATM 801 C C5  . A1IXG E 3 .  ? 19.668  -14.170 2.948   0.33 29.56 ? 104 A1IXG A C5  1 
HETATM 802 C C6  . A1IXG E 3 .  ? 19.044  -12.950 3.180   0.33 31.36 ? 104 A1IXG A C6  1 
HETATM 803 C C7  . A1IXG E 3 .  ? 19.766  -11.647 2.939   0.33 33.26 ? 104 A1IXG A C7  1 
HETATM 804 C C8  . A1IXG E 3 .  ? 17.724  -12.950 3.643   0.33 30.93 ? 104 A1IXG A C8  1 
HETATM 805 C C9  . A1IXG E 3 .  ? 17.010  -11.647 3.903   0.33 32.18 ? 104 A1IXG A C9  1 
HETATM 806 O O10 . A1IXG E 3 .  ? 15.944  -19.874 0.174   0.33 33.66 ? 104 A1IXG A O10 1 
HETATM 807 O O11 . A1IXG E 3 .  ? 13.335  -13.541 3.982   0.33 40.18 ? 104 A1IXG A O11 1 
HETATM 808 O O2  . A1IXG E 3 .  ? 21.009  -14.144 2.509   0.33 32.40 ? 104 A1IXG A O2  1 
HETATM 809 O O3  . A1IXG E 3 .  ? 20.257  -14.147 0.136   0.33 33.30 ? 104 A1IXG A O3  1 
HETATM 810 O O4  . A1IXG E 3 .  ? 22.695  -13.566 0.721   0.33 40.17 ? 104 A1IXG A O4  1 
HETATM 811 O O5  . A1IXG E 3 .  ? 15.768  -14.146 4.340   0.33 33.66 ? 104 A1IXG A O5  1 
HETATM 812 O O6  . A1IXG E 3 .  ? 18.250  -19.891 -0.584  0.33 32.40 ? 104 A1IXG A O6  1 
HETATM 813 O O7  . A1IXG E 3 .  ? 16.473  -20.763 -2.085  0.33 40.15 ? 104 A1IXG A O7  1 
HETATM 814 O O8  . A1IXG E 3 .  ? 16.628  -18.235 -1.622  0.33 33.32 ? 104 A1IXG A O8  1 
HETATM 815 O O9  . A1IXG E 3 .  ? 21.782  -15.906 0.987   0.33 33.67 ? 104 A1IXG A O9  1 
HETATM 816 P P1  . A1IXG E 3 .  ? 21.454  -14.335 0.978   0.33 32.39 ? 104 A1IXG A P1  1 
HETATM 817 P P2  . A1IXG E 3 .  ? 16.778  -19.638 -1.176  0.33 32.39 ? 104 A1IXG A P2  1 
HETATM 818 O O   . HOH   F 4 .  ? -16.731 14.996  -1.230  1.00 27.86 ? 201 HOH   A O   1 
HETATM 819 O O   . HOH   F 4 .  ? -8.108  -7.742  10.416  1.00 31.58 ? 202 HOH   A O   1 
HETATM 820 O O   . HOH   F 4 .  ? -5.522  8.105   -0.693  1.00 13.39 ? 203 HOH   A O   1 
HETATM 821 O O   . HOH   F 4 .  ? 2.368   -4.361  -7.711  1.00 10.67 ? 204 HOH   A O   1 
HETATM 822 O O   . HOH   F 4 .  ? -14.811 3.986   0.948   1.00 19.46 ? 205 HOH   A O   1 
HETATM 823 O O   . HOH   F 4 .  ? -10.921 9.447   2.652   1.00 13.13 ? 206 HOH   A O   1 
HETATM 824 O O   . HOH   F 4 .  ? -8.847  -6.296  -5.641  1.00 12.91 ? 207 HOH   A O   1 
HETATM 825 O O   . HOH   F 4 .  ? 7.946   -10.101 -7.882  0.50 15.63 ? 208 HOH   A O   1 
HETATM 826 O O   . HOH   F 4 .  ? 2.334   2.394   -10.323 1.00 15.24 ? 209 HOH   A O   1 
HETATM 827 O O   . HOH   F 4 .  ? -1.175  10.509  -0.074  1.00 20.06 ? 210 HOH   A O   1 
HETATM 828 O O   . HOH   F 4 .  ? 17.957  -4.379  4.118   1.00 29.46 ? 211 HOH   A O   1 
HETATM 829 O O   . HOH   F 4 .  ? 12.287  -1.890  13.775  1.00 29.23 ? 212 HOH   A O   1 
HETATM 830 O O   . HOH   F 4 .  ? -4.783  -11.056 3.804   1.00 13.34 ? 213 HOH   A O   1 
HETATM 831 O O   . HOH   F 4 .  ? 7.255   -10.999 2.358   1.00 24.47 ? 214 HOH   A O   1 
HETATM 832 O O   . HOH   F 4 .  ? 3.825   3.281   7.937   1.00 20.09 ? 215 HOH   A O   1 
HETATM 833 O O   . HOH   F 4 .  ? -7.502  -11.028 -2.753  1.00 24.55 ? 216 HOH   A O   1 
HETATM 834 O O   . HOH   F 4 .  ? 5.031   -1.119  10.502  1.00 11.82 ? 217 HOH   A O   1 
HETATM 835 O O   . HOH   F 4 .  ? 14.391  -8.391  -0.818  1.00 12.54 ? 218 HOH   A O   1 
HETATM 836 O O   . HOH   F 4 .  ? 0.424   13.947  -2.275  0.33 14.19 ? 219 HOH   A O   1 
HETATM 837 O O   . HOH   F 4 .  ? -0.975  9.980   -9.341  1.00 29.99 ? 220 HOH   A O   1 
HETATM 838 O O   . HOH   F 4 .  ? 0.674   -11.297 7.790   1.00 22.12 ? 221 HOH   A O   1 
HETATM 839 O O   . HOH   F 4 .  ? -16.980 2.776   7.141   1.00 11.12 ? 222 HOH   A O   1 
HETATM 840 O O   . HOH   F 4 .  ? 6.338   1.448   -5.871  1.00 9.94  ? 223 HOH   A O   1 
HETATM 841 O O   . HOH   F 4 .  ? 2.035   4.413   9.565   1.00 24.34 ? 224 HOH   A O   1 
HETATM 842 O O   . HOH   F 4 .  ? 11.595  -8.569  7.175   1.00 30.43 ? 225 HOH   A O   1 
HETATM 843 O O   . HOH   F 4 .  ? 1.496   0.957   13.403  1.00 15.17 ? 226 HOH   A O   1 
HETATM 844 O O   . HOH   F 4 .  ? -9.020  4.768   -6.069  1.00 18.53 ? 227 HOH   A O   1 
HETATM 845 O O   . HOH   F 4 .  ? -11.369 4.678   -4.589  1.00 14.24 ? 228 HOH   A O   1 
HETATM 846 O O   . HOH   F 4 .  ? -12.468 10.116  0.422   1.00 17.10 ? 229 HOH   A O   1 
HETATM 847 O O   . HOH   F 4 .  ? -9.422  -7.945  -3.486  1.00 14.12 ? 230 HOH   A O   1 
HETATM 848 O O   . HOH   F 4 .  ? -8.790  1.236   -5.334  1.00 15.64 ? 231 HOH   A O   1 
HETATM 849 O O   . HOH   F 4 .  ? -4.343  -5.276  -4.646  1.00 17.10 ? 232 HOH   A O   1 
HETATM 850 O O   . HOH   F 4 .  ? -6.430  -5.907  -9.156  1.00 20.38 ? 233 HOH   A O   1 
HETATM 851 O O   . HOH   F 4 .  ? 7.409   -11.105 -6.667  0.50 8.84  ? 234 HOH   A O   1 
HETATM 852 O O   . HOH   F 4 .  ? -9.504  -1.504  -11.888 0.40 14.45 ? 235 HOH   A O   1 
HETATM 853 O O   . HOH   F 4 .  ? -10.553 -3.045  -7.276  1.00 19.18 ? 236 HOH   A O   1 
HETATM 854 O O   . HOH   F 4 .  ? -7.023  -9.339  4.114   1.00 28.68 ? 237 HOH   A O   1 
HETATM 855 O O   . HOH   F 4 .  ? 1.832   -11.820 -2.346  1.00 14.69 ? 238 HOH   A O   1 
HETATM 856 O O   . HOH   F 4 .  ? -12.964 0.733   1.710   1.00 10.31 ? 239 HOH   A O   1 
HETATM 857 O O   . HOH   F 4 .  ? -0.154  -12.945 14.745  1.00 26.29 ? 240 HOH   A O   1 
HETATM 858 O O   . HOH   F 4 .  ? 0.795   2.354   -12.500 1.00 31.53 ? 241 HOH   A O   1 
HETATM 859 O O   . HOH   F 4 .  ? 8.071   -12.553 -1.820  1.00 27.93 ? 242 HOH   A O   1 
HETATM 860 O O   . HOH   F 4 .  ? -14.997 10.480  -7.061  1.00 26.16 ? 243 HOH   A O   1 
HETATM 861 O O   . HOH   F 4 .  ? 5.797   0.697   -8.409  1.00 19.54 ? 244 HOH   A O   1 
HETATM 862 O O   . HOH   F 4 .  ? -14.232 -4.474  9.255   1.00 16.97 ? 245 HOH   A O   1 
HETATM 863 O O   . HOH   F 4 .  ? 5.554   -13.670 -0.949  1.00 19.53 ? 246 HOH   A O   1 
HETATM 864 O O   . HOH   F 4 .  ? 14.734  -8.781  -6.593  1.00 25.14 ? 247 HOH   A O   1 
HETATM 865 O O   . HOH   F 4 .  ? -16.028 6.624   1.327   1.00 20.01 ? 248 HOH   A O   1 
HETATM 866 O O   . HOH   F 4 .  ? 12.226  -6.778  9.115   1.00 21.44 ? 249 HOH   A O   1 
HETATM 867 O O   . HOH   F 4 .  ? -10.994 -8.403  5.089   1.00 24.15 ? 250 HOH   A O   1 
HETATM 868 O O   . HOH   F 4 .  ? 2.213   -7.961  -9.404  1.00 12.37 ? 251 HOH   A O   1 
HETATM 869 O O   . HOH   F 4 .  ? -13.426 -7.801  1.504   1.00 13.97 ? 252 HOH   A O   1 
HETATM 870 O O   . HOH   F 4 .  ? -3.833  -7.795  -5.227  1.00 18.63 ? 253 HOH   A O   1 
HETATM 871 O O   . HOH   F 4 .  ? 8.330   -2.882  13.115  1.00 14.87 ? 254 HOH   A O   1 
HETATM 872 O O   . HOH   F 4 .  ? 3.217   9.416   1.445   0.50 20.65 ? 255 HOH   A O   1 
HETATM 873 O O   . HOH   F 4 .  ? 20.260  -7.670  3.977   1.00 27.91 ? 256 HOH   A O   1 
HETATM 874 O O   . HOH   F 4 .  ? 12.611  -6.444  -9.506  1.00 26.45 ? 257 HOH   A O   1 
HETATM 875 O O   . HOH   F 4 .  ? -14.509 8.324   -0.159  1.00 17.11 ? 258 HOH   A O   1 
HETATM 876 O O   . HOH   F 4 .  ? 6.939   -9.954  6.978   1.00 29.68 ? 259 HOH   A O   1 
HETATM 877 O O   . HOH   F 4 .  ? 1.782   12.674  -14.022 1.00 33.70 ? 260 HOH   A O   1 
HETATM 878 O O   . HOH   F 4 .  ? -10.667 -6.698  11.933  1.00 35.97 ? 261 HOH   A O   1 
HETATM 879 O O   . HOH   F 4 .  ? -12.656 -6.497  5.252   1.00 24.79 ? 262 HOH   A O   1 
HETATM 880 O O   . HOH   F 4 .  ? 2.737   -11.339 4.934   1.00 26.62 ? 263 HOH   A O   1 
HETATM 881 O O   . HOH   F 4 .  ? 4.173   6.922   3.690   1.00 10.09 ? 264 HOH   A O   1 
HETATM 882 O O   . HOH   F 4 .  ? 9.562   -8.954  -9.129  1.00 18.05 ? 265 HOH   A O   1 
HETATM 883 O O   . HOH   F 4 .  ? -1.884  -11.792 13.111  1.00 19.71 ? 266 HOH   A O   1 
HETATM 884 O O   . HOH   F 4 .  ? 7.886   -5.663  -12.393 1.00 37.00 ? 267 HOH   A O   1 
HETATM 885 O O   . HOH   F 4 .  ? 1.190   8.987   1.556   0.50 16.21 ? 268 HOH   A O   1 
HETATM 886 O O   . HOH   F 4 .  ? 4.462   -11.063 8.286   1.00 28.55 ? 269 HOH   A O   1 
HETATM 887 O O   . HOH   F 4 .  ? -2.220  12.183  -5.256  1.00 17.25 ? 270 HOH   A O   1 
HETATM 888 O O   . HOH   F 4 .  ? 14.116  -4.565  -10.656 1.00 25.85 ? 271 HOH   A O   1 
HETATM 889 O O   . HOH   F 4 .  ? -14.463 -1.720  -4.391  1.00 23.38 ? 272 HOH   A O   1 
HETATM 890 O O   . HOH   F 4 .  ? 3.786   -2.589  14.816  1.00 17.02 ? 273 HOH   A O   1 
HETATM 891 O O   . HOH   F 4 .  ? -4.693  -6.809  13.820  1.00 21.02 ? 274 HOH   A O   1 
HETATM 892 O O   . HOH   F 4 .  ? -11.844 -7.414  -2.155  1.00 13.37 ? 275 HOH   A O   1 
HETATM 893 O O   . HOH   F 4 .  ? -11.530 1.362   -5.867  1.00 25.38 ? 276 HOH   A O   1 
HETATM 894 O O   . HOH   F 4 .  ? -19.754 8.648   6.915   1.00 28.28 ? 277 HOH   A O   1 
HETATM 895 O O   . HOH   F 4 .  ? 1.706   -5.111  -10.318 1.00 18.49 ? 278 HOH   A O   1 
HETATM 896 O O   . HOH   F 4 .  ? -2.363  9.261   -11.397 1.00 25.42 ? 279 HOH   A O   1 
HETATM 897 O O   . HOH   F 4 .  ? 1.515   7.208   3.518   1.00 8.98  ? 280 HOH   A O   1 
HETATM 898 O O   . HOH   F 4 .  ? -12.743 -7.974  9.140   1.00 17.51 ? 281 HOH   A O   1 
HETATM 899 O O   . HOH   F 4 .  ? 1.097   9.890   -12.785 1.00 27.10 ? 282 HOH   A O   1 
HETATM 900 O O   . HOH   F 4 .  ? -5.596  -16.869 0.470   1.00 30.10 ? 283 HOH   A O   1 
HETATM 901 O O   . HOH   F 4 .  ? 6.346   2.351   8.913   1.00 21.84 ? 284 HOH   A O   1 
HETATM 902 O O   . HOH   F 4 .  ? 4.248   -13.131 1.931   1.00 32.01 ? 285 HOH   A O   1 
HETATM 903 O O   . HOH   F 4 .  ? 10.328  -1.086  12.641  1.00 24.41 ? 286 HOH   A O   1 
HETATM 904 O O   . HOH   F 4 .  ? -7.788  7.593   -12.480 1.00 33.66 ? 287 HOH   A O   1 
HETATM 905 O O   . HOH   F 4 .  ? 19.666  -11.606 -3.920  1.00 25.79 ? 288 HOH   A O   1 
HETATM 906 O O   . HOH   F 4 .  ? 4.619   1.478   11.307  1.00 27.85 ? 289 HOH   A O   1 
HETATM 907 O O   . HOH   F 4 .  ? 1.159   12.426  -0.136  0.33 13.36 ? 290 HOH   A O   1 
HETATM 908 O O   . HOH   F 4 .  ? -13.192 12.608  0.751   1.00 22.30 ? 291 HOH   A O   1 
HETATM 909 O O   . HOH   F 4 .  ? -13.347 13.661  3.189   1.00 19.96 ? 292 HOH   A O   1 
HETATM 910 O O   . HOH   F 4 .  ? 15.624  -12.086 -4.608  0.33 38.15 ? 293 HOH   A O   1 
HETATM 911 O O   . HOH   F 4 .  ? -14.036 9.326   -9.404  1.00 36.06 ? 294 HOH   A O   1 
HETATM 912 O O   . HOH   F 4 .  ? -9.683  -3.218  -10.886 0.60 23.76 ? 295 HOH   A O   1 
HETATM 913 O O   . HOH   F 4 .  ? 5.184   -10.103 4.412   1.00 23.66 ? 296 HOH   A O   1 
HETATM 914 O O   . HOH   F 4 .  ? -19.311 14.812  8.390   1.00 29.75 ? 297 HOH   A O   1 
HETATM 915 O O   . HOH   F 4 .  ? -7.262  -3.937  -14.695 1.00 37.48 ? 298 HOH   A O   1 
HETATM 916 O O   . HOH   F 4 .  ? -9.736  -12.131 -1.620  0.33 25.41 ? 299 HOH   A O   1 
HETATM 917 O O   . HOH   F 4 .  ? -7.757  -7.942  -7.532  0.60 12.57 ? 300 HOH   A O   1 
HETATM 918 O O   . HOH   F 4 .  ? 5.832   -2.044  12.994  1.00 19.80 ? 301 HOH   A O   1 
HETATM 919 O O   . HOH   F 4 .  ? 4.985   -3.685  16.910  1.00 27.38 ? 302 HOH   A O   1 
HETATM 920 O O   . HOH   F 4 .  ? 3.124   -3.978  -12.452 1.00 33.77 ? 303 HOH   A O   1 
HETATM 921 O O   . HOH   F 4 .  ? -11.446 -5.698  -6.331  1.00 16.33 ? 304 HOH   A O   1 
HETATM 922 O O   . HOH   F 4 .  ? 9.044   -4.017  15.615  1.00 32.72 ? 305 HOH   A O   1 
HETATM 923 O O   . HOH   F 4 .  ? -8.252  -5.759  -13.469 1.00 34.54 ? 306 HOH   A O   1 
HETATM 924 O O   . HOH   F 4 .  ? -10.700 -10.148 -4.412  0.33 19.53 ? 307 HOH   A O   1 
HETATM 925 O O   . HOH   F 4 .  ? -12.548 -1.277  -6.384  1.00 18.82 ? 308 HOH   A O   1 
HETATM 926 O O   . HOH   F 4 .  ? -12.180 -7.114  -8.709  0.33 18.22 ? 309 HOH   A O   1 
# 
